data_2D9N
#
_entry.id   2D9N
#
loop_
_entity.id
_entity.type
_entity.pdbx_description
1 polymer 'Cleavage and polyadenylation specificity factor, 30 kDa subunit'
2 non-polymer 'ZINC ION'
#
_entity_poly.entity_id   1
_entity_poly.type   'polypeptide(L)'
_entity_poly.pdbx_seq_one_letter_code
;GSSGSSGEKTVVCKHWLRGLCKKGDQCEFLHEYDMTKMPECYFYSKFGECSNKECPFLHIDPESKIKDCPWSGPSSG
;
_entity_poly.pdbx_strand_id   A
#
# COMPACT_ATOMS: atom_id res chain seq x y z
N GLY A 1 -10.45 -5.37 21.59
CA GLY A 1 -10.80 -4.05 21.10
C GLY A 1 -9.91 -3.60 19.97
N SER A 2 -8.62 -3.45 20.25
CA SER A 2 -7.67 -3.01 19.23
C SER A 2 -6.98 -4.21 18.58
N SER A 3 -7.08 -4.28 17.26
CA SER A 3 -6.47 -5.38 16.50
C SER A 3 -5.40 -4.86 15.54
N GLY A 4 -4.82 -3.72 15.88
CA GLY A 4 -3.79 -3.13 15.05
C GLY A 4 -2.47 -3.87 15.13
N SER A 5 -1.37 -3.16 14.90
CA SER A 5 -0.04 -3.76 14.94
C SER A 5 1.04 -2.68 14.86
N SER A 6 2.12 -2.90 15.60
CA SER A 6 3.22 -1.94 15.62
C SER A 6 3.53 -1.44 14.21
N GLY A 7 3.52 -2.35 13.24
CA GLY A 7 3.80 -1.98 11.87
C GLY A 7 4.84 -2.87 11.23
N GLU A 8 4.40 -4.01 10.72
CA GLU A 8 5.31 -4.96 10.07
C GLU A 8 5.94 -4.34 8.83
N LYS A 9 6.79 -5.11 8.16
CA LYS A 9 7.46 -4.65 6.95
C LYS A 9 6.52 -4.68 5.75
N THR A 10 5.24 -4.95 6.02
CA THR A 10 4.23 -5.01 4.97
C THR A 10 4.50 -3.96 3.89
N VAL A 11 4.96 -2.79 4.32
CA VAL A 11 5.25 -1.70 3.40
C VAL A 11 6.72 -1.72 2.97
N VAL A 12 6.96 -1.42 1.70
CA VAL A 12 8.32 -1.40 1.16
C VAL A 12 9.00 -0.06 1.44
N CYS A 13 10.20 -0.13 2.01
CA CYS A 13 10.96 1.08 2.32
C CYS A 13 10.95 2.05 1.14
N LYS A 14 10.77 3.33 1.44
CA LYS A 14 10.74 4.36 0.41
C LYS A 14 12.14 4.90 0.15
N HIS A 15 13.05 4.66 1.09
CA HIS A 15 14.43 5.13 0.95
C HIS A 15 15.24 4.18 0.07
N TRP A 16 15.14 2.89 0.36
CA TRP A 16 15.86 1.88 -0.40
C TRP A 16 15.51 1.97 -1.88
N LEU A 17 14.24 2.24 -2.17
CA LEU A 17 13.78 2.35 -3.55
C LEU A 17 14.70 3.24 -4.36
N ARG A 18 14.96 4.45 -3.84
CA ARG A 18 15.83 5.39 -4.52
C ARG A 18 17.28 5.22 -4.10
N GLY A 19 17.58 4.08 -3.49
CA GLY A 19 18.93 3.79 -3.04
C GLY A 19 19.42 4.80 -2.01
N LEU A 20 18.59 5.06 -1.01
CA LEU A 20 18.94 6.01 0.04
C LEU A 20 18.87 5.36 1.41
N CYS A 21 19.09 4.04 1.45
CA CYS A 21 19.06 3.30 2.71
C CYS A 21 20.29 2.41 2.84
N LYS A 22 20.85 2.38 4.05
CA LYS A 22 22.04 1.57 4.32
C LYS A 22 21.76 0.56 5.42
N LYS A 23 20.50 0.14 5.53
CA LYS A 23 20.11 -0.84 6.54
C LYS A 23 19.99 -2.24 5.94
N GLY A 24 19.36 -2.32 4.78
CA GLY A 24 19.19 -3.61 4.12
C GLY A 24 18.21 -4.51 4.84
N ASP A 25 18.74 -5.58 5.42
CA ASP A 25 17.90 -6.53 6.15
C ASP A 25 17.61 -6.03 7.57
N GLN A 26 18.22 -4.91 7.93
CA GLN A 26 18.03 -4.32 9.25
C GLN A 26 16.88 -3.32 9.23
N CYS A 27 16.59 -2.78 8.05
CA CYS A 27 15.52 -1.80 7.91
C CYS A 27 14.24 -2.29 8.58
N GLU A 28 13.29 -1.38 8.76
CA GLU A 28 12.02 -1.72 9.39
C GLU A 28 10.94 -1.94 8.34
N PHE A 29 11.32 -1.85 7.07
CA PHE A 29 10.38 -2.03 5.97
C PHE A 29 10.93 -3.03 4.95
N LEU A 30 10.06 -3.47 4.04
CA LEU A 30 10.45 -4.43 3.01
C LEU A 30 11.31 -3.75 1.94
N HIS A 31 12.36 -4.44 1.51
CA HIS A 31 13.26 -3.92 0.49
C HIS A 31 13.04 -4.63 -0.84
N GLU A 32 11.85 -5.18 -1.03
CA GLU A 32 11.52 -5.90 -2.26
C GLU A 32 10.30 -5.29 -2.93
N TYR A 33 10.38 -5.10 -4.24
CA TYR A 33 9.28 -4.52 -5.00
C TYR A 33 8.16 -5.54 -5.20
N ASP A 34 7.09 -5.38 -4.43
CA ASP A 34 5.94 -6.28 -4.51
C ASP A 34 4.66 -5.50 -4.77
N MET A 35 3.88 -5.96 -5.76
CA MET A 35 2.63 -5.30 -6.11
C MET A 35 1.60 -5.50 -5.01
N THR A 36 1.90 -6.39 -4.06
CA THR A 36 0.99 -6.67 -2.96
C THR A 36 1.47 -6.02 -1.67
N LYS A 37 2.73 -6.22 -1.34
CA LYS A 37 3.31 -5.64 -0.14
C LYS A 37 3.35 -4.11 -0.22
N MET A 38 3.71 -3.60 -1.39
CA MET A 38 3.78 -2.17 -1.61
C MET A 38 2.40 -1.52 -1.44
N PRO A 39 2.38 -0.26 -1.01
CA PRO A 39 1.15 0.50 -0.79
C PRO A 39 0.45 0.83 -2.11
N GLU A 40 -0.76 1.40 -2.00
CA GLU A 40 -1.53 1.77 -3.18
C GLU A 40 -1.21 3.19 -3.62
N CYS A 41 -1.80 3.62 -4.73
CA CYS A 41 -1.58 4.96 -5.25
C CYS A 41 -2.21 6.02 -4.34
N TYR A 42 -1.36 6.76 -3.64
CA TYR A 42 -1.84 7.80 -2.73
C TYR A 42 -2.88 8.67 -3.41
N PHE A 43 -2.73 8.87 -4.71
CA PHE A 43 -3.66 9.68 -5.48
C PHE A 43 -5.00 8.97 -5.64
N TYR A 44 -4.97 7.79 -6.27
CA TYR A 44 -6.18 7.01 -6.48
C TYR A 44 -6.77 6.53 -5.16
N SER A 45 -5.97 6.61 -4.11
CA SER A 45 -6.41 6.17 -2.79
C SER A 45 -7.01 7.34 -2.01
N LYS A 46 -6.58 8.55 -2.33
CA LYS A 46 -7.08 9.75 -1.67
C LYS A 46 -8.07 10.49 -2.56
N PHE A 47 -7.59 10.97 -3.70
CA PHE A 47 -8.44 11.69 -4.65
C PHE A 47 -9.27 10.73 -5.48
N GLY A 48 -8.73 9.54 -5.73
CA GLY A 48 -9.43 8.55 -6.52
C GLY A 48 -9.42 8.87 -8.00
N GLU A 49 -8.37 9.54 -8.46
CA GLU A 49 -8.25 9.91 -9.86
C GLU A 49 -6.79 9.93 -10.29
N CYS A 50 -6.42 9.01 -11.18
CA CYS A 50 -5.05 8.92 -11.68
C CYS A 50 -5.03 8.62 -13.17
N SER A 51 -4.53 9.57 -13.95
CA SER A 51 -4.46 9.41 -15.40
C SER A 51 -3.14 8.76 -15.81
N ASN A 52 -2.76 7.71 -15.09
CA ASN A 52 -1.52 7.00 -15.37
C ASN A 52 -1.81 5.61 -15.95
N LYS A 53 -1.23 5.33 -17.12
CA LYS A 53 -1.43 4.04 -17.77
C LYS A 53 -0.42 3.02 -17.27
N GLU A 54 0.73 3.51 -16.81
CA GLU A 54 1.78 2.63 -16.30
C GLU A 54 2.14 3.01 -14.86
N CYS A 55 1.13 3.26 -14.04
CA CYS A 55 1.35 3.62 -12.65
C CYS A 55 1.82 2.43 -11.84
N PRO A 56 3.02 2.56 -11.24
CA PRO A 56 3.62 1.49 -10.43
C PRO A 56 2.88 1.28 -9.11
N PHE A 57 1.79 2.02 -8.93
CA PHE A 57 0.99 1.92 -7.71
C PHE A 57 -0.31 1.18 -7.98
N LEU A 58 -0.99 0.77 -6.91
CA LEU A 58 -2.25 0.04 -7.02
C LEU A 58 -3.42 1.00 -7.23
N HIS A 59 -4.31 0.65 -8.15
CA HIS A 59 -5.47 1.48 -8.44
C HIS A 59 -6.76 0.77 -8.02
N ILE A 60 -7.28 1.15 -6.86
CA ILE A 60 -8.51 0.55 -6.35
C ILE A 60 -9.66 1.55 -6.39
N ASP A 61 -10.80 1.11 -6.90
CA ASP A 61 -11.99 1.96 -6.99
C ASP A 61 -12.58 2.22 -5.62
N PRO A 62 -13.05 3.45 -5.39
CA PRO A 62 -13.65 3.86 -4.12
C PRO A 62 -15.00 3.19 -3.88
N GLU A 63 -15.40 2.32 -4.80
CA GLU A 63 -16.68 1.63 -4.70
C GLU A 63 -16.48 0.20 -4.19
N SER A 64 -15.22 -0.18 -4.03
CA SER A 64 -14.90 -1.53 -3.55
C SER A 64 -14.25 -1.47 -2.17
N LYS A 65 -14.40 -0.34 -1.50
CA LYS A 65 -13.83 -0.15 -0.17
C LYS A 65 -14.91 0.22 0.84
N ILE A 66 -16.12 -0.29 0.61
CA ILE A 66 -17.24 -0.01 1.51
C ILE A 66 -17.68 -1.28 2.24
N LYS A 67 -17.92 -1.15 3.54
CA LYS A 67 -18.36 -2.28 4.36
C LYS A 67 -19.75 -2.76 3.94
N ASP A 68 -20.74 -1.90 4.18
CA ASP A 68 -22.12 -2.24 3.83
C ASP A 68 -22.18 -3.06 2.54
N CYS A 69 -21.67 -2.48 1.46
CA CYS A 69 -21.66 -3.16 0.16
C CYS A 69 -21.25 -4.62 0.32
N PRO A 70 -21.64 -5.45 -0.66
CA PRO A 70 -21.32 -6.88 -0.65
C PRO A 70 -19.83 -7.15 -0.88
N TRP A 71 -19.07 -6.08 -1.04
CA TRP A 71 -17.63 -6.21 -1.27
C TRP A 71 -16.86 -6.07 0.05
N SER A 72 -16.90 -7.12 0.86
CA SER A 72 -16.21 -7.12 2.14
C SER A 72 -15.00 -8.04 2.11
N GLY A 73 -14.36 -8.20 3.27
CA GLY A 73 -13.19 -9.06 3.36
C GLY A 73 -13.28 -10.26 2.43
N PRO A 74 -13.80 -11.38 2.95
CA PRO A 74 -13.96 -12.62 2.17
C PRO A 74 -15.03 -12.50 1.10
N SER A 75 -16.21 -12.05 1.50
CA SER A 75 -17.33 -11.90 0.57
C SER A 75 -16.83 -11.45 -0.80
N SER A 76 -15.86 -10.52 -0.80
CA SER A 76 -15.31 -10.01 -2.05
C SER A 76 -14.31 -10.99 -2.64
N GLY A 77 -14.21 -10.99 -3.96
CA GLY A 77 -13.29 -11.89 -4.64
C GLY A 77 -11.85 -11.40 -4.56
N GLY A 1 -9.06 -9.33 14.64
CA GLY A 1 -7.87 -8.93 15.36
C GLY A 1 -6.59 -9.24 14.58
N SER A 2 -5.48 -9.41 15.31
CA SER A 2 -4.21 -9.70 14.69
C SER A 2 -3.37 -10.62 15.57
N SER A 3 -2.51 -11.41 14.94
CA SER A 3 -1.66 -12.35 15.67
C SER A 3 -0.38 -11.66 16.13
N GLY A 4 0.09 -10.70 15.34
CA GLY A 4 1.31 -9.99 15.68
C GLY A 4 1.04 -8.55 16.04
N SER A 5 2.05 -7.68 15.86
CA SER A 5 1.92 -6.27 16.17
C SER A 5 1.34 -5.50 14.98
N SER A 6 0.74 -4.35 15.27
CA SER A 6 0.14 -3.52 14.22
C SER A 6 1.19 -2.62 13.59
N GLY A 7 1.98 -3.19 12.67
CA GLY A 7 3.01 -2.42 11.99
C GLY A 7 4.16 -3.28 11.53
N GLU A 8 3.96 -3.96 10.39
CA GLU A 8 4.99 -4.83 9.84
C GLU A 8 5.64 -4.20 8.60
N LYS A 9 6.54 -4.94 7.97
CA LYS A 9 7.22 -4.45 6.78
C LYS A 9 6.29 -4.47 5.57
N THR A 10 5.01 -4.75 5.81
CA THR A 10 4.02 -4.79 4.74
C THR A 10 4.30 -3.73 3.68
N VAL A 11 4.85 -2.60 4.12
CA VAL A 11 5.18 -1.51 3.21
C VAL A 11 6.64 -1.56 2.78
N VAL A 12 6.88 -1.25 1.52
CA VAL A 12 8.25 -1.25 0.99
C VAL A 12 8.97 0.06 1.29
N CYS A 13 10.14 -0.05 1.90
CA CYS A 13 10.93 1.13 2.25
C CYS A 13 10.92 2.15 1.11
N LYS A 14 10.82 3.42 1.47
CA LYS A 14 10.80 4.50 0.48
C LYS A 14 12.21 4.98 0.18
N HIS A 15 13.14 4.73 1.10
CA HIS A 15 14.52 5.14 0.92
C HIS A 15 15.25 4.17 0.00
N TRP A 16 15.21 2.88 0.34
CA TRP A 16 15.87 1.86 -0.46
C TRP A 16 15.48 1.98 -1.93
N LEU A 17 14.22 2.31 -2.18
CA LEU A 17 13.72 2.47 -3.54
C LEU A 17 14.68 3.29 -4.39
N ARG A 18 15.05 4.46 -3.88
CA ARG A 18 15.97 5.35 -4.59
C ARG A 18 17.40 5.15 -4.10
N GLY A 19 17.64 4.03 -3.41
CA GLY A 19 18.97 3.75 -2.90
C GLY A 19 19.41 4.75 -1.86
N LEU A 20 18.58 4.97 -0.85
CA LEU A 20 18.88 5.91 0.22
C LEU A 20 18.81 5.22 1.58
N CYS A 21 19.07 3.92 1.60
CA CYS A 21 19.03 3.15 2.84
C CYS A 21 20.27 2.27 2.97
N LYS A 22 20.70 2.04 4.20
CA LYS A 22 21.87 1.20 4.46
C LYS A 22 21.60 0.21 5.59
N LYS A 23 20.32 -0.13 5.77
CA LYS A 23 19.93 -1.07 6.81
C LYS A 23 19.78 -2.48 6.25
N GLY A 24 19.30 -2.57 5.00
CA GLY A 24 19.12 -3.86 4.38
C GLY A 24 18.09 -4.72 5.09
N ASP A 25 18.57 -5.68 5.87
CA ASP A 25 17.69 -6.58 6.60
C ASP A 25 17.40 -6.02 8.00
N GLN A 26 17.93 -4.83 8.28
CA GLN A 26 17.72 -4.19 9.57
C GLN A 26 16.59 -3.17 9.49
N CYS A 27 16.26 -2.75 8.29
CA CYS A 27 15.20 -1.77 8.08
C CYS A 27 13.88 -2.28 8.64
N GLU A 28 12.95 -1.34 8.89
CA GLU A 28 11.65 -1.70 9.43
C GLU A 28 10.64 -1.92 8.31
N PHE A 29 11.07 -1.72 7.08
CA PHE A 29 10.21 -1.89 5.91
C PHE A 29 10.80 -2.90 4.94
N LEU A 30 10.00 -3.33 3.98
CA LEU A 30 10.44 -4.30 2.97
C LEU A 30 11.41 -3.65 1.99
N HIS A 31 12.42 -4.42 1.57
CA HIS A 31 13.41 -3.93 0.63
C HIS A 31 13.29 -4.65 -0.71
N GLU A 32 12.08 -5.13 -1.01
CA GLU A 32 11.84 -5.83 -2.27
C GLU A 32 10.56 -5.33 -2.93
N TYR A 33 10.67 -4.94 -4.20
CA TYR A 33 9.51 -4.45 -4.95
C TYR A 33 8.44 -5.52 -5.07
N ASP A 34 7.39 -5.39 -4.27
CA ASP A 34 6.28 -6.34 -4.29
C ASP A 34 4.95 -5.62 -4.50
N MET A 35 4.40 -5.76 -5.70
CA MET A 35 3.12 -5.13 -6.03
C MET A 35 2.07 -5.48 -4.98
N THR A 36 2.33 -6.51 -4.20
CA THR A 36 1.40 -6.94 -3.16
C THR A 36 1.79 -6.37 -1.80
N LYS A 37 3.09 -6.15 -1.60
CA LYS A 37 3.59 -5.61 -0.35
C LYS A 37 3.98 -4.14 -0.51
N MET A 38 3.37 -3.47 -1.48
CA MET A 38 3.66 -2.07 -1.74
C MET A 38 2.42 -1.21 -1.54
N PRO A 39 2.63 0.06 -1.19
CA PRO A 39 1.53 1.01 -0.96
C PRO A 39 0.82 1.39 -2.25
N GLU A 40 -0.51 1.40 -2.21
CA GLU A 40 -1.31 1.74 -3.38
C GLU A 40 -1.03 3.17 -3.83
N CYS A 41 -1.60 3.55 -4.97
CA CYS A 41 -1.42 4.90 -5.50
C CYS A 41 -1.95 5.95 -4.55
N TYR A 42 -1.05 6.73 -3.96
CA TYR A 42 -1.43 7.77 -3.01
C TYR A 42 -2.58 8.61 -3.57
N PHE A 43 -2.55 8.84 -4.88
CA PHE A 43 -3.59 9.62 -5.53
C PHE A 43 -4.91 8.86 -5.56
N TYR A 44 -4.93 7.76 -6.31
CA TYR A 44 -6.13 6.94 -6.44
C TYR A 44 -6.57 6.41 -5.07
N SER A 45 -5.68 6.50 -4.10
CA SER A 45 -5.97 6.03 -2.75
C SER A 45 -6.56 7.15 -1.90
N LYS A 46 -6.22 8.38 -2.25
CA LYS A 46 -6.73 9.54 -1.51
C LYS A 46 -7.83 10.24 -2.29
N PHE A 47 -7.48 10.78 -3.46
CA PHE A 47 -8.44 11.49 -4.29
C PHE A 47 -9.26 10.49 -5.11
N GLY A 48 -8.66 9.35 -5.42
CA GLY A 48 -9.34 8.33 -6.20
C GLY A 48 -9.45 8.71 -7.67
N GLU A 49 -8.46 9.43 -8.17
CA GLU A 49 -8.45 9.84 -9.57
C GLU A 49 -7.02 9.89 -10.12
N CYS A 50 -6.73 8.98 -11.04
CA CYS A 50 -5.40 8.91 -11.64
C CYS A 50 -5.50 8.63 -13.14
N SER A 51 -4.92 9.52 -13.94
CA SER A 51 -4.95 9.38 -15.39
C SER A 51 -3.66 8.75 -15.90
N ASN A 52 -3.16 7.75 -15.18
CA ASN A 52 -1.93 7.07 -15.55
C ASN A 52 -2.22 5.70 -16.15
N LYS A 53 -1.68 5.45 -17.33
CA LYS A 53 -1.88 4.18 -18.02
C LYS A 53 -0.91 3.12 -17.49
N GLU A 54 0.34 3.52 -17.30
CA GLU A 54 1.36 2.61 -16.79
C GLU A 54 1.78 2.98 -15.38
N CYS A 55 0.79 3.23 -14.53
CA CYS A 55 1.05 3.59 -13.14
C CYS A 55 1.56 2.39 -12.34
N PRO A 56 2.79 2.49 -11.83
CA PRO A 56 3.41 1.42 -11.04
C PRO A 56 2.75 1.24 -9.67
N PHE A 57 1.69 2.02 -9.44
CA PHE A 57 0.97 1.95 -8.17
C PHE A 57 -0.36 1.22 -8.34
N LEU A 58 -0.90 0.72 -7.24
CA LEU A 58 -2.17 0.00 -7.26
C LEU A 58 -3.34 0.96 -7.39
N HIS A 59 -4.28 0.62 -8.26
CA HIS A 59 -5.46 1.45 -8.48
C HIS A 59 -6.73 0.76 -7.97
N ILE A 60 -7.13 1.08 -6.75
CA ILE A 60 -8.32 0.47 -6.16
C ILE A 60 -9.46 1.49 -6.08
N ASP A 61 -10.66 1.05 -6.40
CA ASP A 61 -11.84 1.91 -6.36
C ASP A 61 -12.16 2.32 -4.92
N PRO A 62 -12.56 3.59 -4.75
CA PRO A 62 -12.90 4.13 -3.43
C PRO A 62 -14.20 3.54 -2.88
N GLU A 63 -14.78 2.61 -3.63
CA GLU A 63 -16.03 1.97 -3.21
C GLU A 63 -15.75 0.58 -2.65
N SER A 64 -14.80 -0.13 -3.25
CA SER A 64 -14.45 -1.47 -2.80
C SER A 64 -13.88 -1.45 -1.39
N LYS A 65 -13.27 -0.33 -1.03
CA LYS A 65 -12.69 -0.17 0.30
C LYS A 65 -13.72 0.36 1.29
N ILE A 66 -14.88 -0.28 1.34
CA ILE A 66 -15.95 0.12 2.25
C ILE A 66 -16.69 -1.09 2.81
N LYS A 67 -16.92 -1.07 4.11
CA LYS A 67 -17.61 -2.16 4.78
C LYS A 67 -19.08 -2.19 4.39
N ASP A 68 -19.77 -1.07 4.59
CA ASP A 68 -21.18 -0.97 4.25
C ASP A 68 -21.39 -1.06 2.75
N CYS A 69 -21.24 -2.27 2.21
CA CYS A 69 -21.41 -2.50 0.78
C CYS A 69 -21.51 -3.98 0.48
N PRO A 70 -22.08 -4.32 -0.70
CA PRO A 70 -22.25 -5.71 -1.13
C PRO A 70 -20.92 -6.37 -1.47
N TRP A 71 -19.84 -5.61 -1.38
CA TRP A 71 -18.51 -6.14 -1.68
C TRP A 71 -17.51 -5.74 -0.60
N SER A 72 -17.27 -6.64 0.34
CA SER A 72 -16.34 -6.38 1.43
C SER A 72 -15.54 -7.63 1.77
N GLY A 73 -14.39 -7.44 2.43
CA GLY A 73 -13.55 -8.56 2.79
C GLY A 73 -12.69 -9.04 1.64
N PRO A 74 -12.17 -10.27 1.77
CA PRO A 74 -11.32 -10.88 0.73
C PRO A 74 -12.11 -11.24 -0.53
N SER A 75 -13.41 -11.45 -0.36
CA SER A 75 -14.28 -11.80 -1.48
C SER A 75 -15.15 -10.62 -1.89
N SER A 76 -15.33 -10.45 -3.19
CA SER A 76 -16.15 -9.36 -3.71
C SER A 76 -16.72 -9.72 -5.09
N GLY A 77 -17.79 -9.03 -5.46
CA GLY A 77 -18.43 -9.29 -6.74
C GLY A 77 -17.42 -9.62 -7.83
N GLY A 1 -2.14 -2.34 3.43
CA GLY A 1 -3.33 -2.64 2.65
C GLY A 1 -4.49 -3.06 3.52
N SER A 2 -4.49 -4.32 3.93
CA SER A 2 -5.56 -4.87 4.76
C SER A 2 -5.24 -4.67 6.24
N SER A 3 -4.13 -5.25 6.67
CA SER A 3 -3.71 -5.16 8.07
C SER A 3 -3.47 -3.70 8.46
N GLY A 4 -3.01 -2.90 7.51
CA GLY A 4 -2.74 -1.51 7.77
C GLY A 4 -1.52 -0.99 7.03
N SER A 5 -1.04 0.18 7.41
CA SER A 5 0.12 0.79 6.77
C SER A 5 1.32 0.80 7.72
N SER A 6 1.16 1.50 8.84
CA SER A 6 2.23 1.60 9.83
C SER A 6 2.28 0.36 10.71
N GLY A 7 3.45 -0.27 10.77
CA GLY A 7 3.61 -1.46 11.58
C GLY A 7 4.71 -2.38 11.06
N GLU A 8 4.30 -3.51 10.50
CA GLU A 8 5.26 -4.47 9.96
C GLU A 8 5.95 -3.91 8.71
N LYS A 9 6.85 -4.71 8.14
CA LYS A 9 7.58 -4.30 6.95
C LYS A 9 6.65 -4.25 5.73
N THR A 10 5.38 -4.57 5.95
CA THR A 10 4.40 -4.56 4.88
C THR A 10 4.70 -3.47 3.86
N VAL A 11 5.16 -2.32 4.35
CA VAL A 11 5.49 -1.19 3.48
C VAL A 11 6.94 -1.25 3.03
N VAL A 12 7.18 -0.84 1.79
CA VAL A 12 8.53 -0.85 1.23
C VAL A 12 9.30 0.39 1.65
N CYS A 13 10.55 0.19 2.07
CA CYS A 13 11.40 1.31 2.50
C CYS A 13 11.46 2.38 1.42
N LYS A 14 11.43 3.64 1.85
CA LYS A 14 11.49 4.77 0.92
C LYS A 14 12.94 5.12 0.59
N HIS A 15 13.84 4.82 1.52
CA HIS A 15 15.25 5.11 1.32
C HIS A 15 15.88 4.14 0.32
N TRP A 16 15.70 2.85 0.57
CA TRP A 16 16.25 1.82 -0.31
C TRP A 16 15.85 2.08 -1.77
N LEU A 17 14.62 2.54 -1.96
CA LEU A 17 14.12 2.83 -3.30
C LEU A 17 15.11 3.68 -4.08
N ARG A 18 15.57 4.77 -3.47
CA ARG A 18 16.52 5.67 -4.10
C ARG A 18 17.96 5.29 -3.72
N GLY A 19 18.14 4.06 -3.28
CA GLY A 19 19.46 3.60 -2.88
C GLY A 19 20.09 4.49 -1.83
N LEU A 20 19.37 4.75 -0.75
CA LEU A 20 19.86 5.59 0.33
C LEU A 20 19.77 4.87 1.67
N CYS A 21 19.77 3.54 1.63
CA CYS A 21 19.68 2.73 2.84
C CYS A 21 20.82 1.71 2.88
N LYS A 22 21.36 1.49 4.08
CA LYS A 22 22.45 0.53 4.26
C LYS A 22 22.11 -0.47 5.36
N LYS A 23 20.83 -0.78 5.49
CA LYS A 23 20.37 -1.72 6.51
C LYS A 23 20.12 -3.10 5.90
N GLY A 24 19.66 -3.11 4.65
CA GLY A 24 19.39 -4.37 3.98
C GLY A 24 18.26 -5.14 4.62
N ASP A 25 18.58 -6.32 5.15
CA ASP A 25 17.59 -7.16 5.80
C ASP A 25 17.40 -6.75 7.25
N GLN A 26 17.98 -5.62 7.63
CA GLN A 26 17.87 -5.12 8.99
C GLN A 26 16.86 -3.98 9.08
N CYS A 27 16.61 -3.34 7.94
CA CYS A 27 15.67 -2.23 7.89
C CYS A 27 14.33 -2.61 8.53
N GLU A 28 13.52 -1.60 8.84
CA GLU A 28 12.22 -1.83 9.46
C GLU A 28 11.13 -1.95 8.38
N PHE A 29 11.52 -1.81 7.12
CA PHE A 29 10.57 -1.90 6.02
C PHE A 29 11.04 -2.92 4.99
N LEU A 30 10.16 -3.24 4.04
CA LEU A 30 10.48 -4.20 2.99
C LEU A 30 11.41 -3.60 1.96
N HIS A 31 12.43 -4.36 1.57
CA HIS A 31 13.39 -3.89 0.58
C HIS A 31 13.16 -4.56 -0.77
N GLU A 32 11.94 -5.05 -0.98
CA GLU A 32 11.58 -5.72 -2.22
C GLU A 32 10.35 -5.08 -2.85
N TYR A 33 10.42 -4.83 -4.15
CA TYR A 33 9.31 -4.22 -4.87
C TYR A 33 8.16 -5.21 -5.06
N ASP A 34 7.08 -5.01 -4.32
CA ASP A 34 5.91 -5.89 -4.41
C ASP A 34 4.66 -5.08 -4.70
N MET A 35 3.84 -5.58 -5.62
CA MET A 35 2.60 -4.91 -5.99
C MET A 35 1.57 -5.04 -4.87
N THR A 36 1.84 -5.92 -3.91
CA THR A 36 0.93 -6.14 -2.80
C THR A 36 1.45 -5.48 -1.52
N LYS A 37 2.69 -5.78 -1.16
CA LYS A 37 3.29 -5.21 0.03
C LYS A 37 3.33 -3.69 -0.05
N MET A 38 3.74 -3.18 -1.21
CA MET A 38 3.82 -1.73 -1.42
C MET A 38 2.44 -1.09 -1.26
N PRO A 39 2.44 0.20 -0.89
CA PRO A 39 1.20 0.97 -0.69
C PRO A 39 0.47 1.22 -2.00
N GLU A 40 -0.77 1.72 -1.90
CA GLU A 40 -1.57 2.01 -3.08
C GLU A 40 -1.41 3.46 -3.50
N CYS A 41 -1.90 3.79 -4.70
CA CYS A 41 -1.82 5.15 -5.21
C CYS A 41 -2.61 6.12 -4.33
N TYR A 42 -1.90 7.07 -3.74
CA TYR A 42 -2.53 8.06 -2.87
C TYR A 42 -3.67 8.77 -3.60
N PHE A 43 -3.47 9.02 -4.88
CA PHE A 43 -4.48 9.70 -5.70
C PHE A 43 -5.73 8.84 -5.85
N TYR A 44 -5.60 7.74 -6.58
CA TYR A 44 -6.72 6.83 -6.81
C TYR A 44 -7.24 6.28 -5.48
N SER A 45 -6.46 6.46 -4.43
CA SER A 45 -6.85 5.98 -3.10
C SER A 45 -7.61 7.07 -2.34
N LYS A 46 -7.31 8.32 -2.65
CA LYS A 46 -7.97 9.45 -2.00
C LYS A 46 -9.03 10.07 -2.90
N PHE A 47 -8.59 10.62 -4.02
CA PHE A 47 -9.51 11.24 -4.98
C PHE A 47 -10.17 10.19 -5.86
N GLY A 48 -9.48 9.08 -6.06
CA GLY A 48 -10.01 8.00 -6.89
C GLY A 48 -10.00 8.35 -8.36
N GLU A 49 -8.96 9.08 -8.79
CA GLU A 49 -8.83 9.48 -10.18
C GLU A 49 -7.36 9.59 -10.58
N CYS A 50 -6.92 8.69 -11.46
CA CYS A 50 -5.54 8.69 -11.93
C CYS A 50 -5.46 8.39 -13.42
N SER A 51 -4.91 9.33 -14.18
CA SER A 51 -4.78 9.17 -15.62
C SER A 51 -3.41 8.60 -15.98
N ASN A 52 -2.94 7.66 -15.18
CA ASN A 52 -1.64 7.03 -15.42
C ASN A 52 -1.81 5.56 -15.81
N LYS A 53 -1.43 5.24 -17.04
CA LYS A 53 -1.54 3.87 -17.53
C LYS A 53 -0.45 2.99 -16.94
N GLU A 54 0.76 3.54 -16.83
CA GLU A 54 1.89 2.80 -16.28
C GLU A 54 2.15 3.22 -14.84
N CYS A 55 1.09 3.37 -14.06
CA CYS A 55 1.21 3.76 -12.65
C CYS A 55 1.72 2.60 -11.80
N PRO A 56 2.92 2.79 -11.21
CA PRO A 56 3.55 1.78 -10.36
C PRO A 56 2.80 1.60 -9.03
N PHE A 57 1.69 2.29 -8.89
CA PHE A 57 0.88 2.21 -7.67
C PHE A 57 -0.38 1.38 -7.90
N LEU A 58 -1.04 1.02 -6.81
CA LEU A 58 -2.26 0.23 -6.90
C LEU A 58 -3.48 1.13 -7.14
N HIS A 59 -4.36 0.69 -8.03
CA HIS A 59 -5.57 1.46 -8.34
C HIS A 59 -6.82 0.72 -7.86
N ILE A 60 -7.31 1.11 -6.69
CA ILE A 60 -8.51 0.48 -6.12
C ILE A 60 -9.74 1.34 -6.35
N ASP A 61 -10.81 0.73 -6.84
CA ASP A 61 -12.05 1.43 -7.11
C ASP A 61 -12.58 2.10 -5.84
N PRO A 62 -13.10 3.32 -5.99
CA PRO A 62 -13.66 4.09 -4.87
C PRO A 62 -14.95 3.49 -4.32
N GLU A 63 -15.36 2.37 -4.91
CA GLU A 63 -16.58 1.69 -4.48
C GLU A 63 -16.27 0.56 -3.51
N SER A 64 -15.03 0.08 -3.55
CA SER A 64 -14.60 -1.00 -2.67
C SER A 64 -14.25 -0.48 -1.28
N LYS A 65 -13.73 0.74 -1.24
CA LYS A 65 -13.36 1.37 0.03
C LYS A 65 -14.47 2.27 0.54
N ILE A 66 -15.49 1.66 1.15
CA ILE A 66 -16.62 2.41 1.69
C ILE A 66 -16.75 2.21 3.19
N LYS A 67 -17.18 3.25 3.90
CA LYS A 67 -17.35 3.18 5.35
C LYS A 67 -18.71 2.58 5.71
N ASP A 68 -19.77 3.20 5.20
CA ASP A 68 -21.12 2.73 5.47
C ASP A 68 -21.16 1.21 5.58
N CYS A 69 -20.49 0.54 4.66
CA CYS A 69 -20.43 -0.92 4.66
C CYS A 69 -20.23 -1.46 6.06
N PRO A 70 -20.52 -2.76 6.25
CA PRO A 70 -20.38 -3.43 7.55
C PRO A 70 -18.92 -3.60 7.95
N TRP A 71 -18.01 -3.05 7.14
CA TRP A 71 -16.58 -3.15 7.42
C TRP A 71 -16.13 -2.01 8.32
N SER A 72 -15.60 -2.36 9.49
CA SER A 72 -15.13 -1.36 10.44
C SER A 72 -14.23 -1.99 11.49
N GLY A 73 -13.73 -1.18 12.42
CA GLY A 73 -12.87 -1.67 13.47
C GLY A 73 -11.41 -1.34 13.24
N PRO A 74 -10.53 -2.32 13.46
CA PRO A 74 -9.09 -2.14 13.29
C PRO A 74 -8.69 -2.00 11.82
N SER A 75 -9.35 -2.76 10.96
CA SER A 75 -9.07 -2.73 9.53
C SER A 75 -10.34 -2.92 8.72
N SER A 76 -10.63 -1.99 7.83
CA SER A 76 -11.82 -2.04 6.99
C SER A 76 -11.47 -1.76 5.53
N GLY A 77 -10.66 -0.72 5.31
CA GLY A 77 -10.27 -0.37 3.96
C GLY A 77 -10.63 1.07 3.61
N GLY A 1 1.03 8.00 10.23
CA GLY A 1 0.48 6.70 10.56
C GLY A 1 -0.63 6.78 11.58
N SER A 2 -1.84 6.38 11.19
CA SER A 2 -2.98 6.41 12.09
C SER A 2 -2.72 5.61 13.36
N SER A 3 -2.12 4.42 13.18
CA SER A 3 -1.82 3.55 14.31
C SER A 3 -0.40 3.81 14.81
N GLY A 4 0.14 4.97 14.47
CA GLY A 4 1.49 5.32 14.91
C GLY A 4 2.55 4.59 14.12
N SER A 5 3.07 3.51 14.69
CA SER A 5 4.10 2.72 14.04
C SER A 5 3.64 2.22 12.67
N SER A 6 4.59 1.97 11.78
CA SER A 6 4.27 1.49 10.44
C SER A 6 4.06 -0.02 10.43
N GLY A 7 3.41 -0.52 11.49
CA GLY A 7 3.16 -1.95 11.58
C GLY A 7 4.28 -2.79 10.98
N GLU A 8 3.92 -3.93 10.43
CA GLU A 8 4.90 -4.83 9.82
C GLU A 8 5.60 -4.14 8.65
N LYS A 9 6.57 -4.83 8.06
CA LYS A 9 7.32 -4.30 6.93
C LYS A 9 6.47 -4.27 5.66
N THR A 10 5.21 -4.67 5.80
CA THR A 10 4.28 -4.69 4.67
C THR A 10 4.59 -3.57 3.69
N VAL A 11 4.96 -2.41 4.22
CA VAL A 11 5.29 -1.26 3.39
C VAL A 11 6.74 -1.31 2.93
N VAL A 12 6.96 -1.03 1.66
CA VAL A 12 8.31 -1.03 1.09
C VAL A 12 9.06 0.25 1.46
N CYS A 13 10.29 0.10 1.92
CA CYS A 13 11.11 1.25 2.30
C CYS A 13 11.21 2.24 1.14
N LYS A 14 11.10 3.53 1.48
CA LYS A 14 11.17 4.58 0.49
C LYS A 14 12.63 4.95 0.18
N HIS A 15 13.52 4.60 1.11
CA HIS A 15 14.94 4.89 0.94
C HIS A 15 15.59 3.88 0.00
N TRP A 16 15.49 2.60 0.35
CA TRP A 16 16.08 1.54 -0.47
C TRP A 16 15.69 1.71 -1.93
N LEU A 17 14.45 2.12 -2.17
CA LEU A 17 13.96 2.32 -3.53
C LEU A 17 14.98 3.07 -4.38
N ARG A 18 15.26 4.32 -4.00
CA ARG A 18 16.22 5.14 -4.71
C ARG A 18 17.65 4.84 -4.26
N GLY A 19 17.80 3.80 -3.45
CA GLY A 19 19.11 3.43 -2.95
C GLY A 19 19.68 4.44 -1.97
N LEU A 20 18.87 4.78 -0.96
CA LEU A 20 19.29 5.75 0.05
C LEU A 20 19.27 5.12 1.44
N CYS A 21 19.28 3.79 1.49
CA CYS A 21 19.26 3.07 2.75
C CYS A 21 20.52 2.23 2.93
N LYS A 22 20.91 2.00 4.17
CA LYS A 22 22.10 1.21 4.48
C LYS A 22 21.81 0.21 5.59
N LYS A 23 20.54 -0.12 5.78
CA LYS A 23 20.13 -1.07 6.80
C LYS A 23 20.05 -2.48 6.23
N GLY A 24 19.47 -2.60 5.06
CA GLY A 24 19.33 -3.90 4.41
C GLY A 24 18.29 -4.77 5.09
N ASP A 25 18.75 -5.69 5.94
CA ASP A 25 17.85 -6.59 6.66
C ASP A 25 17.53 -6.04 8.05
N GLN A 26 18.01 -4.83 8.32
CA GLN A 26 17.78 -4.21 9.62
C GLN A 26 16.67 -3.16 9.52
N CYS A 27 16.38 -2.72 8.30
CA CYS A 27 15.34 -1.73 8.06
C CYS A 27 14.02 -2.17 8.69
N GLU A 28 13.10 -1.22 8.83
CA GLU A 28 11.79 -1.51 9.41
C GLU A 28 10.74 -1.70 8.33
N PHE A 29 11.17 -1.56 7.07
CA PHE A 29 10.27 -1.71 5.93
C PHE A 29 10.79 -2.76 4.96
N LEU A 30 9.93 -3.20 4.05
CA LEU A 30 10.30 -4.20 3.06
C LEU A 30 11.24 -3.61 2.01
N HIS A 31 12.27 -4.38 1.67
CA HIS A 31 13.25 -3.93 0.67
C HIS A 31 13.03 -4.64 -0.66
N GLU A 32 11.83 -5.21 -0.84
CA GLU A 32 11.50 -5.92 -2.07
C GLU A 32 10.32 -5.26 -2.77
N TYR A 33 10.39 -5.19 -4.09
CA TYR A 33 9.32 -4.59 -4.88
C TYR A 33 8.18 -5.57 -5.10
N ASP A 34 7.10 -5.39 -4.36
CA ASP A 34 5.93 -6.25 -4.47
C ASP A 34 4.67 -5.44 -4.73
N MET A 35 3.98 -5.74 -5.83
CA MET A 35 2.76 -5.05 -6.19
C MET A 35 1.67 -5.31 -5.17
N THR A 36 1.93 -6.22 -4.24
CA THR A 36 0.97 -6.56 -3.21
C THR A 36 1.34 -5.92 -1.87
N LYS A 37 2.59 -6.13 -1.45
CA LYS A 37 3.07 -5.56 -0.19
C LYS A 37 3.17 -4.04 -0.27
N MET A 38 3.58 -3.55 -1.44
CA MET A 38 3.72 -2.11 -1.64
C MET A 38 2.37 -1.41 -1.52
N PRO A 39 2.39 -0.14 -1.09
CA PRO A 39 1.18 0.66 -0.92
C PRO A 39 0.54 1.03 -2.26
N GLU A 40 -0.75 1.35 -2.23
CA GLU A 40 -1.47 1.72 -3.44
C GLU A 40 -1.27 3.20 -3.76
N CYS A 41 -1.62 3.59 -4.98
CA CYS A 41 -1.47 4.97 -5.42
C CYS A 41 -2.14 5.92 -4.42
N TYR A 42 -1.33 6.79 -3.83
CA TYR A 42 -1.83 7.76 -2.85
C TYR A 42 -2.96 8.59 -3.45
N PHE A 43 -2.91 8.80 -4.76
CA PHE A 43 -3.93 9.58 -5.45
C PHE A 43 -5.22 8.78 -5.60
N TYR A 44 -5.16 7.70 -6.37
CA TYR A 44 -6.32 6.86 -6.59
C TYR A 44 -6.81 6.25 -5.28
N SER A 45 -5.97 6.31 -4.25
CA SER A 45 -6.32 5.77 -2.94
C SER A 45 -6.98 6.84 -2.07
N LYS A 46 -6.61 8.10 -2.31
CA LYS A 46 -7.16 9.21 -1.54
C LYS A 46 -8.26 9.92 -2.33
N PHE A 47 -7.88 10.52 -3.46
CA PHE A 47 -8.83 11.24 -4.30
C PHE A 47 -9.62 10.26 -5.18
N GLY A 48 -8.97 9.17 -5.56
CA GLY A 48 -9.62 8.18 -6.39
C GLY A 48 -9.66 8.58 -7.86
N GLU A 49 -8.65 9.33 -8.29
CA GLU A 49 -8.57 9.79 -9.68
C GLU A 49 -7.12 9.84 -10.15
N CYS A 50 -6.78 8.96 -11.08
CA CYS A 50 -5.42 8.91 -11.62
C CYS A 50 -5.44 8.67 -13.12
N SER A 51 -4.94 9.64 -13.88
CA SER A 51 -4.91 9.53 -15.34
C SER A 51 -3.58 8.95 -15.81
N ASN A 52 -3.12 7.91 -15.12
CA ASN A 52 -1.86 7.26 -15.48
C ASN A 52 -2.10 5.90 -16.12
N LYS A 53 -1.50 5.69 -17.28
CA LYS A 53 -1.65 4.43 -18.01
C LYS A 53 -0.70 3.37 -17.45
N GLU A 54 0.55 3.76 -17.24
CA GLU A 54 1.56 2.85 -16.72
C GLU A 54 1.95 3.23 -15.29
N CYS A 55 0.93 3.46 -14.45
CA CYS A 55 1.18 3.82 -13.07
C CYS A 55 1.71 2.64 -12.28
N PRO A 56 2.93 2.80 -11.73
CA PRO A 56 3.59 1.75 -10.94
C PRO A 56 2.91 1.53 -9.59
N PHE A 57 1.80 2.24 -9.36
CA PHE A 57 1.06 2.12 -8.12
C PHE A 57 -0.24 1.37 -8.33
N LEU A 58 -0.76 0.77 -7.27
CA LEU A 58 -2.01 0.02 -7.35
C LEU A 58 -3.21 0.96 -7.46
N HIS A 59 -4.16 0.60 -8.31
CA HIS A 59 -5.35 1.41 -8.52
C HIS A 59 -6.60 0.68 -8.02
N ILE A 60 -7.03 1.03 -6.81
CA ILE A 60 -8.21 0.41 -6.22
C ILE A 60 -9.38 1.38 -6.16
N ASP A 61 -10.57 0.88 -6.48
CA ASP A 61 -11.77 1.71 -6.46
C ASP A 61 -12.09 2.19 -5.05
N PRO A 62 -12.53 3.45 -4.93
CA PRO A 62 -12.88 4.05 -3.64
C PRO A 62 -14.14 3.45 -3.04
N GLU A 63 -14.71 2.47 -3.72
CA GLU A 63 -15.91 1.80 -3.25
C GLU A 63 -15.59 0.45 -2.61
N SER A 64 -14.51 -0.16 -3.09
CA SER A 64 -14.08 -1.47 -2.58
C SER A 64 -13.36 -1.32 -1.24
N LYS A 65 -12.96 -0.08 -0.93
CA LYS A 65 -12.25 0.19 0.31
C LYS A 65 -13.19 0.84 1.33
N ILE A 66 -14.32 0.19 1.59
CA ILE A 66 -15.29 0.71 2.55
C ILE A 66 -15.89 -0.42 3.37
N LYS A 67 -16.11 -0.16 4.66
CA LYS A 67 -16.68 -1.15 5.56
C LYS A 67 -17.99 -0.65 6.15
N ASP A 68 -18.27 0.63 5.96
CA ASP A 68 -19.50 1.24 6.47
C ASP A 68 -20.51 1.44 5.35
N CYS A 69 -20.66 0.43 4.51
CA CYS A 69 -21.60 0.50 3.39
C CYS A 69 -22.86 -0.30 3.69
N PRO A 70 -23.99 0.13 3.09
CA PRO A 70 -25.29 -0.53 3.29
C PRO A 70 -25.34 -1.90 2.61
N TRP A 71 -24.54 -2.08 1.57
CA TRP A 71 -24.50 -3.35 0.84
C TRP A 71 -24.32 -4.52 1.80
N SER A 72 -24.84 -5.67 1.41
CA SER A 72 -24.75 -6.87 2.24
C SER A 72 -25.30 -8.09 1.51
N GLY A 73 -24.48 -9.12 1.37
CA GLY A 73 -24.91 -10.33 0.69
C GLY A 73 -24.93 -10.16 -0.81
N PRO A 74 -25.99 -10.69 -1.45
CA PRO A 74 -26.16 -10.61 -2.90
C PRO A 74 -26.44 -9.19 -3.39
N SER A 75 -27.03 -8.38 -2.50
CA SER A 75 -27.36 -7.01 -2.83
C SER A 75 -26.16 -6.28 -3.44
N SER A 76 -25.02 -6.38 -2.75
CA SER A 76 -23.80 -5.74 -3.22
C SER A 76 -23.60 -5.97 -4.72
N GLY A 77 -23.67 -7.23 -5.13
CA GLY A 77 -23.48 -7.56 -6.53
C GLY A 77 -22.50 -8.69 -6.74
N GLY A 1 -6.56 2.92 22.07
CA GLY A 1 -6.68 2.86 20.63
C GLY A 1 -5.79 1.79 20.02
N SER A 2 -4.48 1.97 20.16
CA SER A 2 -3.52 1.02 19.61
C SER A 2 -3.44 -0.24 20.48
N SER A 3 -3.44 -1.40 19.83
CA SER A 3 -3.38 -2.67 20.53
C SER A 3 -1.93 -3.08 20.80
N GLY A 4 -1.05 -2.72 19.87
CA GLY A 4 0.36 -3.05 20.01
C GLY A 4 1.12 -2.92 18.72
N SER A 5 2.43 -3.11 18.78
CA SER A 5 3.28 -3.01 17.60
C SER A 5 2.74 -3.88 16.47
N SER A 6 1.95 -3.29 15.58
CA SER A 6 1.37 -4.01 14.47
C SER A 6 1.72 -3.35 13.14
N GLY A 7 2.91 -3.64 12.64
CA GLY A 7 3.35 -3.06 11.37
C GLY A 7 4.48 -3.85 10.74
N GLU A 8 4.17 -5.02 10.22
CA GLU A 8 5.17 -5.87 9.59
C GLU A 8 5.82 -5.15 8.40
N LYS A 9 6.80 -5.81 7.79
CA LYS A 9 7.50 -5.23 6.65
C LYS A 9 6.61 -5.23 5.41
N THR A 10 5.39 -5.76 5.56
CA THR A 10 4.45 -5.82 4.45
C THR A 10 4.61 -4.62 3.52
N VAL A 11 4.91 -3.46 4.10
CA VAL A 11 5.10 -2.25 3.31
C VAL A 11 6.54 -2.11 2.85
N VAL A 12 6.72 -1.68 1.60
CA VAL A 12 8.05 -1.51 1.03
C VAL A 12 8.64 -0.16 1.43
N CYS A 13 9.83 -0.18 1.99
CA CYS A 13 10.51 1.04 2.41
C CYS A 13 10.41 2.12 1.34
N LYS A 14 10.04 3.32 1.74
CA LYS A 14 9.91 4.44 0.82
C LYS A 14 11.26 5.13 0.61
N HIS A 15 12.23 4.79 1.45
CA HIS A 15 13.56 5.37 1.34
C HIS A 15 14.43 4.58 0.38
N TRP A 16 14.47 3.27 0.58
CA TRP A 16 15.27 2.39 -0.28
C TRP A 16 14.86 2.53 -1.74
N LEU A 17 13.56 2.72 -1.96
CA LEU A 17 13.04 2.86 -3.31
C LEU A 17 13.88 3.85 -4.13
N ARG A 18 14.12 5.03 -3.56
CA ARG A 18 14.92 6.05 -4.23
C ARG A 18 16.39 5.96 -3.81
N GLY A 19 16.73 4.89 -3.10
CA GLY A 19 18.10 4.70 -2.65
C GLY A 19 18.48 5.69 -1.57
N LEU A 20 17.66 5.80 -0.54
CA LEU A 20 17.92 6.70 0.57
C LEU A 20 17.94 5.97 1.90
N CYS A 21 18.30 4.68 1.85
CA CYS A 21 18.35 3.86 3.05
C CYS A 21 19.71 3.17 3.17
N LYS A 22 20.14 2.92 4.40
CA LYS A 22 21.41 2.27 4.66
C LYS A 22 21.26 1.13 5.66
N LYS A 23 20.04 0.63 5.79
CA LYS A 23 19.75 -0.46 6.72
C LYS A 23 19.83 -1.81 6.01
N GLY A 24 19.18 -1.90 4.85
CA GLY A 24 19.18 -3.14 4.09
C GLY A 24 18.31 -4.21 4.72
N ASP A 25 18.94 -5.11 5.48
CA ASP A 25 18.21 -6.18 6.14
C ASP A 25 17.84 -5.79 7.56
N GLN A 26 18.22 -4.59 7.96
CA GLN A 26 17.92 -4.10 9.30
C GLN A 26 16.68 -3.23 9.30
N CYS A 27 16.36 -2.65 8.14
CA CYS A 27 15.19 -1.79 8.01
C CYS A 27 13.95 -2.47 8.58
N GLU A 28 12.89 -1.68 8.77
CA GLU A 28 11.64 -2.21 9.31
C GLU A 28 10.63 -2.45 8.21
N PHE A 29 11.00 -2.10 6.98
CA PHE A 29 10.12 -2.27 5.83
C PHE A 29 10.77 -3.17 4.79
N LEU A 30 9.95 -3.67 3.85
CA LEU A 30 10.44 -4.55 2.80
C LEU A 30 11.26 -3.77 1.78
N HIS A 31 12.33 -4.38 1.28
CA HIS A 31 13.20 -3.75 0.31
C HIS A 31 13.04 -4.40 -1.06
N GLU A 32 11.93 -5.09 -1.26
CA GLU A 32 11.66 -5.77 -2.52
C GLU A 32 10.39 -5.23 -3.17
N TYR A 33 10.46 -4.97 -4.47
CA TYR A 33 9.31 -4.45 -5.21
C TYR A 33 8.25 -5.54 -5.40
N ASP A 34 7.16 -5.43 -4.65
CA ASP A 34 6.08 -6.40 -4.74
C ASP A 34 4.75 -5.70 -5.00
N MET A 35 4.08 -6.08 -6.09
CA MET A 35 2.80 -5.48 -6.44
C MET A 35 1.75 -5.75 -5.36
N THR A 36 2.08 -6.66 -4.44
CA THR A 36 1.16 -7.02 -3.37
C THR A 36 1.61 -6.38 -2.05
N LYS A 37 2.88 -6.58 -1.71
CA LYS A 37 3.43 -6.03 -0.48
C LYS A 37 3.47 -4.50 -0.52
N MET A 38 3.89 -3.96 -1.66
CA MET A 38 3.98 -2.52 -1.84
C MET A 38 2.61 -1.87 -1.67
N PRO A 39 2.61 -0.63 -1.16
CA PRO A 39 1.37 0.12 -0.94
C PRO A 39 0.70 0.54 -2.24
N GLU A 40 -0.49 1.13 -2.13
CA GLU A 40 -1.24 1.57 -3.31
C GLU A 40 -0.80 2.97 -3.73
N CYS A 41 -1.25 3.39 -4.91
CA CYS A 41 -0.91 4.70 -5.43
C CYS A 41 -1.35 5.80 -4.48
N TYR A 42 -0.40 6.64 -4.07
CA TYR A 42 -0.69 7.74 -3.15
C TYR A 42 -1.77 8.65 -3.72
N PHE A 43 -1.79 8.79 -5.05
CA PHE A 43 -2.77 9.64 -5.71
C PHE A 43 -4.15 9.00 -5.66
N TYR A 44 -4.33 7.93 -6.42
CA TYR A 44 -5.61 7.23 -6.47
C TYR A 44 -6.08 6.86 -5.07
N SER A 45 -5.16 6.89 -4.11
CA SER A 45 -5.48 6.55 -2.73
C SER A 45 -5.88 7.80 -1.95
N LYS A 46 -5.33 8.94 -2.34
CA LYS A 46 -5.62 10.21 -1.68
C LYS A 46 -6.62 11.03 -2.50
N PHE A 47 -6.21 11.43 -3.70
CA PHE A 47 -7.06 12.21 -4.58
C PHE A 47 -8.09 11.32 -5.27
N GLY A 48 -7.73 10.07 -5.50
CA GLY A 48 -8.62 9.14 -6.16
C GLY A 48 -8.74 9.39 -7.65
N GLU A 49 -7.66 9.89 -8.25
CA GLU A 49 -7.64 10.18 -9.67
C GLU A 49 -6.23 10.01 -10.24
N CYS A 50 -6.06 9.01 -11.10
CA CYS A 50 -4.77 8.74 -11.72
C CYS A 50 -4.93 8.37 -13.19
N SER A 51 -4.41 9.22 -14.07
CA SER A 51 -4.51 8.99 -15.51
C SER A 51 -3.29 8.20 -16.01
N ASN A 52 -2.87 7.21 -15.22
CA ASN A 52 -1.73 6.39 -15.59
C ASN A 52 -2.14 4.93 -15.77
N LYS A 53 -2.35 4.54 -17.03
CA LYS A 53 -2.74 3.18 -17.35
C LYS A 53 -1.66 2.18 -16.95
N GLU A 54 -0.40 2.58 -17.13
CA GLU A 54 0.73 1.72 -16.79
C GLU A 54 1.36 2.15 -15.47
N CYS A 55 0.51 2.47 -14.50
CA CYS A 55 0.97 2.88 -13.18
C CYS A 55 1.52 1.69 -12.39
N PRO A 56 2.76 1.81 -11.93
CA PRO A 56 3.43 0.76 -11.15
C PRO A 56 2.83 0.60 -9.76
N PHE A 57 1.79 1.38 -9.48
CA PHE A 57 1.13 1.34 -8.18
C PHE A 57 -0.23 0.65 -8.29
N LEU A 58 -0.88 0.45 -7.14
CA LEU A 58 -2.19 -0.18 -7.12
C LEU A 58 -3.30 0.86 -7.19
N HIS A 59 -4.33 0.58 -8.01
CA HIS A 59 -5.45 1.49 -8.16
C HIS A 59 -6.73 0.88 -7.59
N ILE A 60 -7.14 1.36 -6.44
CA ILE A 60 -8.34 0.87 -5.78
C ILE A 60 -9.39 1.97 -5.65
N ASP A 61 -10.65 1.62 -5.89
CA ASP A 61 -11.75 2.58 -5.79
C ASP A 61 -11.84 3.15 -4.37
N PRO A 62 -12.14 4.46 -4.28
CA PRO A 62 -12.27 5.14 -2.99
C PRO A 62 -13.51 4.71 -2.23
N GLU A 63 -14.23 3.74 -2.78
CA GLU A 63 -15.45 3.24 -2.14
C GLU A 63 -15.16 1.95 -1.37
N SER A 64 -14.11 1.23 -1.79
CA SER A 64 -13.73 -0.01 -1.15
C SER A 64 -12.90 0.25 0.11
N LYS A 65 -12.09 1.30 0.06
CA LYS A 65 -11.24 1.66 1.18
C LYS A 65 -12.00 2.54 2.18
N ILE A 66 -12.97 1.94 2.86
CA ILE A 66 -13.77 2.67 3.84
C ILE A 66 -14.15 1.77 5.01
N LYS A 67 -13.92 2.25 6.22
CA LYS A 67 -14.25 1.49 7.43
C LYS A 67 -15.75 1.50 7.68
N ASP A 68 -16.38 2.65 7.46
CA ASP A 68 -17.81 2.77 7.67
C ASP A 68 -18.59 2.14 6.51
N CYS A 69 -18.27 0.88 6.23
CA CYS A 69 -18.93 0.15 5.15
C CYS A 69 -18.82 -1.35 5.35
N PRO A 70 -19.70 -2.11 4.69
CA PRO A 70 -19.71 -3.58 4.78
C PRO A 70 -18.50 -4.21 4.11
N TRP A 71 -17.61 -3.37 3.60
CA TRP A 71 -16.40 -3.87 2.93
C TRP A 71 -15.23 -3.94 3.91
N SER A 72 -14.38 -4.94 3.73
CA SER A 72 -13.22 -5.13 4.59
C SER A 72 -11.99 -5.53 3.77
N GLY A 73 -11.02 -4.64 3.71
CA GLY A 73 -9.80 -4.92 2.96
C GLY A 73 -10.06 -5.09 1.48
N PRO A 74 -9.28 -5.96 0.83
CA PRO A 74 -9.40 -6.24 -0.61
C PRO A 74 -10.68 -7.01 -0.93
N SER A 75 -11.00 -7.99 -0.10
CA SER A 75 -12.20 -8.80 -0.30
C SER A 75 -13.44 -8.09 0.22
N SER A 76 -14.11 -7.37 -0.67
CA SER A 76 -15.31 -6.63 -0.30
C SER A 76 -16.51 -7.56 -0.23
N GLY A 77 -16.94 -7.87 0.99
CA GLY A 77 -18.08 -8.74 1.18
C GLY A 77 -18.53 -8.81 2.62
N GLY A 1 -11.31 -0.87 20.28
CA GLY A 1 -10.56 0.03 19.42
C GLY A 1 -9.28 -0.60 18.90
N SER A 2 -8.40 0.23 18.36
CA SER A 2 -7.13 -0.26 17.81
C SER A 2 -6.09 -0.37 18.92
N SER A 3 -5.72 -1.61 19.25
CA SER A 3 -4.73 -1.86 20.29
C SER A 3 -3.48 -2.53 19.71
N GLY A 4 -3.23 -2.27 18.43
CA GLY A 4 -2.08 -2.85 17.78
C GLY A 4 -1.01 -1.82 17.46
N SER A 5 -1.38 -0.80 16.69
CA SER A 5 -0.45 0.25 16.32
C SER A 5 0.92 -0.33 15.96
N SER A 6 0.90 -1.46 15.26
CA SER A 6 2.14 -2.13 14.85
C SER A 6 2.08 -2.53 13.38
N GLY A 7 2.86 -1.84 12.55
CA GLY A 7 2.90 -2.13 11.13
C GLY A 7 4.14 -2.89 10.73
N GLU A 8 3.96 -4.08 10.18
CA GLU A 8 5.08 -4.90 9.75
C GLU A 8 5.76 -4.29 8.53
N LYS A 9 6.74 -5.01 7.98
CA LYS A 9 7.47 -4.54 6.82
C LYS A 9 6.58 -4.54 5.58
N THR A 10 5.32 -4.94 5.76
CA THR A 10 4.37 -4.98 4.66
C THR A 10 4.65 -3.86 3.65
N VAL A 11 5.07 -2.72 4.16
CA VAL A 11 5.37 -1.57 3.31
C VAL A 11 6.81 -1.61 2.82
N VAL A 12 7.01 -1.22 1.56
CA VAL A 12 8.35 -1.22 0.97
C VAL A 12 9.09 0.08 1.30
N CYS A 13 10.30 -0.06 1.84
CA CYS A 13 11.11 1.09 2.20
C CYS A 13 11.21 2.08 1.03
N LYS A 14 10.72 3.30 1.25
CA LYS A 14 10.76 4.33 0.23
C LYS A 14 12.18 4.81 -0.01
N HIS A 15 13.05 4.58 0.97
CA HIS A 15 14.45 5.00 0.87
C HIS A 15 15.23 4.04 -0.02
N TRP A 16 15.25 2.77 0.37
CA TRP A 16 15.97 1.75 -0.39
C TRP A 16 15.65 1.85 -1.88
N LEU A 17 14.40 2.18 -2.19
CA LEU A 17 13.96 2.30 -3.57
C LEU A 17 14.94 3.13 -4.38
N ARG A 18 15.20 4.35 -3.92
CA ARG A 18 16.13 5.23 -4.62
C ARG A 18 17.54 5.09 -4.05
N GLY A 19 17.75 4.05 -3.25
CA GLY A 19 19.06 3.81 -2.66
C GLY A 19 19.41 4.84 -1.61
N LEU A 20 18.50 5.05 -0.65
CA LEU A 20 18.73 6.02 0.41
C LEU A 20 18.71 5.34 1.78
N CYS A 21 18.98 4.04 1.79
CA CYS A 21 19.00 3.27 3.03
C CYS A 21 20.31 2.53 3.19
N LYS A 22 20.70 2.28 4.44
CA LYS A 22 21.95 1.56 4.72
C LYS A 22 21.72 0.50 5.78
N LYS A 23 20.48 0.04 5.91
CA LYS A 23 20.13 -0.98 6.89
C LYS A 23 20.08 -2.36 6.24
N GLY A 24 19.28 -2.49 5.19
CA GLY A 24 19.15 -3.75 4.49
C GLY A 24 18.17 -4.69 5.17
N ASP A 25 18.71 -5.74 5.80
CA ASP A 25 17.87 -6.71 6.49
C ASP A 25 17.50 -6.22 7.88
N GLN A 26 18.07 -5.09 8.28
CA GLN A 26 17.80 -4.52 9.60
C GLN A 26 16.66 -3.50 9.51
N CYS A 27 16.45 -2.95 8.32
CA CYS A 27 15.39 -1.97 8.11
C CYS A 27 14.07 -2.45 8.70
N GLU A 28 13.12 -1.54 8.83
CA GLU A 28 11.81 -1.87 9.38
C GLU A 28 10.78 -2.04 8.27
N PHE A 29 11.24 -1.86 7.03
CA PHE A 29 10.34 -1.99 5.87
C PHE A 29 10.89 -3.00 4.87
N LEU A 30 10.05 -3.43 3.94
CA LEU A 30 10.45 -4.39 2.93
C LEU A 30 11.37 -3.75 1.90
N HIS A 31 12.41 -4.48 1.49
CA HIS A 31 13.35 -3.98 0.50
C HIS A 31 13.15 -4.67 -0.84
N GLU A 32 11.94 -5.20 -1.05
CA GLU A 32 11.61 -5.88 -2.29
C GLU A 32 10.40 -5.25 -2.96
N TYR A 33 10.48 -5.07 -4.28
CA TYR A 33 9.39 -4.47 -5.04
C TYR A 33 8.25 -5.48 -5.23
N ASP A 34 7.17 -5.31 -4.47
CA ASP A 34 6.02 -6.20 -4.55
C ASP A 34 4.74 -5.40 -4.78
N MET A 35 3.92 -5.86 -5.72
CA MET A 35 2.66 -5.18 -6.03
C MET A 35 1.62 -5.46 -4.95
N THR A 36 1.92 -6.41 -4.08
CA THR A 36 1.01 -6.77 -2.99
C THR A 36 1.47 -6.20 -1.66
N LYS A 37 2.78 -5.98 -1.55
CA LYS A 37 3.35 -5.43 -0.32
C LYS A 37 3.45 -3.91 -0.41
N MET A 38 3.88 -3.41 -1.56
CA MET A 38 4.02 -1.98 -1.76
C MET A 38 2.68 -1.26 -1.58
N PRO A 39 2.74 0.02 -1.19
CA PRO A 39 1.54 0.83 -0.96
C PRO A 39 0.80 1.16 -2.26
N GLU A 40 -0.46 1.51 -2.14
CA GLU A 40 -1.27 1.84 -3.32
C GLU A 40 -1.02 3.28 -3.76
N CYS A 41 -1.59 3.65 -4.90
CA CYS A 41 -1.43 4.99 -5.44
C CYS A 41 -2.04 6.03 -4.50
N TYR A 42 -1.19 6.90 -3.96
CA TYR A 42 -1.65 7.94 -3.06
C TYR A 42 -2.80 8.73 -3.66
N PHE A 43 -2.69 9.05 -4.95
CA PHE A 43 -3.72 9.80 -5.65
C PHE A 43 -5.04 9.02 -5.66
N TYR A 44 -5.03 7.85 -6.28
CA TYR A 44 -6.23 7.02 -6.36
C TYR A 44 -6.72 6.64 -4.97
N SER A 45 -5.82 6.69 -3.99
CA SER A 45 -6.17 6.35 -2.62
C SER A 45 -6.61 7.59 -1.84
N LYS A 46 -6.35 8.77 -2.41
CA LYS A 46 -6.71 10.02 -1.78
C LYS A 46 -7.93 10.64 -2.46
N PHE A 47 -7.77 11.02 -3.72
CA PHE A 47 -8.87 11.62 -4.48
C PHE A 47 -9.61 10.56 -5.28
N GLY A 48 -8.91 9.48 -5.64
CA GLY A 48 -9.52 8.41 -6.40
C GLY A 48 -9.60 8.73 -7.89
N GLU A 49 -8.63 9.52 -8.37
CA GLU A 49 -8.58 9.90 -9.77
C GLU A 49 -7.16 9.91 -10.29
N CYS A 50 -6.84 8.98 -11.19
CA CYS A 50 -5.51 8.87 -11.76
C CYS A 50 -5.58 8.57 -13.24
N SER A 51 -4.95 9.42 -14.06
CA SER A 51 -4.94 9.23 -15.51
C SER A 51 -3.63 8.61 -15.97
N ASN A 52 -3.17 7.60 -15.23
CA ASN A 52 -1.92 6.93 -15.57
C ASN A 52 -2.17 5.45 -15.86
N LYS A 53 -1.99 5.06 -17.11
CA LYS A 53 -2.19 3.68 -17.53
C LYS A 53 -1.05 2.79 -17.02
N GLU A 54 0.17 3.31 -17.10
CA GLU A 54 1.34 2.57 -16.65
C GLU A 54 1.78 3.01 -15.26
N CYS A 55 0.80 3.24 -14.38
CA CYS A 55 1.08 3.68 -13.02
C CYS A 55 1.67 2.54 -12.20
N PRO A 56 2.89 2.76 -11.67
CA PRO A 56 3.58 1.76 -10.85
C PRO A 56 2.92 1.56 -9.50
N PHE A 57 1.81 2.24 -9.27
CA PHE A 57 1.07 2.13 -8.01
C PHE A 57 -0.23 1.38 -8.21
N LEU A 58 -0.75 0.82 -7.12
CA LEU A 58 -2.01 0.07 -7.18
C LEU A 58 -3.20 1.01 -7.29
N HIS A 59 -4.17 0.64 -8.13
CA HIS A 59 -5.36 1.45 -8.33
C HIS A 59 -6.60 0.74 -7.79
N ILE A 60 -6.98 1.06 -6.56
CA ILE A 60 -8.15 0.45 -5.95
C ILE A 60 -9.35 1.38 -6.00
N ASP A 61 -10.48 0.85 -6.49
CA ASP A 61 -11.70 1.63 -6.60
C ASP A 61 -12.18 2.10 -5.22
N PRO A 62 -12.66 3.35 -5.15
CA PRO A 62 -13.15 3.94 -3.90
C PRO A 62 -14.45 3.31 -3.43
N GLU A 63 -14.93 2.32 -4.19
CA GLU A 63 -16.17 1.63 -3.85
C GLU A 63 -15.89 0.28 -3.21
N SER A 64 -14.61 -0.09 -3.16
CA SER A 64 -14.20 -1.36 -2.57
C SER A 64 -13.57 -1.16 -1.21
N LYS A 65 -12.99 0.02 -1.00
CA LYS A 65 -12.35 0.35 0.26
C LYS A 65 -13.34 0.96 1.24
N ILE A 66 -14.47 0.29 1.44
CA ILE A 66 -15.50 0.76 2.35
C ILE A 66 -15.43 0.03 3.70
N LYS A 67 -15.76 0.75 4.77
CA LYS A 67 -15.74 0.16 6.10
C LYS A 67 -17.15 -0.18 6.58
N ASP A 68 -18.13 0.58 6.08
CA ASP A 68 -19.52 0.34 6.45
C ASP A 68 -20.23 -0.49 5.40
N CYS A 69 -19.57 -1.55 4.94
CA CYS A 69 -20.13 -2.44 3.93
C CYS A 69 -20.36 -3.83 4.49
N PRO A 70 -21.45 -4.48 4.05
CA PRO A 70 -21.81 -5.83 4.50
C PRO A 70 -20.86 -6.88 3.97
N TRP A 71 -19.90 -6.46 3.15
CA TRP A 71 -18.92 -7.37 2.57
C TRP A 71 -17.76 -7.61 3.53
N SER A 72 -16.92 -8.59 3.21
CA SER A 72 -15.78 -8.92 4.06
C SER A 72 -14.69 -9.62 3.24
N GLY A 73 -13.57 -8.93 3.05
CA GLY A 73 -12.47 -9.51 2.29
C GLY A 73 -12.89 -9.95 0.91
N PRO A 74 -12.05 -10.76 0.26
CA PRO A 74 -12.32 -11.27 -1.09
C PRO A 74 -13.47 -12.28 -1.11
N SER A 75 -13.80 -12.81 0.06
CA SER A 75 -14.88 -13.78 0.17
C SER A 75 -16.10 -13.35 -0.63
N SER A 76 -16.61 -12.16 -0.33
CA SER A 76 -17.77 -11.63 -1.03
C SER A 76 -17.77 -12.05 -2.50
N GLY A 77 -16.63 -11.86 -3.16
CA GLY A 77 -16.52 -12.22 -4.56
C GLY A 77 -17.60 -11.60 -5.41
N GLY A 1 -11.78 2.43 17.50
CA GLY A 1 -10.75 3.16 18.21
C GLY A 1 -9.37 2.93 17.61
N SER A 2 -8.62 1.98 18.16
CA SER A 2 -7.28 1.69 17.67
C SER A 2 -7.32 0.55 16.64
N SER A 3 -6.94 0.87 15.42
CA SER A 3 -6.93 -0.12 14.34
C SER A 3 -5.56 -0.79 14.24
N GLY A 4 -4.83 -0.82 15.34
CA GLY A 4 -3.51 -1.43 15.35
C GLY A 4 -2.41 -0.41 15.28
N SER A 5 -1.30 -0.68 15.99
CA SER A 5 -0.17 0.24 16.01
C SER A 5 1.04 -0.38 15.31
N SER A 6 1.38 -1.62 15.70
CA SER A 6 2.51 -2.31 15.11
C SER A 6 2.46 -2.25 13.59
N GLY A 7 3.53 -1.71 13.00
CA GLY A 7 3.58 -1.60 11.55
C GLY A 7 4.66 -2.49 10.94
N GLU A 8 4.30 -3.72 10.63
CA GLU A 8 5.25 -4.66 10.05
C GLU A 8 5.91 -4.08 8.80
N LYS A 9 6.75 -4.87 8.15
CA LYS A 9 7.45 -4.42 6.95
C LYS A 9 6.49 -4.39 5.76
N THR A 10 5.22 -4.69 6.01
CA THR A 10 4.22 -4.70 4.96
C THR A 10 4.51 -3.62 3.91
N VAL A 11 5.01 -2.48 4.37
CA VAL A 11 5.33 -1.38 3.48
C VAL A 11 6.77 -1.47 2.98
N VAL A 12 6.97 -1.12 1.72
CA VAL A 12 8.31 -1.17 1.12
C VAL A 12 9.07 0.13 1.38
N CYS A 13 10.27 -0.01 1.94
CA CYS A 13 11.10 1.15 2.25
C CYS A 13 11.12 2.13 1.08
N LYS A 14 10.65 3.35 1.34
CA LYS A 14 10.61 4.39 0.31
C LYS A 14 12.01 4.85 -0.05
N HIS A 15 12.95 4.64 0.86
CA HIS A 15 14.34 5.03 0.64
C HIS A 15 15.05 4.03 -0.28
N TRP A 16 15.22 2.81 0.21
CA TRP A 16 15.89 1.77 -0.56
C TRP A 16 15.45 1.81 -2.02
N LEU A 17 14.19 2.13 -2.25
CA LEU A 17 13.65 2.22 -3.60
C LEU A 17 14.63 2.94 -4.54
N ARG A 18 14.91 4.19 -4.23
CA ARG A 18 15.82 4.99 -5.04
C ARG A 18 17.27 4.78 -4.59
N GLY A 19 17.48 3.76 -3.77
CA GLY A 19 18.82 3.47 -3.28
C GLY A 19 19.32 4.51 -2.30
N LEU A 20 18.52 4.81 -1.28
CA LEU A 20 18.89 5.79 -0.28
C LEU A 20 18.83 5.20 1.12
N CYS A 21 19.14 3.91 1.22
CA CYS A 21 19.12 3.22 2.51
C CYS A 21 20.41 2.42 2.71
N LYS A 22 20.84 2.34 3.97
CA LYS A 22 22.07 1.61 4.30
C LYS A 22 21.81 0.60 5.42
N LYS A 23 20.56 0.15 5.52
CA LYS A 23 20.18 -0.82 6.55
C LYS A 23 19.98 -2.20 5.93
N GLY A 24 19.06 -2.30 4.97
CA GLY A 24 18.79 -3.56 4.32
C GLY A 24 18.00 -4.51 5.20
N ASP A 25 18.68 -5.56 5.68
CA ASP A 25 18.03 -6.54 6.54
C ASP A 25 17.71 -5.95 7.91
N GLN A 26 18.34 -4.82 8.22
CA GLN A 26 18.13 -4.15 9.50
C GLN A 26 16.98 -3.16 9.41
N CYS A 27 16.68 -2.70 8.19
CA CYS A 27 15.60 -1.75 7.98
C CYS A 27 14.31 -2.24 8.64
N GLU A 28 13.34 -1.34 8.75
CA GLU A 28 12.05 -1.68 9.37
C GLU A 28 10.97 -1.84 8.30
N PHE A 29 11.36 -1.71 7.05
CA PHE A 29 10.43 -1.84 5.93
C PHE A 29 10.91 -2.89 4.93
N LEU A 30 10.03 -3.29 4.02
CA LEU A 30 10.37 -4.28 3.01
C LEU A 30 11.25 -3.68 1.93
N HIS A 31 12.22 -4.45 1.46
CA HIS A 31 13.14 -3.99 0.42
C HIS A 31 12.90 -4.74 -0.88
N GLU A 32 11.69 -5.29 -1.02
CA GLU A 32 11.33 -6.03 -2.23
C GLU A 32 10.11 -5.40 -2.91
N TYR A 33 10.17 -5.31 -4.24
CA TYR A 33 9.08 -4.73 -5.01
C TYR A 33 7.93 -5.72 -5.16
N ASP A 34 6.87 -5.51 -4.39
CA ASP A 34 5.70 -6.38 -4.44
C ASP A 34 4.43 -5.56 -4.68
N MET A 35 3.71 -5.91 -5.75
CA MET A 35 2.47 -5.21 -6.09
C MET A 35 1.41 -5.43 -5.01
N THR A 36 1.69 -6.34 -4.09
CA THR A 36 0.76 -6.65 -3.01
C THR A 36 1.21 -6.00 -1.70
N LYS A 37 2.46 -6.20 -1.33
CA LYS A 37 3.01 -5.64 -0.11
C LYS A 37 3.11 -4.12 -0.21
N MET A 38 3.53 -3.63 -1.37
CA MET A 38 3.67 -2.20 -1.59
C MET A 38 2.32 -1.50 -1.45
N PRO A 39 2.35 -0.24 -0.99
CA PRO A 39 1.14 0.56 -0.79
C PRO A 39 0.49 0.97 -2.12
N GLU A 40 -0.79 1.31 -2.07
CA GLU A 40 -1.52 1.72 -3.26
C GLU A 40 -1.23 3.18 -3.61
N CYS A 41 -1.73 3.61 -4.77
CA CYS A 41 -1.52 4.98 -5.22
C CYS A 41 -2.22 5.98 -4.29
N TYR A 42 -1.43 6.68 -3.49
CA TYR A 42 -1.97 7.66 -2.55
C TYR A 42 -3.08 8.48 -3.21
N PHE A 43 -2.94 8.74 -4.49
CA PHE A 43 -3.92 9.51 -5.24
C PHE A 43 -5.20 8.71 -5.44
N TYR A 44 -5.10 7.61 -6.17
CA TYR A 44 -6.26 6.75 -6.44
C TYR A 44 -6.82 6.18 -5.14
N SER A 45 -6.03 6.26 -4.08
CA SER A 45 -6.45 5.75 -2.77
C SER A 45 -7.14 6.84 -1.96
N LYS A 46 -6.79 8.09 -2.25
CA LYS A 46 -7.37 9.23 -1.55
C LYS A 46 -8.44 9.91 -2.40
N PHE A 47 -8.02 10.45 -3.54
CA PHE A 47 -8.94 11.13 -4.45
C PHE A 47 -9.65 10.13 -5.36
N GLY A 48 -8.96 9.04 -5.68
CA GLY A 48 -9.54 8.03 -6.55
C GLY A 48 -9.52 8.43 -8.00
N GLU A 49 -8.52 9.20 -8.40
CA GLU A 49 -8.39 9.65 -9.78
C GLU A 49 -6.93 9.78 -10.18
N CYS A 50 -6.49 8.92 -11.08
CA CYS A 50 -5.11 8.94 -11.56
C CYS A 50 -5.04 8.69 -13.06
N SER A 51 -4.35 9.58 -13.76
CA SER A 51 -4.20 9.46 -15.22
C SER A 51 -2.82 8.93 -15.58
N ASN A 52 -2.36 7.93 -14.84
CA ASN A 52 -1.05 7.33 -15.10
C ASN A 52 -1.19 5.90 -15.60
N LYS A 53 -1.11 5.73 -16.91
CA LYS A 53 -1.23 4.41 -17.52
C LYS A 53 -0.16 3.47 -16.99
N GLU A 54 1.06 3.99 -16.83
CA GLU A 54 2.17 3.19 -16.34
C GLU A 54 2.46 3.52 -14.87
N CYS A 55 1.40 3.62 -14.08
CA CYS A 55 1.53 3.93 -12.66
C CYS A 55 1.97 2.69 -11.88
N PRO A 56 3.16 2.76 -11.28
CA PRO A 56 3.73 1.66 -10.49
C PRO A 56 2.98 1.45 -9.18
N PHE A 57 1.91 2.22 -8.99
CA PHE A 57 1.11 2.12 -7.76
C PHE A 57 -0.20 1.39 -8.04
N LEU A 58 -0.73 0.72 -7.03
CA LEU A 58 -1.98 -0.02 -7.16
C LEU A 58 -3.16 0.94 -7.31
N HIS A 59 -4.07 0.60 -8.20
CA HIS A 59 -5.26 1.43 -8.44
C HIS A 59 -6.53 0.71 -8.00
N ILE A 60 -7.06 1.11 -6.84
CA ILE A 60 -8.28 0.51 -6.32
C ILE A 60 -9.44 1.49 -6.36
N ASP A 61 -10.56 1.05 -6.92
CA ASP A 61 -11.75 1.87 -7.03
C ASP A 61 -12.11 2.47 -5.67
N PRO A 62 -12.48 3.76 -5.66
CA PRO A 62 -12.85 4.48 -4.44
C PRO A 62 -14.19 3.99 -3.87
N GLU A 63 -14.78 3.00 -4.53
CA GLU A 63 -16.06 2.46 -4.10
C GLU A 63 -15.88 1.06 -3.50
N SER A 64 -14.70 0.47 -3.72
CA SER A 64 -14.41 -0.86 -3.21
C SER A 64 -13.74 -0.77 -1.85
N LYS A 65 -13.81 0.40 -1.23
CA LYS A 65 -13.21 0.61 0.08
C LYS A 65 -14.20 1.28 1.02
N ILE A 66 -15.10 2.08 0.46
CA ILE A 66 -16.10 2.78 1.25
C ILE A 66 -16.66 1.89 2.36
N LYS A 67 -16.99 2.50 3.49
CA LYS A 67 -17.53 1.76 4.63
C LYS A 67 -19.00 2.07 4.82
N ASP A 68 -19.31 3.32 5.14
CA ASP A 68 -20.69 3.74 5.36
C ASP A 68 -21.64 2.97 4.44
N CYS A 69 -21.25 2.80 3.19
CA CYS A 69 -22.07 2.08 2.22
C CYS A 69 -22.82 0.93 2.89
N PRO A 70 -23.99 0.59 2.34
CA PRO A 70 -24.83 -0.49 2.87
C PRO A 70 -24.21 -1.87 2.65
N TRP A 71 -23.22 -1.93 1.78
CA TRP A 71 -22.54 -3.18 1.47
C TRP A 71 -21.70 -3.65 2.65
N SER A 72 -22.28 -4.52 3.48
CA SER A 72 -21.58 -5.04 4.65
C SER A 72 -20.99 -6.41 4.36
N GLY A 73 -21.86 -7.39 4.15
CA GLY A 73 -21.40 -8.75 3.88
C GLY A 73 -20.54 -8.82 2.63
N PRO A 74 -20.54 -9.99 1.96
CA PRO A 74 -19.76 -10.20 0.75
C PRO A 74 -20.28 -9.40 -0.44
N SER A 75 -21.58 -9.13 -0.43
CA SER A 75 -22.21 -8.38 -1.51
C SER A 75 -23.04 -7.22 -0.95
N SER A 76 -23.91 -7.53 -0.01
CA SER A 76 -24.77 -6.52 0.60
C SER A 76 -25.59 -7.11 1.75
N GLY A 77 -25.63 -6.40 2.87
CA GLY A 77 -26.37 -6.88 4.02
C GLY A 77 -25.54 -7.75 4.93
N GLY A 1 -2.86 1.53 21.65
CA GLY A 1 -1.68 2.12 21.04
C GLY A 1 -1.00 1.18 20.08
N SER A 2 -0.35 1.74 19.05
CA SER A 2 0.34 0.94 18.05
C SER A 2 1.81 0.78 18.42
N SER A 3 2.08 0.51 19.69
CA SER A 3 3.44 0.34 20.17
C SER A 3 3.70 -1.11 20.57
N GLY A 4 2.94 -2.03 19.97
CA GLY A 4 3.10 -3.44 20.28
C GLY A 4 3.59 -4.24 19.09
N SER A 5 2.93 -5.36 18.82
CA SER A 5 3.31 -6.21 17.69
C SER A 5 2.65 -5.74 16.40
N SER A 6 2.78 -4.46 16.11
CA SER A 6 2.20 -3.88 14.91
C SER A 6 3.23 -3.04 14.16
N GLY A 7 2.95 -2.77 12.89
CA GLY A 7 3.85 -1.97 12.08
C GLY A 7 4.85 -2.82 11.33
N GLU A 8 4.41 -3.98 10.85
CA GLU A 8 5.28 -4.89 10.10
C GLU A 8 5.87 -4.20 8.89
N LYS A 9 6.71 -4.92 8.15
CA LYS A 9 7.34 -4.39 6.95
C LYS A 9 6.37 -4.40 5.77
N THR A 10 5.10 -4.64 6.06
CA THR A 10 4.07 -4.68 5.01
C THR A 10 4.35 -3.65 3.93
N VAL A 11 4.86 -2.50 4.34
CA VAL A 11 5.18 -1.43 3.39
C VAL A 11 6.62 -1.52 2.93
N VAL A 12 6.85 -1.16 1.67
CA VAL A 12 8.19 -1.21 1.09
C VAL A 12 8.94 0.11 1.34
N CYS A 13 10.16 -0.01 1.86
CA CYS A 13 10.97 1.17 2.14
C CYS A 13 10.99 2.12 0.96
N LYS A 14 10.93 3.42 1.25
CA LYS A 14 10.93 4.44 0.21
C LYS A 14 12.36 4.85 -0.13
N HIS A 15 13.29 4.59 0.79
CA HIS A 15 14.69 4.94 0.59
C HIS A 15 15.38 3.93 -0.33
N TRP A 16 15.34 2.66 0.07
CA TRP A 16 15.96 1.59 -0.72
C TRP A 16 15.53 1.68 -2.17
N LEU A 17 14.27 2.05 -2.40
CA LEU A 17 13.74 2.16 -3.75
C LEU A 17 14.71 2.92 -4.65
N ARG A 18 15.23 4.04 -4.15
CA ARG A 18 16.17 4.86 -4.90
C ARG A 18 17.60 4.62 -4.43
N GLY A 19 17.79 3.59 -3.61
CA GLY A 19 19.11 3.29 -3.09
C GLY A 19 19.60 4.32 -2.10
N LEU A 20 18.71 4.77 -1.23
CA LEU A 20 19.06 5.76 -0.22
C LEU A 20 19.00 5.18 1.18
N CYS A 21 19.14 3.85 1.26
CA CYS A 21 19.09 3.16 2.54
C CYS A 21 20.36 2.33 2.75
N LYS A 22 20.76 2.18 4.01
CA LYS A 22 21.95 1.41 4.34
C LYS A 22 21.68 0.47 5.51
N LYS A 23 20.42 0.05 5.65
CA LYS A 23 20.04 -0.85 6.73
C LYS A 23 19.84 -2.27 6.20
N GLY A 24 19.32 -2.39 4.98
CA GLY A 24 19.10 -3.69 4.39
C GLY A 24 18.19 -4.56 5.23
N ASP A 25 18.79 -5.45 6.02
CA ASP A 25 18.02 -6.34 6.88
C ASP A 25 17.73 -5.70 8.22
N GLN A 26 18.21 -4.46 8.39
CA GLN A 26 18.00 -3.72 9.63
C GLN A 26 16.83 -2.76 9.50
N CYS A 27 16.47 -2.43 8.27
CA CYS A 27 15.37 -1.51 8.01
C CYS A 27 14.08 -2.03 8.63
N GLU A 28 13.08 -1.14 8.72
CA GLU A 28 11.80 -1.51 9.30
C GLU A 28 10.75 -1.72 8.20
N PHE A 29 11.18 -1.62 6.95
CA PHE A 29 10.28 -1.79 5.82
C PHE A 29 10.82 -2.86 4.87
N LEU A 30 9.98 -3.29 3.94
CA LEU A 30 10.37 -4.31 2.96
C LEU A 30 11.32 -3.73 1.92
N HIS A 31 12.31 -4.52 1.54
CA HIS A 31 13.29 -4.09 0.54
C HIS A 31 13.11 -4.86 -0.77
N GLU A 32 11.89 -5.32 -1.02
CA GLU A 32 11.59 -6.07 -2.23
C GLU A 32 10.34 -5.53 -2.91
N TYR A 33 10.45 -5.22 -4.20
CA TYR A 33 9.33 -4.70 -4.96
C TYR A 33 8.19 -5.70 -5.02
N ASP A 34 7.15 -5.46 -4.24
CA ASP A 34 5.98 -6.35 -4.20
C ASP A 34 4.70 -5.58 -4.48
N MET A 35 4.03 -5.95 -5.57
CA MET A 35 2.78 -5.28 -5.96
C MET A 35 1.73 -5.43 -4.86
N THR A 36 1.86 -6.49 -4.06
CA THR A 36 0.92 -6.74 -2.98
C THR A 36 1.35 -6.03 -1.70
N LYS A 37 2.58 -6.28 -1.29
CA LYS A 37 3.12 -5.67 -0.08
C LYS A 37 3.13 -4.14 -0.20
N MET A 38 3.60 -3.65 -1.34
CA MET A 38 3.66 -2.21 -1.58
C MET A 38 2.27 -1.59 -1.50
N PRO A 39 2.21 -0.34 -1.04
CA PRO A 39 0.95 0.40 -0.91
C PRO A 39 0.35 0.77 -2.27
N GLU A 40 -0.89 1.25 -2.24
CA GLU A 40 -1.58 1.63 -3.47
C GLU A 40 -1.30 3.08 -3.81
N CYS A 41 -1.82 3.54 -4.95
CA CYS A 41 -1.63 4.91 -5.39
C CYS A 41 -2.25 5.90 -4.41
N TYR A 42 -1.41 6.64 -3.71
CA TYR A 42 -1.88 7.62 -2.73
C TYR A 42 -3.00 8.47 -3.31
N PHE A 43 -2.92 8.75 -4.61
CA PHE A 43 -3.94 9.54 -5.28
C PHE A 43 -5.23 8.76 -5.45
N TYR A 44 -5.18 7.71 -6.27
CA TYR A 44 -6.35 6.88 -6.52
C TYR A 44 -6.89 6.30 -5.21
N SER A 45 -6.07 6.35 -4.16
CA SER A 45 -6.46 5.82 -2.86
C SER A 45 -7.11 6.91 -2.01
N LYS A 46 -6.70 8.16 -2.24
CA LYS A 46 -7.24 9.29 -1.49
C LYS A 46 -8.27 10.05 -2.33
N PHE A 47 -7.82 10.61 -3.44
CA PHE A 47 -8.71 11.37 -4.32
C PHE A 47 -9.49 10.43 -5.23
N GLY A 48 -8.91 9.27 -5.52
CA GLY A 48 -9.57 8.30 -6.39
C GLY A 48 -9.58 8.74 -7.84
N GLU A 49 -8.53 9.42 -8.26
CA GLU A 49 -8.43 9.91 -9.63
C GLU A 49 -6.98 9.98 -10.08
N CYS A 50 -6.61 9.11 -11.03
CA CYS A 50 -5.24 9.08 -11.54
C CYS A 50 -5.24 8.88 -13.05
N SER A 51 -4.54 9.77 -13.75
CA SER A 51 -4.46 9.70 -15.21
C SER A 51 -3.12 9.10 -15.64
N ASN A 52 -2.63 8.13 -14.89
CA ASN A 52 -1.36 7.48 -15.19
C ASN A 52 -1.59 6.11 -15.83
N LYS A 53 -1.13 5.96 -17.07
CA LYS A 53 -1.29 4.70 -17.79
C LYS A 53 -0.29 3.66 -17.29
N GLU A 54 0.92 4.11 -16.97
CA GLU A 54 1.96 3.22 -16.48
C GLU A 54 2.27 3.50 -15.01
N CYS A 55 1.22 3.64 -14.21
CA CYS A 55 1.37 3.91 -12.78
C CYS A 55 1.87 2.68 -12.05
N PRO A 56 3.08 2.78 -11.46
CA PRO A 56 3.69 1.69 -10.71
C PRO A 56 2.97 1.39 -9.40
N PHE A 57 1.88 2.12 -9.16
CA PHE A 57 1.10 1.94 -7.94
C PHE A 57 -0.19 1.17 -8.23
N LEU A 58 -0.87 0.75 -7.17
CA LEU A 58 -2.11 0.01 -7.30
C LEU A 58 -3.30 0.95 -7.45
N HIS A 59 -4.21 0.62 -8.38
CA HIS A 59 -5.38 1.45 -8.61
C HIS A 59 -6.66 0.70 -8.20
N ILE A 60 -7.14 1.00 -7.01
CA ILE A 60 -8.35 0.37 -6.49
C ILE A 60 -9.51 1.35 -6.42
N ASP A 61 -10.70 0.88 -6.80
CA ASP A 61 -11.88 1.73 -6.78
C ASP A 61 -12.24 2.13 -5.35
N PRO A 62 -12.64 3.41 -5.18
CA PRO A 62 -13.01 3.95 -3.87
C PRO A 62 -14.32 3.37 -3.35
N GLU A 63 -14.93 2.49 -4.15
CA GLU A 63 -16.18 1.86 -3.77
C GLU A 63 -15.95 0.47 -3.18
N SER A 64 -14.74 -0.05 -3.39
CA SER A 64 -14.38 -1.37 -2.88
C SER A 64 -13.75 -1.28 -1.50
N LYS A 65 -13.23 -0.10 -1.18
CA LYS A 65 -12.59 0.13 0.11
C LYS A 65 -13.56 0.80 1.08
N ILE A 66 -14.76 0.25 1.19
CA ILE A 66 -15.78 0.79 2.08
C ILE A 66 -16.02 -0.14 3.26
N LYS A 67 -16.28 0.45 4.43
CA LYS A 67 -16.53 -0.33 5.64
C LYS A 67 -17.95 -0.10 6.14
N ASP A 68 -18.53 1.04 5.77
CA ASP A 68 -19.89 1.37 6.18
C ASP A 68 -20.90 0.39 5.58
N CYS A 69 -20.96 0.35 4.25
CA CYS A 69 -21.88 -0.55 3.56
C CYS A 69 -21.90 -1.92 4.22
N PRO A 70 -22.96 -2.69 3.93
CA PRO A 70 -23.13 -4.04 4.48
C PRO A 70 -22.12 -5.03 3.91
N TRP A 71 -21.21 -4.53 3.08
CA TRP A 71 -20.19 -5.37 2.47
C TRP A 71 -18.82 -4.72 2.54
N SER A 72 -17.80 -5.50 2.91
CA SER A 72 -16.45 -4.99 3.03
C SER A 72 -15.43 -6.12 2.91
N GLY A 73 -14.17 -5.76 2.69
CA GLY A 73 -13.12 -6.75 2.56
C GLY A 73 -12.96 -7.24 1.14
N PRO A 74 -12.23 -8.34 0.97
CA PRO A 74 -11.99 -8.94 -0.36
C PRO A 74 -13.24 -9.57 -0.94
N SER A 75 -14.26 -9.74 -0.10
CA SER A 75 -15.51 -10.33 -0.55
C SER A 75 -16.69 -9.38 -0.30
N SER A 76 -17.34 -8.97 -1.38
CA SER A 76 -18.46 -8.05 -1.29
C SER A 76 -19.67 -8.60 -2.04
N GLY A 77 -20.82 -8.63 -1.37
CA GLY A 77 -22.02 -9.13 -2.00
C GLY A 77 -23.07 -9.56 -0.98
N GLY A 1 -8.08 -8.78 17.91
CA GLY A 1 -7.35 -9.93 17.45
C GLY A 1 -5.92 -9.96 17.95
N SER A 2 -5.17 -8.89 17.68
CA SER A 2 -3.78 -8.79 18.11
C SER A 2 -3.03 -10.09 17.81
N SER A 3 -3.26 -10.63 16.62
CA SER A 3 -2.61 -11.87 16.20
C SER A 3 -1.28 -11.58 15.51
N GLY A 4 -0.68 -10.45 15.86
CA GLY A 4 0.59 -10.07 15.26
C GLY A 4 0.74 -8.58 15.11
N SER A 5 1.98 -8.12 14.92
CA SER A 5 2.26 -6.70 14.78
C SER A 5 1.26 -6.04 13.83
N SER A 6 1.27 -4.72 13.80
CA SER A 6 0.36 -3.96 12.93
C SER A 6 1.12 -3.28 11.81
N GLY A 7 2.18 -2.56 12.16
CA GLY A 7 2.98 -1.87 11.16
C GLY A 7 4.11 -2.73 10.64
N GLU A 8 3.78 -3.94 10.19
CA GLU A 8 4.78 -4.85 9.66
C GLU A 8 5.51 -4.24 8.46
N LYS A 9 6.42 -5.01 7.87
CA LYS A 9 7.18 -4.54 6.71
C LYS A 9 6.31 -4.52 5.46
N THR A 10 5.03 -4.84 5.64
CA THR A 10 4.09 -4.85 4.52
C THR A 10 4.43 -3.77 3.50
N VAL A 11 4.84 -2.61 4.01
CA VAL A 11 5.18 -1.48 3.16
C VAL A 11 6.65 -1.52 2.77
N VAL A 12 6.95 -1.18 1.51
CA VAL A 12 8.31 -1.18 1.01
C VAL A 12 9.03 0.13 1.37
N CYS A 13 10.18 0.01 2.02
CA CYS A 13 10.95 1.17 2.42
C CYS A 13 11.00 2.21 1.30
N LYS A 14 10.90 3.48 1.68
CA LYS A 14 10.94 4.57 0.71
C LYS A 14 12.37 5.00 0.42
N HIS A 15 13.24 4.86 1.41
CA HIS A 15 14.64 5.22 1.25
C HIS A 15 15.37 4.25 0.32
N TRP A 16 15.26 2.96 0.63
CA TRP A 16 15.91 1.93 -0.18
C TRP A 16 15.52 2.07 -1.65
N LEU A 17 14.25 2.36 -1.89
CA LEU A 17 13.75 2.52 -3.26
C LEU A 17 14.63 3.47 -4.06
N ARG A 18 14.96 4.60 -3.45
CA ARG A 18 15.80 5.59 -4.10
C ARG A 18 17.26 5.43 -3.67
N GLY A 19 17.60 4.26 -3.15
CA GLY A 19 18.96 4.00 -2.72
C GLY A 19 19.43 5.00 -1.67
N LEU A 20 18.64 5.16 -0.61
CA LEU A 20 18.98 6.08 0.46
C LEU A 20 18.89 5.39 1.82
N CYS A 21 19.11 4.08 1.83
CA CYS A 21 19.05 3.30 3.06
C CYS A 21 20.29 2.43 3.21
N LYS A 22 20.68 2.15 4.45
CA LYS A 22 21.85 1.33 4.72
C LYS A 22 21.53 0.28 5.78
N LYS A 23 20.26 -0.08 5.90
CA LYS A 23 19.82 -1.07 6.88
C LYS A 23 19.69 -2.44 6.24
N GLY A 24 19.23 -2.46 4.99
CA GLY A 24 19.06 -3.72 4.28
C GLY A 24 18.04 -4.62 4.93
N ASP A 25 18.51 -5.70 5.55
CA ASP A 25 17.62 -6.65 6.21
C ASP A 25 17.29 -6.19 7.63
N GLN A 26 17.86 -5.06 8.02
CA GLN A 26 17.63 -4.50 9.35
C GLN A 26 16.47 -3.50 9.33
N CYS A 27 16.23 -2.92 8.16
CA CYS A 27 15.15 -1.94 8.00
C CYS A 27 13.83 -2.49 8.54
N GLU A 28 12.93 -1.58 8.90
CA GLU A 28 11.63 -1.97 9.43
C GLU A 28 10.61 -2.16 8.31
N PHE A 29 11.05 -1.89 7.08
CA PHE A 29 10.18 -2.03 5.92
C PHE A 29 10.77 -3.02 4.91
N LEU A 30 9.95 -3.42 3.94
CA LEU A 30 10.38 -4.37 2.92
C LEU A 30 11.30 -3.69 1.91
N HIS A 31 12.37 -4.37 1.53
CA HIS A 31 13.32 -3.84 0.56
C HIS A 31 13.17 -4.55 -0.78
N GLU A 32 11.98 -5.04 -1.06
CA GLU A 32 11.70 -5.74 -2.31
C GLU A 32 10.44 -5.19 -2.99
N TYR A 33 10.57 -4.81 -4.24
CA TYR A 33 9.45 -4.27 -4.99
C TYR A 33 8.38 -5.34 -5.23
N ASP A 34 7.30 -5.27 -4.47
CA ASP A 34 6.21 -6.23 -4.60
C ASP A 34 4.88 -5.52 -4.78
N MET A 35 4.34 -5.60 -5.99
CA MET A 35 3.07 -4.96 -6.30
C MET A 35 2.06 -5.19 -5.18
N THR A 36 2.27 -6.25 -4.41
CA THR A 36 1.38 -6.59 -3.31
C THR A 36 1.87 -5.98 -1.99
N LYS A 37 3.14 -6.19 -1.69
CA LYS A 37 3.73 -5.65 -0.47
C LYS A 37 4.15 -4.19 -0.66
N MET A 38 3.49 -3.51 -1.59
CA MET A 38 3.78 -2.11 -1.87
C MET A 38 2.55 -1.24 -1.64
N PRO A 39 2.78 0.04 -1.32
CA PRO A 39 1.69 1.00 -1.07
C PRO A 39 0.94 1.36 -2.35
N GLU A 40 -0.39 1.36 -2.26
CA GLU A 40 -1.22 1.69 -3.41
C GLU A 40 -0.97 3.12 -3.89
N CYS A 41 -1.50 3.45 -5.05
CA CYS A 41 -1.34 4.79 -5.62
C CYS A 41 -1.85 5.86 -4.66
N TYR A 42 -0.94 6.66 -4.14
CA TYR A 42 -1.29 7.72 -3.20
C TYR A 42 -2.44 8.57 -3.76
N PHE A 43 -2.40 8.84 -5.05
CA PHE A 43 -3.43 9.63 -5.71
C PHE A 43 -4.77 8.93 -5.64
N TYR A 44 -4.84 7.73 -6.23
CA TYR A 44 -6.08 6.95 -6.25
C TYR A 44 -6.53 6.62 -4.83
N SER A 45 -5.59 6.66 -3.90
CA SER A 45 -5.89 6.36 -2.50
C SER A 45 -6.24 7.62 -1.73
N LYS A 46 -5.92 8.77 -2.33
CA LYS A 46 -6.20 10.06 -1.70
C LYS A 46 -7.43 10.71 -2.33
N PHE A 47 -7.30 11.07 -3.61
CA PHE A 47 -8.40 11.70 -4.33
C PHE A 47 -9.22 10.66 -5.09
N GLY A 48 -8.59 9.56 -5.45
CA GLY A 48 -9.28 8.50 -6.18
C GLY A 48 -9.41 8.81 -7.66
N GLU A 49 -8.44 9.55 -8.20
CA GLU A 49 -8.47 9.91 -9.61
C GLU A 49 -7.05 9.89 -10.20
N CYS A 50 -6.81 8.94 -11.10
CA CYS A 50 -5.50 8.82 -11.74
C CYS A 50 -5.65 8.48 -13.21
N SER A 51 -5.05 9.31 -14.07
CA SER A 51 -5.12 9.10 -15.51
C SER A 51 -3.84 8.45 -16.02
N ASN A 52 -3.37 7.43 -15.31
CA ASN A 52 -2.16 6.72 -15.69
C ASN A 52 -2.48 5.30 -16.16
N LYS A 53 -2.11 4.99 -17.40
CA LYS A 53 -2.36 3.68 -17.97
C LYS A 53 -1.35 2.66 -17.45
N GLU A 54 -0.09 3.08 -17.36
CA GLU A 54 0.97 2.19 -16.88
C GLU A 54 1.46 2.65 -15.51
N CYS A 55 0.52 2.92 -14.61
CA CYS A 55 0.85 3.37 -13.26
C CYS A 55 1.42 2.21 -12.44
N PRO A 56 2.66 2.38 -11.97
CA PRO A 56 3.35 1.36 -11.16
C PRO A 56 2.72 1.21 -9.77
N PHE A 57 1.63 1.93 -9.53
CA PHE A 57 0.95 1.88 -8.25
C PHE A 57 -0.38 1.14 -8.38
N LEU A 58 -0.86 0.60 -7.26
CA LEU A 58 -2.12 -0.13 -7.24
C LEU A 58 -3.31 0.83 -7.33
N HIS A 59 -4.28 0.49 -8.16
CA HIS A 59 -5.47 1.32 -8.34
C HIS A 59 -6.71 0.61 -7.81
N ILE A 60 -7.06 0.89 -6.56
CA ILE A 60 -8.23 0.28 -5.93
C ILE A 60 -9.38 1.28 -5.81
N ASP A 61 -10.58 0.83 -6.13
CA ASP A 61 -11.76 1.69 -6.05
C ASP A 61 -11.89 2.32 -4.67
N PRO A 62 -12.28 3.60 -4.63
CA PRO A 62 -12.44 4.34 -3.38
C PRO A 62 -13.64 3.85 -2.57
N GLU A 63 -14.33 2.85 -3.09
CA GLU A 63 -15.50 2.28 -2.41
C GLU A 63 -15.12 1.02 -1.65
N SER A 64 -14.03 0.38 -2.06
CA SER A 64 -13.56 -0.84 -1.42
C SER A 64 -12.52 -0.53 -0.35
N LYS A 65 -12.22 0.76 -0.16
CA LYS A 65 -11.25 1.19 0.82
C LYS A 65 -11.93 1.52 2.15
N ILE A 66 -13.16 2.00 2.07
CA ILE A 66 -13.92 2.35 3.26
C ILE A 66 -13.70 1.34 4.38
N LYS A 67 -13.79 1.80 5.62
CA LYS A 67 -13.61 0.93 6.78
C LYS A 67 -14.94 0.46 7.33
N ASP A 68 -15.77 1.42 7.75
CA ASP A 68 -17.08 1.11 8.30
C ASP A 68 -18.14 1.12 7.21
N CYS A 69 -18.26 0.02 6.50
CA CYS A 69 -19.24 -0.09 5.41
C CYS A 69 -20.37 -1.04 5.81
N PRO A 70 -21.59 -0.73 5.33
CA PRO A 70 -22.78 -1.55 5.62
C PRO A 70 -22.74 -2.90 4.92
N TRP A 71 -21.64 -3.17 4.23
CA TRP A 71 -21.48 -4.45 3.53
C TRP A 71 -20.88 -5.50 4.45
N SER A 72 -21.66 -6.54 4.73
CA SER A 72 -21.21 -7.62 5.61
C SER A 72 -20.91 -8.88 4.80
N GLY A 73 -21.90 -9.35 4.06
CA GLY A 73 -21.71 -10.54 3.25
C GLY A 73 -23.03 -11.19 2.85
N PRO A 74 -23.57 -12.03 3.75
CA PRO A 74 -24.84 -12.73 3.51
C PRO A 74 -26.04 -11.77 3.52
N SER A 75 -25.76 -10.48 3.69
CA SER A 75 -26.81 -9.48 3.72
C SER A 75 -26.69 -8.54 2.52
N SER A 76 -25.46 -8.22 2.15
CA SER A 76 -25.21 -7.32 1.02
C SER A 76 -26.18 -7.60 -0.12
N GLY A 77 -26.82 -6.54 -0.62
CA GLY A 77 -27.77 -6.68 -1.71
C GLY A 77 -27.14 -6.46 -3.07
N GLY A 1 -1.73 1.17 21.04
CA GLY A 1 -2.25 2.19 20.16
C GLY A 1 -2.25 1.76 18.70
N SER A 2 -3.31 2.08 17.98
CA SER A 2 -3.43 1.72 16.57
C SER A 2 -3.32 2.96 15.69
N SER A 3 -2.40 3.85 16.03
CA SER A 3 -2.20 5.09 15.27
C SER A 3 -0.90 5.01 14.48
N GLY A 4 0.09 4.32 15.03
CA GLY A 4 1.37 4.19 14.34
C GLY A 4 2.42 3.50 15.20
N SER A 5 2.20 2.21 15.47
CA SER A 5 3.13 1.44 16.28
C SER A 5 3.99 0.53 15.41
N SER A 6 5.12 0.11 15.96
CA SER A 6 6.04 -0.77 15.23
C SER A 6 5.28 -1.89 14.53
N GLY A 7 5.20 -1.82 13.21
CA GLY A 7 4.49 -2.83 12.45
C GLY A 7 5.43 -3.67 11.60
N GLU A 8 4.86 -4.54 10.77
CA GLU A 8 5.65 -5.40 9.90
C GLU A 8 6.18 -4.63 8.70
N LYS A 9 6.95 -5.31 7.85
CA LYS A 9 7.51 -4.69 6.67
C LYS A 9 6.50 -4.64 5.54
N THR A 10 5.24 -4.82 5.88
CA THR A 10 4.16 -4.80 4.89
C THR A 10 4.37 -3.69 3.88
N VAL A 11 5.06 -2.64 4.29
CA VAL A 11 5.34 -1.50 3.41
C VAL A 11 6.78 -1.53 2.93
N VAL A 12 6.98 -1.12 1.68
CA VAL A 12 8.32 -1.09 1.09
C VAL A 12 9.04 0.20 1.44
N CYS A 13 10.25 0.06 1.99
CA CYS A 13 11.05 1.21 2.37
C CYS A 13 11.01 2.29 1.29
N LYS A 14 10.91 3.54 1.71
CA LYS A 14 10.87 4.66 0.77
C LYS A 14 12.28 5.16 0.46
N HIS A 15 13.23 4.82 1.32
CA HIS A 15 14.61 5.24 1.14
C HIS A 15 15.33 4.31 0.16
N TRP A 16 15.33 3.02 0.47
CA TRP A 16 15.98 2.03 -0.38
C TRP A 16 15.56 2.20 -1.84
N LEU A 17 14.31 2.60 -2.04
CA LEU A 17 13.79 2.80 -3.39
C LEU A 17 14.77 3.59 -4.24
N ARG A 18 15.15 4.77 -3.76
CA ARG A 18 16.08 5.62 -4.47
C ARG A 18 17.51 5.38 -4.00
N GLY A 19 17.74 4.22 -3.38
CA GLY A 19 19.07 3.88 -2.90
C GLY A 19 19.55 4.84 -1.83
N LEU A 20 18.73 5.04 -0.80
CA LEU A 20 19.08 5.94 0.29
C LEU A 20 18.97 5.21 1.64
N CYS A 21 19.26 3.92 1.63
CA CYS A 21 19.21 3.12 2.85
C CYS A 21 20.45 2.25 2.99
N LYS A 22 20.87 2.02 4.23
CA LYS A 22 22.04 1.20 4.50
C LYS A 22 21.75 0.16 5.58
N LYS A 23 20.48 -0.23 5.68
CA LYS A 23 20.07 -1.23 6.67
C LYS A 23 19.90 -2.59 6.04
N GLY A 24 19.34 -2.61 4.83
CA GLY A 24 19.13 -3.86 4.12
C GLY A 24 18.30 -4.85 4.92
N ASP A 25 18.95 -5.68 5.72
CA ASP A 25 18.27 -6.67 6.53
C ASP A 25 17.96 -6.11 7.92
N GLN A 26 18.42 -4.89 8.17
CA GLN A 26 18.20 -4.25 9.47
C GLN A 26 17.03 -3.29 9.40
N CYS A 27 16.60 -2.96 8.18
CA CYS A 27 15.50 -2.04 7.98
C CYS A 27 14.21 -2.62 8.55
N GLU A 28 13.19 -1.77 8.70
CA GLU A 28 11.90 -2.20 9.23
C GLU A 28 10.88 -2.35 8.12
N PHE A 29 11.26 -1.96 6.91
CA PHE A 29 10.37 -2.05 5.75
C PHE A 29 10.92 -3.03 4.73
N LEU A 30 10.07 -3.44 3.78
CA LEU A 30 10.48 -4.37 2.74
C LEU A 30 11.39 -3.69 1.72
N HIS A 31 12.41 -4.42 1.28
CA HIS A 31 13.36 -3.89 0.30
C HIS A 31 13.16 -4.55 -1.06
N GLU A 32 11.99 -5.13 -1.26
CA GLU A 32 11.68 -5.80 -2.51
C GLU A 32 10.43 -5.19 -3.16
N TYR A 33 10.55 -4.84 -4.44
CA TYR A 33 9.43 -4.24 -5.16
C TYR A 33 8.28 -5.23 -5.31
N ASP A 34 7.24 -5.05 -4.52
CA ASP A 34 6.07 -5.92 -4.56
C ASP A 34 4.81 -5.13 -4.90
N MET A 35 3.92 -5.75 -5.65
CA MET A 35 2.67 -5.12 -6.05
C MET A 35 1.61 -5.25 -4.96
N THR A 36 1.84 -6.20 -4.04
CA THR A 36 0.90 -6.43 -2.95
C THR A 36 1.45 -5.88 -1.64
N LYS A 37 2.75 -6.06 -1.42
CA LYS A 37 3.39 -5.59 -0.20
C LYS A 37 3.71 -4.10 -0.30
N MET A 38 3.07 -3.41 -1.24
CA MET A 38 3.28 -1.99 -1.43
C MET A 38 1.98 -1.20 -1.27
N PRO A 39 2.10 0.05 -0.82
CA PRO A 39 0.94 0.93 -0.61
C PRO A 39 0.28 1.34 -1.92
N GLU A 40 -1.05 1.34 -1.93
CA GLU A 40 -1.80 1.72 -3.13
C GLU A 40 -1.50 3.17 -3.51
N CYS A 41 -1.82 3.52 -4.75
CA CYS A 41 -1.59 4.87 -5.25
C CYS A 41 -2.27 5.91 -4.35
N TYR A 42 -1.46 6.73 -3.70
CA TYR A 42 -1.97 7.77 -2.81
C TYR A 42 -3.05 8.60 -3.50
N PHE A 43 -2.85 8.86 -4.79
CA PHE A 43 -3.81 9.64 -5.56
C PHE A 43 -5.13 8.90 -5.70
N TYR A 44 -5.10 7.76 -6.39
CA TYR A 44 -6.29 6.97 -6.60
C TYR A 44 -6.87 6.48 -5.27
N SER A 45 -6.05 6.56 -4.23
CA SER A 45 -6.48 6.12 -2.89
C SER A 45 -7.12 7.27 -2.13
N LYS A 46 -6.74 8.50 -2.48
CA LYS A 46 -7.27 9.68 -1.82
C LYS A 46 -8.27 10.39 -2.72
N PHE A 47 -7.79 10.91 -3.85
CA PHE A 47 -8.64 11.61 -4.80
C PHE A 47 -9.44 10.64 -5.65
N GLY A 48 -8.85 9.47 -5.90
CA GLY A 48 -9.51 8.46 -6.70
C GLY A 48 -9.49 8.77 -8.18
N GLU A 49 -8.44 9.48 -8.61
CA GLU A 49 -8.30 9.85 -10.01
C GLU A 49 -6.83 9.83 -10.43
N CYS A 50 -6.48 8.89 -11.31
CA CYS A 50 -5.11 8.76 -11.79
C CYS A 50 -5.09 8.44 -13.28
N SER A 51 -4.50 9.32 -14.07
CA SER A 51 -4.41 9.13 -15.51
C SER A 51 -3.08 8.49 -15.89
N ASN A 52 -2.66 7.51 -15.12
CA ASN A 52 -1.40 6.81 -15.38
C ASN A 52 -1.65 5.36 -15.79
N LYS A 53 -1.62 5.12 -17.09
CA LYS A 53 -1.85 3.77 -17.62
C LYS A 53 -0.75 2.81 -17.15
N GLU A 54 0.43 3.35 -16.89
CA GLU A 54 1.55 2.54 -16.41
C GLU A 54 1.95 2.94 -15.00
N CYS A 55 0.96 3.07 -14.12
CA CYS A 55 1.20 3.45 -12.73
C CYS A 55 1.66 2.24 -11.92
N PRO A 56 2.87 2.33 -11.34
CA PRO A 56 3.44 1.27 -10.53
C PRO A 56 2.72 1.09 -9.20
N PHE A 57 1.65 1.85 -9.02
CA PHE A 57 0.87 1.78 -7.79
C PHE A 57 -0.45 1.07 -8.02
N LEU A 58 -1.07 0.59 -6.95
CA LEU A 58 -2.35 -0.11 -7.04
C LEU A 58 -3.50 0.87 -7.23
N HIS A 59 -4.40 0.52 -8.15
CA HIS A 59 -5.56 1.37 -8.42
C HIS A 59 -6.86 0.70 -7.98
N ILE A 60 -7.35 1.08 -6.82
CA ILE A 60 -8.58 0.52 -6.27
C ILE A 60 -9.70 1.55 -6.28
N ASP A 61 -10.90 1.11 -6.65
CA ASP A 61 -12.06 1.99 -6.70
C ASP A 61 -12.32 2.62 -5.34
N PRO A 62 -12.67 3.91 -5.34
CA PRO A 62 -12.95 4.66 -4.11
C PRO A 62 -14.25 4.20 -3.44
N GLU A 63 -14.90 3.22 -4.04
CA GLU A 63 -16.15 2.69 -3.50
C GLU A 63 -15.90 1.45 -2.63
N SER A 64 -14.75 0.83 -2.84
CA SER A 64 -14.39 -0.37 -2.09
C SER A 64 -13.94 -0.01 -0.68
N LYS A 65 -13.40 1.20 -0.53
CA LYS A 65 -12.93 1.66 0.77
C LYS A 65 -13.98 2.56 1.44
N ILE A 66 -14.99 1.93 2.04
CA ILE A 66 -16.05 2.67 2.71
C ILE A 66 -16.40 2.03 4.04
N LYS A 67 -16.85 2.85 4.99
CA LYS A 67 -17.22 2.35 6.31
C LYS A 67 -18.75 2.29 6.46
N ASP A 68 -19.42 3.40 6.12
CA ASP A 68 -20.87 3.47 6.22
C ASP A 68 -21.50 2.15 5.77
N CYS A 69 -21.12 1.69 4.59
CA CYS A 69 -21.66 0.44 4.05
C CYS A 69 -21.77 -0.62 5.14
N PRO A 70 -22.62 -1.62 4.89
CA PRO A 70 -22.84 -2.72 5.84
C PRO A 70 -21.62 -3.64 5.96
N TRP A 71 -20.57 -3.31 5.23
CA TRP A 71 -19.35 -4.11 5.24
C TRP A 71 -18.37 -3.59 6.28
N SER A 72 -17.89 -4.49 7.14
CA SER A 72 -16.95 -4.11 8.18
C SER A 72 -15.51 -4.40 7.76
N GLY A 73 -14.87 -3.39 7.15
CA GLY A 73 -13.51 -3.55 6.68
C GLY A 73 -13.36 -4.68 5.68
N PRO A 74 -12.11 -5.12 5.46
CA PRO A 74 -11.81 -6.19 4.50
C PRO A 74 -12.30 -7.55 5.00
N SER A 75 -12.24 -7.76 6.31
CA SER A 75 -12.67 -9.01 6.91
C SER A 75 -14.18 -9.21 6.71
N SER A 76 -14.94 -8.15 6.93
CA SER A 76 -16.39 -8.21 6.78
C SER A 76 -16.96 -9.43 7.50
N GLY A 77 -16.44 -9.71 8.68
CA GLY A 77 -16.90 -10.85 9.45
C GLY A 77 -16.64 -10.70 10.94
N GLY A 1 8.60 -11.78 19.61
CA GLY A 1 7.86 -10.57 19.33
C GLY A 1 6.87 -10.22 20.42
N SER A 2 7.37 -10.11 21.65
CA SER A 2 6.51 -9.78 22.80
C SER A 2 6.82 -8.38 23.31
N SER A 3 7.00 -7.44 22.40
CA SER A 3 7.31 -6.06 22.75
C SER A 3 6.14 -5.14 22.41
N GLY A 4 5.42 -5.47 21.34
CA GLY A 4 4.29 -4.67 20.92
C GLY A 4 4.42 -4.18 19.50
N SER A 5 4.81 -5.08 18.60
CA SER A 5 4.98 -4.73 17.19
C SER A 5 3.98 -5.48 16.32
N SER A 6 3.04 -4.74 15.73
CA SER A 6 2.02 -5.34 14.88
C SER A 6 2.34 -5.08 13.40
N GLY A 7 2.77 -3.87 13.09
CA GLY A 7 3.09 -3.52 11.72
C GLY A 7 4.33 -4.24 11.22
N GLU A 8 4.15 -5.06 10.20
CA GLU A 8 5.26 -5.82 9.62
C GLU A 8 5.89 -5.06 8.45
N LYS A 9 6.86 -5.69 7.80
CA LYS A 9 7.54 -5.08 6.67
C LYS A 9 6.64 -5.09 5.43
N THR A 10 5.42 -5.57 5.60
CA THR A 10 4.45 -5.63 4.50
C THR A 10 4.67 -4.48 3.53
N VAL A 11 5.04 -3.32 4.06
CA VAL A 11 5.27 -2.13 3.25
C VAL A 11 6.73 -2.05 2.81
N VAL A 12 6.94 -1.58 1.58
CA VAL A 12 8.30 -1.44 1.04
C VAL A 12 8.92 -0.13 1.47
N CYS A 13 10.14 -0.21 2.00
CA CYS A 13 10.85 0.98 2.45
C CYS A 13 10.77 2.10 1.41
N LYS A 14 10.64 3.33 1.89
CA LYS A 14 10.56 4.48 1.00
C LYS A 14 11.94 5.04 0.68
N HIS A 15 12.90 4.77 1.56
CA HIS A 15 14.27 5.23 1.38
C HIS A 15 15.00 4.38 0.35
N TRP A 16 15.04 3.07 0.60
CA TRP A 16 15.71 2.14 -0.29
C TRP A 16 15.23 2.34 -1.74
N LEU A 17 13.95 2.60 -1.89
CA LEU A 17 13.37 2.81 -3.21
C LEU A 17 14.20 3.80 -4.02
N ARG A 18 14.55 4.92 -3.41
CA ARG A 18 15.35 5.94 -4.07
C ARG A 18 16.83 5.81 -3.70
N GLY A 19 17.20 4.62 -3.24
CA GLY A 19 18.58 4.38 -2.86
C GLY A 19 19.05 5.31 -1.76
N LEU A 20 18.28 5.38 -0.67
CA LEU A 20 18.63 6.25 0.46
C LEU A 20 18.58 5.47 1.77
N CYS A 21 18.91 4.18 1.69
CA CYS A 21 18.92 3.32 2.87
C CYS A 21 20.18 2.47 2.92
N LYS A 22 20.68 2.23 4.12
CA LYS A 22 21.90 1.44 4.31
C LYS A 22 21.66 0.34 5.33
N LYS A 23 20.39 0.02 5.58
CA LYS A 23 20.03 -1.02 6.54
C LYS A 23 19.97 -2.38 5.87
N GLY A 24 19.31 -2.43 4.71
CA GLY A 24 19.19 -3.69 3.98
C GLY A 24 18.41 -4.73 4.76
N ASP A 25 19.07 -5.38 5.71
CA ASP A 25 18.42 -6.40 6.52
C ASP A 25 18.10 -5.87 7.91
N GLN A 26 18.48 -4.63 8.17
CA GLN A 26 18.23 -4.00 9.46
C GLN A 26 17.01 -3.09 9.39
N CYS A 27 16.56 -2.79 8.19
CA CYS A 27 15.40 -1.93 7.99
C CYS A 27 14.16 -2.56 8.59
N GLU A 28 13.10 -1.75 8.73
CA GLU A 28 11.84 -2.23 9.30
C GLU A 28 10.80 -2.43 8.20
N PHE A 29 11.18 -2.12 6.97
CA PHE A 29 10.28 -2.27 5.83
C PHE A 29 10.87 -3.21 4.78
N LEU A 30 10.03 -3.67 3.87
CA LEU A 30 10.47 -4.58 2.81
C LEU A 30 11.32 -3.85 1.79
N HIS A 31 12.36 -4.53 1.29
CA HIS A 31 13.26 -3.94 0.31
C HIS A 31 13.06 -4.59 -1.06
N GLU A 32 11.89 -5.16 -1.27
CA GLU A 32 11.58 -5.82 -2.54
C GLU A 32 10.34 -5.20 -3.19
N TYR A 33 10.45 -4.91 -4.49
CA TYR A 33 9.35 -4.30 -5.23
C TYR A 33 8.21 -5.30 -5.40
N ASP A 34 7.15 -5.11 -4.62
CA ASP A 34 5.99 -5.99 -4.68
C ASP A 34 4.71 -5.18 -4.96
N MET A 35 3.80 -5.78 -5.73
CA MET A 35 2.55 -5.12 -6.05
C MET A 35 1.56 -5.18 -4.89
N THR A 36 1.82 -6.10 -3.96
CA THR A 36 0.97 -6.26 -2.79
C THR A 36 1.62 -5.69 -1.54
N LYS A 37 2.93 -5.93 -1.40
CA LYS A 37 3.68 -5.43 -0.25
C LYS A 37 4.01 -3.96 -0.41
N MET A 38 3.35 -3.30 -1.36
CA MET A 38 3.58 -1.88 -1.62
C MET A 38 2.30 -1.08 -1.41
N PRO A 39 2.46 0.21 -1.05
CA PRO A 39 1.33 1.12 -0.81
C PRO A 39 0.59 1.46 -2.09
N GLU A 40 -0.73 1.61 -1.99
CA GLU A 40 -1.55 1.95 -3.14
C GLU A 40 -1.25 3.37 -3.62
N CYS A 41 -1.65 3.65 -4.86
CA CYS A 41 -1.42 4.98 -5.44
C CYS A 41 -1.95 6.07 -4.52
N TYR A 42 -1.04 6.92 -4.04
CA TYR A 42 -1.41 8.01 -3.14
C TYR A 42 -2.50 8.87 -3.77
N PHE A 43 -2.49 8.97 -5.09
CA PHE A 43 -3.48 9.77 -5.81
C PHE A 43 -4.84 9.05 -5.85
N TYR A 44 -4.84 7.84 -6.40
CA TYR A 44 -6.07 7.06 -6.50
C TYR A 44 -6.57 6.67 -5.12
N SER A 45 -5.70 6.77 -4.12
CA SER A 45 -6.07 6.43 -2.75
C SER A 45 -6.58 7.66 -2.00
N LYS A 46 -6.19 8.84 -2.46
CA LYS A 46 -6.60 10.08 -1.83
C LYS A 46 -7.70 10.76 -2.65
N PHE A 47 -7.35 11.18 -3.86
CA PHE A 47 -8.31 11.84 -4.74
C PHE A 47 -9.14 10.83 -5.51
N GLY A 48 -8.56 9.65 -5.76
CA GLY A 48 -9.26 8.61 -6.47
C GLY A 48 -9.33 8.88 -7.97
N GLU A 49 -8.31 9.51 -8.50
CA GLU A 49 -8.26 9.84 -9.92
C GLU A 49 -6.83 9.79 -10.45
N CYS A 50 -6.55 8.82 -11.31
CA CYS A 50 -5.22 8.66 -11.89
C CYS A 50 -5.31 8.30 -13.37
N SER A 51 -4.61 9.06 -14.20
CA SER A 51 -4.60 8.84 -15.64
C SER A 51 -3.30 8.18 -16.09
N ASN A 52 -2.82 7.23 -15.29
CA ASN A 52 -1.58 6.52 -15.60
C ASN A 52 -1.88 5.12 -16.15
N LYS A 53 -1.34 4.83 -17.32
CA LYS A 53 -1.55 3.53 -17.96
C LYS A 53 -0.63 2.48 -17.34
N GLU A 54 0.61 2.86 -17.06
CA GLU A 54 1.58 1.95 -16.47
C GLU A 54 1.95 2.39 -15.06
N CYS A 55 0.94 2.71 -14.27
CA CYS A 55 1.15 3.15 -12.89
C CYS A 55 1.61 1.99 -12.01
N PRO A 56 2.83 2.10 -11.47
CA PRO A 56 3.41 1.08 -10.60
C PRO A 56 2.71 0.98 -9.25
N PHE A 57 1.65 1.78 -9.08
CA PHE A 57 0.89 1.79 -7.84
C PHE A 57 -0.44 1.08 -8.01
N LEU A 58 -1.04 0.66 -6.90
CA LEU A 58 -2.32 -0.03 -6.92
C LEU A 58 -3.47 0.94 -7.15
N HIS A 59 -4.41 0.56 -8.01
CA HIS A 59 -5.55 1.41 -8.30
C HIS A 59 -6.84 0.77 -7.79
N ILE A 60 -7.26 1.16 -6.59
CA ILE A 60 -8.48 0.63 -5.99
C ILE A 60 -9.57 1.69 -5.94
N ASP A 61 -10.80 1.28 -6.26
CA ASP A 61 -11.93 2.19 -6.24
C ASP A 61 -12.17 2.76 -4.84
N PRO A 62 -12.51 4.04 -4.77
CA PRO A 62 -12.76 4.73 -3.50
C PRO A 62 -14.05 4.25 -2.84
N GLU A 63 -14.70 3.27 -3.45
CA GLU A 63 -15.94 2.72 -2.91
C GLU A 63 -15.70 1.35 -2.28
N SER A 64 -14.57 0.74 -2.61
CA SER A 64 -14.22 -0.57 -2.06
C SER A 64 -13.48 -0.42 -0.74
N LYS A 65 -12.82 0.72 -0.55
CA LYS A 65 -12.07 0.98 0.67
C LYS A 65 -12.94 1.66 1.71
N ILE A 66 -14.16 1.13 1.88
CA ILE A 66 -15.10 1.69 2.86
C ILE A 66 -15.23 0.79 4.07
N LYS A 67 -15.27 1.39 5.25
CA LYS A 67 -15.40 0.63 6.50
C LYS A 67 -16.86 0.31 6.79
N ASP A 68 -17.68 1.34 6.92
CA ASP A 68 -19.10 1.18 7.19
C ASP A 68 -19.64 -0.07 6.49
N CYS A 69 -19.41 -0.14 5.18
CA CYS A 69 -19.87 -1.27 4.39
C CYS A 69 -19.68 -2.59 5.14
N PRO A 70 -20.53 -3.58 4.84
CA PRO A 70 -20.46 -4.89 5.48
C PRO A 70 -19.23 -5.69 5.06
N TRP A 71 -18.40 -5.08 4.21
CA TRP A 71 -17.19 -5.73 3.72
C TRP A 71 -16.01 -5.46 4.66
N SER A 72 -15.91 -6.26 5.71
CA SER A 72 -14.83 -6.10 6.68
C SER A 72 -13.98 -7.37 6.77
N GLY A 73 -13.01 -7.49 5.86
CA GLY A 73 -12.15 -8.65 5.85
C GLY A 73 -12.26 -9.45 4.56
N PRO A 74 -11.70 -10.66 4.57
CA PRO A 74 -11.73 -11.55 3.40
C PRO A 74 -13.13 -12.08 3.11
N SER A 75 -13.82 -12.53 4.17
CA SER A 75 -15.16 -13.06 4.02
C SER A 75 -16.21 -12.06 4.51
N SER A 76 -16.01 -10.80 4.14
CA SER A 76 -16.93 -9.73 4.55
C SER A 76 -17.29 -9.86 6.02
N GLY A 77 -16.29 -10.17 6.84
CA GLY A 77 -16.52 -10.31 8.27
C GLY A 77 -15.29 -10.82 9.00
N GLY A 1 -5.33 -2.45 21.24
CA GLY A 1 -4.36 -1.38 21.20
C GLY A 1 -4.11 -0.88 19.78
N SER A 2 -4.98 0.01 19.32
CA SER A 2 -4.85 0.57 17.97
C SER A 2 -3.95 1.80 17.98
N SER A 3 -2.65 1.58 17.95
CA SER A 3 -1.68 2.67 17.95
C SER A 3 -1.10 2.89 16.56
N GLY A 4 -0.97 1.80 15.80
CA GLY A 4 -0.43 1.89 14.45
C GLY A 4 -0.63 0.61 13.67
N SER A 5 -1.43 0.69 12.61
CA SER A 5 -1.71 -0.47 11.77
C SER A 5 -0.61 -0.65 10.73
N SER A 6 -0.61 -1.81 10.07
CA SER A 6 0.38 -2.11 9.05
C SER A 6 1.78 -1.71 9.51
N GLY A 7 2.11 -2.07 10.75
CA GLY A 7 3.42 -1.74 11.29
C GLY A 7 4.53 -2.58 10.70
N GLU A 8 4.23 -3.86 10.45
CA GLU A 8 5.21 -4.78 9.89
C GLU A 8 5.86 -4.18 8.65
N LYS A 9 6.73 -4.95 8.01
CA LYS A 9 7.42 -4.50 6.81
C LYS A 9 6.46 -4.44 5.62
N THR A 10 5.20 -4.76 5.88
CA THR A 10 4.18 -4.75 4.83
C THR A 10 4.45 -3.65 3.81
N VAL A 11 5.01 -2.53 4.27
CA VAL A 11 5.33 -1.42 3.40
C VAL A 11 6.76 -1.49 2.90
N VAL A 12 6.98 -1.03 1.67
CA VAL A 12 8.31 -1.05 1.07
C VAL A 12 9.07 0.24 1.39
N CYS A 13 10.28 0.08 1.95
CA CYS A 13 11.10 1.22 2.31
C CYS A 13 11.13 2.24 1.18
N LYS A 14 11.10 3.52 1.55
CA LYS A 14 11.12 4.60 0.57
C LYS A 14 12.55 5.01 0.24
N HIS A 15 13.47 4.74 1.17
CA HIS A 15 14.87 5.07 0.97
C HIS A 15 15.54 4.09 0.01
N TRP A 16 15.39 2.80 0.30
CA TRP A 16 15.99 1.76 -0.52
C TRP A 16 15.59 1.94 -1.98
N LEU A 17 14.33 2.30 -2.21
CA LEU A 17 13.82 2.50 -3.57
C LEU A 17 14.81 3.33 -4.39
N ARG A 18 15.21 4.47 -3.85
CA ARG A 18 16.13 5.36 -4.54
C ARG A 18 17.58 5.04 -4.15
N GLY A 19 17.75 3.96 -3.40
CA GLY A 19 19.09 3.56 -2.97
C GLY A 19 19.66 4.51 -1.93
N LEU A 20 18.89 4.80 -0.89
CA LEU A 20 19.33 5.70 0.16
C LEU A 20 19.25 5.02 1.52
N CYS A 21 19.35 3.70 1.53
CA CYS A 21 19.29 2.93 2.76
C CYS A 21 20.48 1.97 2.87
N LYS A 22 21.09 1.91 4.05
CA LYS A 22 22.23 1.05 4.28
C LYS A 22 21.92 0.03 5.38
N LYS A 23 20.64 -0.29 5.55
CA LYS A 23 20.22 -1.25 6.55
C LYS A 23 20.01 -2.63 5.94
N GLY A 24 19.40 -2.65 4.76
CA GLY A 24 19.14 -3.91 4.08
C GLY A 24 18.34 -4.88 4.94
N ASP A 25 19.03 -5.55 5.87
CA ASP A 25 18.37 -6.51 6.75
C ASP A 25 18.06 -5.87 8.10
N GLN A 26 18.55 -4.65 8.31
CA GLN A 26 18.32 -3.93 9.56
C GLN A 26 17.10 -3.03 9.45
N CYS A 27 16.75 -2.66 8.23
CA CYS A 27 15.60 -1.79 7.99
C CYS A 27 14.34 -2.37 8.64
N GLU A 28 13.30 -1.55 8.74
CA GLU A 28 12.04 -1.98 9.34
C GLU A 28 10.97 -2.16 8.27
N PHE A 29 11.33 -1.89 7.02
CA PHE A 29 10.40 -2.01 5.90
C PHE A 29 10.91 -3.02 4.88
N LEU A 30 10.04 -3.40 3.95
CA LEU A 30 10.40 -4.36 2.92
C LEU A 30 11.33 -3.72 1.88
N HIS A 31 12.34 -4.47 1.46
CA HIS A 31 13.29 -3.98 0.48
C HIS A 31 13.08 -4.66 -0.88
N GLU A 32 11.89 -5.21 -1.07
CA GLU A 32 11.55 -5.89 -2.31
C GLU A 32 10.36 -5.23 -2.99
N TYR A 33 10.45 -5.07 -4.31
CA TYR A 33 9.38 -4.45 -5.08
C TYR A 33 8.21 -5.42 -5.27
N ASP A 34 7.14 -5.20 -4.52
CA ASP A 34 5.96 -6.06 -4.61
C ASP A 34 4.72 -5.23 -4.93
N MET A 35 3.81 -5.82 -5.70
CA MET A 35 2.58 -5.13 -6.08
C MET A 35 1.55 -5.22 -4.97
N THR A 36 1.77 -6.14 -4.03
CA THR A 36 0.85 -6.33 -2.91
C THR A 36 1.43 -5.76 -1.63
N LYS A 37 2.73 -5.96 -1.44
CA LYS A 37 3.41 -5.46 -0.24
C LYS A 37 3.78 -3.99 -0.40
N MET A 38 3.09 -3.31 -1.30
CA MET A 38 3.34 -1.89 -1.54
C MET A 38 2.07 -1.06 -1.31
N PRO A 39 2.26 0.19 -0.89
CA PRO A 39 1.15 1.11 -0.62
C PRO A 39 0.41 1.52 -1.90
N GLU A 40 -0.91 1.35 -1.91
CA GLU A 40 -1.72 1.71 -3.06
C GLU A 40 -1.43 3.14 -3.50
N CYS A 41 -2.01 3.53 -4.64
CA CYS A 41 -1.81 4.87 -5.17
C CYS A 41 -2.46 5.92 -4.27
N TYR A 42 -1.63 6.71 -3.60
CA TYR A 42 -2.11 7.74 -2.70
C TYR A 42 -3.23 8.55 -3.36
N PHE A 43 -3.07 8.82 -4.65
CA PHE A 43 -4.06 9.58 -5.41
C PHE A 43 -5.36 8.79 -5.57
N TYR A 44 -5.29 7.75 -6.39
CA TYR A 44 -6.46 6.90 -6.64
C TYR A 44 -7.02 6.34 -5.34
N SER A 45 -6.22 6.43 -4.27
CA SER A 45 -6.63 5.93 -2.97
C SER A 45 -7.32 7.03 -2.16
N LYS A 46 -6.92 8.27 -2.40
CA LYS A 46 -7.50 9.41 -1.70
C LYS A 46 -8.51 10.14 -2.58
N PHE A 47 -8.03 10.70 -3.69
CA PHE A 47 -8.89 11.41 -4.62
C PHE A 47 -9.66 10.44 -5.51
N GLY A 48 -9.05 9.30 -5.79
CA GLY A 48 -9.69 8.30 -6.64
C GLY A 48 -9.65 8.68 -8.10
N GLU A 49 -8.58 9.34 -8.52
CA GLU A 49 -8.43 9.77 -9.91
C GLU A 49 -6.97 9.82 -10.31
N CYS A 50 -6.58 8.94 -11.21
CA CYS A 50 -5.19 8.89 -11.68
C CYS A 50 -5.14 8.64 -13.19
N SER A 51 -4.51 9.55 -13.91
CA SER A 51 -4.39 9.44 -15.35
C SER A 51 -3.05 8.81 -15.74
N ASN A 52 -2.61 7.83 -14.96
CA ASN A 52 -1.35 7.15 -15.22
C ASN A 52 -1.59 5.71 -15.65
N LYS A 53 -1.30 5.42 -16.92
CA LYS A 53 -1.48 4.08 -17.45
C LYS A 53 -0.40 3.13 -16.94
N GLU A 54 0.82 3.66 -16.80
CA GLU A 54 1.93 2.85 -16.31
C GLU A 54 2.24 3.18 -14.86
N CYS A 55 1.20 3.31 -14.05
CA CYS A 55 1.35 3.63 -12.63
C CYS A 55 1.77 2.39 -11.85
N PRO A 56 2.96 2.44 -11.25
CA PRO A 56 3.51 1.34 -10.46
C PRO A 56 2.76 1.13 -9.15
N PHE A 57 1.70 1.92 -8.95
CA PHE A 57 0.89 1.82 -7.75
C PHE A 57 -0.40 1.05 -8.01
N LEU A 58 -1.12 0.74 -6.94
CA LEU A 58 -2.38 0.00 -7.06
C LEU A 58 -3.55 0.95 -7.31
N HIS A 59 -4.39 0.60 -8.29
CA HIS A 59 -5.55 1.42 -8.62
C HIS A 59 -6.84 0.70 -8.26
N ILE A 60 -7.38 0.99 -7.09
CA ILE A 60 -8.61 0.36 -6.62
C ILE A 60 -9.77 1.38 -6.62
N ASP A 61 -10.95 0.91 -6.97
CA ASP A 61 -12.14 1.76 -7.00
C ASP A 61 -12.41 2.35 -5.62
N PRO A 62 -12.80 3.63 -5.59
CA PRO A 62 -13.11 4.34 -4.34
C PRO A 62 -14.39 3.83 -3.68
N GLU A 63 -15.00 2.82 -4.29
CA GLU A 63 -16.23 2.24 -3.77
C GLU A 63 -15.97 0.89 -3.12
N SER A 64 -14.77 0.36 -3.34
CA SER A 64 -14.39 -0.94 -2.78
C SER A 64 -13.46 -0.76 -1.58
N LYS A 65 -13.56 0.40 -0.93
CA LYS A 65 -12.75 0.70 0.24
C LYS A 65 -13.61 1.05 1.44
N ILE A 66 -14.86 1.43 1.17
CA ILE A 66 -15.79 1.79 2.24
C ILE A 66 -15.84 0.71 3.31
N LYS A 67 -16.10 1.13 4.55
CA LYS A 67 -16.18 0.21 5.67
C LYS A 67 -17.54 -0.46 5.74
N ASP A 68 -18.60 0.35 5.78
CA ASP A 68 -19.96 -0.16 5.84
C ASP A 68 -20.12 -1.40 4.97
N CYS A 69 -20.11 -1.20 3.66
CA CYS A 69 -20.24 -2.30 2.72
C CYS A 69 -19.40 -3.50 3.16
N PRO A 70 -19.82 -4.70 2.74
CA PRO A 70 -19.12 -5.95 3.09
C PRO A 70 -17.78 -6.06 2.36
N TRP A 71 -17.45 -5.05 1.57
CA TRP A 71 -16.20 -5.05 0.82
C TRP A 71 -15.05 -4.53 1.69
N SER A 72 -14.10 -5.39 1.99
CA SER A 72 -12.96 -5.02 2.82
C SER A 72 -11.74 -5.87 2.47
N GLY A 73 -10.56 -5.35 2.78
CA GLY A 73 -9.33 -6.07 2.50
C GLY A 73 -9.22 -6.48 1.04
N PRO A 74 -8.11 -7.14 0.69
CA PRO A 74 -7.86 -7.59 -0.69
C PRO A 74 -8.78 -8.73 -1.09
N SER A 75 -9.64 -9.16 -0.16
CA SER A 75 -10.57 -10.24 -0.43
C SER A 75 -11.66 -9.80 -1.39
N SER A 76 -12.33 -8.70 -1.05
CA SER A 76 -13.40 -8.17 -1.88
C SER A 76 -13.05 -8.30 -3.37
N GLY A 77 -11.83 -7.92 -3.71
CA GLY A 77 -11.39 -8.00 -5.09
C GLY A 77 -10.30 -6.99 -5.42
N GLY A 1 -5.20 -5.81 18.52
CA GLY A 1 -4.69 -4.55 19.02
C GLY A 1 -4.79 -3.44 17.99
N SER A 2 -5.66 -2.48 18.25
CA SER A 2 -5.86 -1.35 17.34
C SER A 2 -4.69 -0.36 17.44
N SER A 3 -4.42 0.10 18.66
CA SER A 3 -3.34 1.04 18.89
C SER A 3 -2.06 0.32 19.31
N GLY A 4 -1.93 -0.94 18.90
CA GLY A 4 -0.76 -1.71 19.24
C GLY A 4 0.48 -1.28 18.49
N SER A 5 1.53 -0.94 19.22
CA SER A 5 2.77 -0.49 18.60
C SER A 5 3.47 -1.65 17.89
N SER A 6 2.99 -1.98 16.70
CA SER A 6 3.56 -3.06 15.92
C SER A 6 3.19 -2.93 14.44
N GLY A 7 4.20 -2.85 13.59
CA GLY A 7 3.96 -2.73 12.15
C GLY A 7 4.96 -3.52 11.33
N GLU A 8 4.50 -4.64 10.78
CA GLU A 8 5.35 -5.49 9.96
C GLU A 8 5.95 -4.70 8.79
N LYS A 9 6.71 -5.38 7.95
CA LYS A 9 7.35 -4.74 6.80
C LYS A 9 6.37 -4.67 5.63
N THR A 10 5.08 -4.84 5.92
CA THR A 10 4.06 -4.80 4.88
C THR A 10 4.36 -3.71 3.86
N VAL A 11 4.91 -2.59 4.32
CA VAL A 11 5.24 -1.49 3.44
C VAL A 11 6.69 -1.59 2.96
N VAL A 12 6.92 -1.17 1.72
CA VAL A 12 8.26 -1.22 1.14
C VAL A 12 9.03 0.06 1.43
N CYS A 13 10.20 -0.09 2.04
CA CYS A 13 11.04 1.06 2.38
C CYS A 13 11.05 2.08 1.26
N LYS A 14 10.95 3.35 1.62
CA LYS A 14 10.95 4.44 0.63
C LYS A 14 12.37 4.89 0.33
N HIS A 15 13.29 4.62 1.26
CA HIS A 15 14.68 5.01 1.09
C HIS A 15 15.40 4.05 0.13
N TRP A 16 15.29 2.76 0.41
CA TRP A 16 15.93 1.74 -0.42
C TRP A 16 15.49 1.89 -1.89
N LEU A 17 14.23 2.22 -2.09
CA LEU A 17 13.68 2.39 -3.43
C LEU A 17 14.56 3.32 -4.26
N ARG A 18 14.98 4.42 -3.66
CA ARG A 18 15.82 5.39 -4.34
C ARG A 18 17.29 5.19 -3.97
N GLY A 19 17.60 4.03 -3.42
CA GLY A 19 18.97 3.73 -3.03
C GLY A 19 19.51 4.71 -2.01
N LEU A 20 18.75 4.92 -0.93
CA LEU A 20 19.16 5.85 0.11
C LEU A 20 19.08 5.19 1.48
N CYS A 21 19.19 3.86 1.50
CA CYS A 21 19.15 3.10 2.74
C CYS A 21 20.37 2.22 2.89
N LYS A 22 20.84 2.06 4.12
CA LYS A 22 22.00 1.23 4.39
C LYS A 22 21.72 0.24 5.52
N LYS A 23 20.47 -0.17 5.64
CA LYS A 23 20.06 -1.12 6.67
C LYS A 23 19.89 -2.52 6.09
N GLY A 24 19.29 -2.58 4.90
CA GLY A 24 19.08 -3.87 4.26
C GLY A 24 18.22 -4.80 5.09
N ASP A 25 18.87 -5.71 5.80
CA ASP A 25 18.16 -6.67 6.64
C ASP A 25 17.87 -6.07 8.02
N GLN A 26 18.38 -4.87 8.25
CA GLN A 26 18.19 -4.19 9.53
C GLN A 26 17.01 -3.22 9.47
N CYS A 27 16.61 -2.88 8.24
CA CYS A 27 15.50 -1.95 8.04
C CYS A 27 14.22 -2.52 8.63
N GLU A 28 13.20 -1.65 8.77
CA GLU A 28 11.92 -2.06 9.32
C GLU A 28 10.89 -2.25 8.22
N PHE A 29 11.28 -1.94 6.99
CA PHE A 29 10.39 -2.07 5.85
C PHE A 29 10.94 -3.06 4.83
N LEU A 30 10.08 -3.47 3.89
CA LEU A 30 10.49 -4.42 2.86
C LEU A 30 11.42 -3.76 1.86
N HIS A 31 12.41 -4.52 1.39
CA HIS A 31 13.38 -4.01 0.42
C HIS A 31 13.20 -4.70 -0.93
N GLU A 32 11.99 -5.18 -1.19
CA GLU A 32 11.70 -5.86 -2.45
C GLU A 32 10.42 -5.30 -3.08
N TYR A 33 10.52 -4.92 -4.34
CA TYR A 33 9.38 -4.36 -5.06
C TYR A 33 8.25 -5.38 -5.16
N ASP A 34 7.21 -5.19 -4.34
CA ASP A 34 6.07 -6.09 -4.32
C ASP A 34 4.78 -5.32 -4.58
N MET A 35 4.17 -5.55 -5.74
CA MET A 35 2.94 -4.87 -6.10
C MET A 35 1.87 -5.08 -5.03
N THR A 36 2.13 -6.03 -4.12
CA THR A 36 1.19 -6.32 -3.05
C THR A 36 1.65 -5.72 -1.73
N LYS A 37 2.94 -5.91 -1.41
CA LYS A 37 3.51 -5.37 -0.18
C LYS A 37 3.91 -3.91 -0.35
N MET A 38 3.26 -3.23 -1.29
CA MET A 38 3.55 -1.83 -1.55
C MET A 38 2.31 -0.96 -1.35
N PRO A 39 2.53 0.32 -1.01
CA PRO A 39 1.44 1.27 -0.78
C PRO A 39 0.70 1.63 -2.06
N GLU A 40 -0.64 1.63 -1.99
CA GLU A 40 -1.46 1.96 -3.15
C GLU A 40 -1.22 3.40 -3.59
N CYS A 41 -1.71 3.73 -4.78
CA CYS A 41 -1.56 5.08 -5.32
C CYS A 41 -2.23 6.11 -4.43
N TYR A 42 -1.42 6.96 -3.81
CA TYR A 42 -1.93 7.99 -2.92
C TYR A 42 -3.04 8.79 -3.59
N PHE A 43 -2.92 8.96 -4.90
CA PHE A 43 -3.92 9.71 -5.68
C PHE A 43 -5.23 8.93 -5.77
N TYR A 44 -5.18 7.80 -6.47
CA TYR A 44 -6.36 6.97 -6.64
C TYR A 44 -6.90 6.49 -5.29
N SER A 45 -6.07 6.60 -4.26
CA SER A 45 -6.45 6.17 -2.92
C SER A 45 -7.06 7.34 -2.14
N LYS A 46 -6.69 8.56 -2.52
CA LYS A 46 -7.19 9.75 -1.84
C LYS A 46 -8.26 10.43 -2.70
N PHE A 47 -7.86 10.92 -3.87
CA PHE A 47 -8.78 11.59 -4.76
C PHE A 47 -9.57 10.58 -5.60
N GLY A 48 -8.95 9.43 -5.84
CA GLY A 48 -9.60 8.39 -6.62
C GLY A 48 -9.62 8.71 -8.11
N GLU A 49 -8.59 9.39 -8.58
CA GLU A 49 -8.49 9.77 -9.99
C GLU A 49 -7.04 9.81 -10.44
N CYS A 50 -6.68 8.90 -11.34
CA CYS A 50 -5.32 8.82 -11.85
C CYS A 50 -5.31 8.54 -13.35
N SER A 51 -4.54 9.32 -14.10
CA SER A 51 -4.47 9.15 -15.54
C SER A 51 -3.11 8.56 -15.94
N ASN A 52 -2.69 7.53 -15.21
CA ASN A 52 -1.42 6.87 -15.48
C ASN A 52 -1.65 5.43 -15.94
N LYS A 53 -1.64 5.22 -17.26
CA LYS A 53 -1.84 3.91 -17.83
C LYS A 53 -0.80 2.92 -17.31
N GLU A 54 0.38 3.44 -16.98
CA GLU A 54 1.47 2.61 -16.47
C GLU A 54 1.88 3.05 -15.07
N CYS A 55 0.89 3.24 -14.20
CA CYS A 55 1.14 3.66 -12.83
C CYS A 55 1.72 2.52 -12.00
N PRO A 56 2.91 2.73 -11.44
CA PRO A 56 3.60 1.72 -10.61
C PRO A 56 2.90 1.50 -9.28
N PHE A 57 1.77 2.18 -9.09
CA PHE A 57 1.01 2.05 -7.85
C PHE A 57 -0.26 1.22 -8.07
N LEU A 58 -0.98 0.96 -6.99
CA LEU A 58 -2.22 0.18 -7.06
C LEU A 58 -3.42 1.10 -7.28
N HIS A 59 -4.32 0.69 -8.17
CA HIS A 59 -5.52 1.46 -8.46
C HIS A 59 -6.77 0.73 -8.00
N ILE A 60 -7.24 1.06 -6.80
CA ILE A 60 -8.42 0.43 -6.23
C ILE A 60 -9.60 1.41 -6.22
N ASP A 61 -10.79 0.89 -6.50
CA ASP A 61 -11.99 1.71 -6.51
C ASP A 61 -12.41 2.09 -5.09
N PRO A 62 -12.86 3.34 -4.92
CA PRO A 62 -13.29 3.85 -3.62
C PRO A 62 -14.60 3.22 -3.14
N GLU A 63 -15.09 2.26 -3.93
CA GLU A 63 -16.34 1.57 -3.58
C GLU A 63 -16.05 0.21 -2.97
N SER A 64 -14.84 -0.30 -3.21
CA SER A 64 -14.44 -1.59 -2.69
C SER A 64 -13.83 -1.46 -1.29
N LYS A 65 -13.22 -0.30 -1.03
CA LYS A 65 -12.59 -0.03 0.26
C LYS A 65 -13.60 0.58 1.23
N ILE A 66 -14.77 -0.02 1.33
CA ILE A 66 -15.81 0.46 2.23
C ILE A 66 -16.00 -0.48 3.41
N LYS A 67 -16.23 0.10 4.59
CA LYS A 67 -16.44 -0.69 5.79
C LYS A 67 -17.91 -0.74 6.17
N ASP A 68 -18.63 0.33 5.85
CA ASP A 68 -20.06 0.41 6.15
C ASP A 68 -20.88 -0.29 5.07
N CYS A 69 -20.44 -1.48 4.69
CA CYS A 69 -21.13 -2.25 3.66
C CYS A 69 -21.43 -3.67 4.15
N PRO A 70 -22.49 -4.27 3.60
CA PRO A 70 -22.90 -5.63 3.97
C PRO A 70 -21.92 -6.69 3.48
N TRP A 71 -20.86 -6.25 2.82
CA TRP A 71 -19.84 -7.15 2.30
C TRP A 71 -18.71 -7.33 3.29
N SER A 72 -18.75 -8.44 4.03
CA SER A 72 -17.72 -8.74 5.03
C SER A 72 -16.39 -9.08 4.35
N GLY A 73 -15.58 -8.06 4.11
CA GLY A 73 -14.29 -8.28 3.48
C GLY A 73 -14.42 -8.62 2.01
N PRO A 74 -13.46 -9.40 1.49
CA PRO A 74 -13.44 -9.81 0.08
C PRO A 74 -14.56 -10.81 -0.23
N SER A 75 -15.18 -11.35 0.80
CA SER A 75 -16.26 -12.32 0.63
C SER A 75 -17.58 -11.75 1.13
N SER A 76 -18.62 -11.84 0.29
CA SER A 76 -19.93 -11.33 0.65
C SER A 76 -20.89 -12.47 0.98
N GLY A 77 -21.18 -12.63 2.26
CA GLY A 77 -22.08 -13.69 2.69
C GLY A 77 -21.35 -14.98 3.00
N GLY A 1 -11.21 3.63 18.21
CA GLY A 1 -9.78 3.46 18.41
C GLY A 1 -9.04 3.26 17.10
N SER A 2 -8.12 2.30 17.08
CA SER A 2 -7.35 2.00 15.88
C SER A 2 -7.42 0.53 15.53
N SER A 3 -6.85 0.17 14.37
CA SER A 3 -6.86 -1.21 13.91
C SER A 3 -5.61 -1.95 14.40
N GLY A 4 -4.51 -1.22 14.51
CA GLY A 4 -3.27 -1.82 14.97
C GLY A 4 -2.06 -0.94 14.69
N SER A 5 -1.79 -0.02 15.61
CA SER A 5 -0.66 0.89 15.46
C SER A 5 0.56 0.16 14.90
N SER A 6 0.82 -1.02 15.41
CA SER A 6 1.95 -1.83 14.96
C SER A 6 2.07 -1.79 13.44
N GLY A 7 3.21 -1.30 12.95
CA GLY A 7 3.43 -1.22 11.52
C GLY A 7 4.50 -2.17 11.05
N GLU A 8 4.09 -3.22 10.34
CA GLU A 8 5.03 -4.21 9.82
C GLU A 8 5.74 -3.69 8.58
N LYS A 9 6.64 -4.50 8.04
CA LYS A 9 7.39 -4.14 6.83
C LYS A 9 6.47 -4.12 5.61
N THR A 10 5.20 -4.43 5.82
CA THR A 10 4.23 -4.45 4.74
C THR A 10 4.56 -3.41 3.68
N VAL A 11 5.09 -2.26 4.12
CA VAL A 11 5.47 -1.19 3.21
C VAL A 11 6.91 -1.31 2.77
N VAL A 12 7.17 -1.01 1.50
CA VAL A 12 8.52 -1.08 0.95
C VAL A 12 9.29 0.20 1.22
N CYS A 13 10.43 0.08 1.90
CA CYS A 13 11.26 1.23 2.23
C CYS A 13 11.35 2.17 1.03
N LYS A 14 11.24 3.47 1.31
CA LYS A 14 11.30 4.49 0.27
C LYS A 14 12.75 4.83 -0.07
N HIS A 15 13.63 4.68 0.91
CA HIS A 15 15.05 4.97 0.72
C HIS A 15 15.70 3.90 -0.15
N TRP A 16 15.67 2.65 0.31
CA TRP A 16 16.26 1.55 -0.43
C TRP A 16 15.93 1.65 -1.91
N LEU A 17 14.69 2.03 -2.22
CA LEU A 17 14.25 2.17 -3.60
C LEU A 17 15.33 2.83 -4.45
N ARG A 18 15.62 4.09 -4.16
CA ARG A 18 16.64 4.84 -4.90
C ARG A 18 18.02 4.59 -4.30
N GLY A 19 18.13 3.60 -3.42
CA GLY A 19 19.39 3.30 -2.79
C GLY A 19 19.81 4.35 -1.77
N LEU A 20 18.92 4.65 -0.85
CA LEU A 20 19.19 5.64 0.19
C LEU A 20 19.11 5.03 1.58
N CYS A 21 19.36 3.72 1.66
CA CYS A 21 19.31 3.00 2.92
C CYS A 21 20.55 2.13 3.10
N LYS A 22 21.06 2.07 4.33
CA LYS A 22 22.24 1.28 4.63
C LYS A 22 21.94 0.24 5.70
N LYS A 23 20.69 -0.21 5.76
CA LYS A 23 20.27 -1.20 6.75
C LYS A 23 20.06 -2.56 6.10
N GLY A 24 19.10 -2.63 5.18
CA GLY A 24 18.82 -3.88 4.50
C GLY A 24 17.94 -4.80 5.31
N ASP A 25 18.54 -5.82 5.91
CA ASP A 25 17.81 -6.79 6.72
C ASP A 25 17.49 -6.20 8.10
N GLN A 26 18.08 -5.05 8.39
CA GLN A 26 17.86 -4.38 9.67
C GLN A 26 16.76 -3.33 9.56
N CYS A 27 16.54 -2.84 8.35
CA CYS A 27 15.51 -1.83 8.11
C CYS A 27 14.18 -2.25 8.70
N GLU A 28 13.25 -1.30 8.81
CA GLU A 28 11.94 -1.59 9.36
C GLU A 28 10.91 -1.79 8.25
N PHE A 29 11.31 -1.46 7.03
CA PHE A 29 10.42 -1.60 5.86
C PHE A 29 10.94 -2.67 4.92
N LEU A 30 10.09 -3.11 4.00
CA LEU A 30 10.47 -4.12 3.03
C LEU A 30 11.41 -3.56 1.97
N HIS A 31 12.37 -4.37 1.53
CA HIS A 31 13.33 -3.95 0.52
C HIS A 31 13.09 -4.67 -0.79
N GLU A 32 11.86 -5.12 -1.01
CA GLU A 32 11.50 -5.83 -2.23
C GLU A 32 10.31 -5.19 -2.91
N TYR A 33 10.41 -5.03 -4.24
CA TYR A 33 9.33 -4.42 -5.01
C TYR A 33 8.19 -5.40 -5.23
N ASP A 34 7.10 -5.24 -4.48
CA ASP A 34 5.94 -6.11 -4.59
C ASP A 34 4.67 -5.30 -4.82
N MET A 35 3.96 -5.62 -5.91
CA MET A 35 2.73 -4.91 -6.24
C MET A 35 1.67 -5.15 -5.17
N THR A 36 1.91 -6.13 -4.30
CA THR A 36 0.98 -6.46 -3.24
C THR A 36 1.38 -5.82 -1.92
N LYS A 37 2.63 -6.05 -1.52
CA LYS A 37 3.15 -5.50 -0.28
C LYS A 37 3.21 -3.98 -0.35
N MET A 38 3.61 -3.45 -1.50
CA MET A 38 3.71 -2.01 -1.70
C MET A 38 2.35 -1.34 -1.51
N PRO A 39 2.35 -0.08 -1.08
CA PRO A 39 1.13 0.69 -0.86
C PRO A 39 0.42 1.05 -2.16
N GLU A 40 -0.87 1.31 -2.07
CA GLU A 40 -1.66 1.67 -3.25
C GLU A 40 -1.43 3.13 -3.63
N CYS A 41 -1.92 3.50 -4.82
CA CYS A 41 -1.76 4.87 -5.31
C CYS A 41 -2.37 5.86 -4.33
N TYR A 42 -1.51 6.71 -3.77
CA TYR A 42 -1.97 7.72 -2.81
C TYR A 42 -3.12 8.54 -3.39
N PHE A 43 -3.04 8.83 -4.68
CA PHE A 43 -4.09 9.61 -5.35
C PHE A 43 -5.37 8.78 -5.49
N TYR A 44 -5.29 7.71 -6.27
CA TYR A 44 -6.44 6.84 -6.49
C TYR A 44 -6.96 6.29 -5.16
N SER A 45 -6.16 6.40 -4.11
CA SER A 45 -6.53 5.92 -2.79
C SER A 45 -7.21 7.01 -1.97
N LYS A 46 -6.78 8.25 -2.18
CA LYS A 46 -7.34 9.39 -1.46
C LYS A 46 -8.45 10.04 -2.28
N PHE A 47 -8.09 10.61 -3.42
CA PHE A 47 -9.05 11.27 -4.29
C PHE A 47 -9.80 10.25 -5.15
N GLY A 48 -9.09 9.19 -5.54
CA GLY A 48 -9.70 8.16 -6.35
C GLY A 48 -9.77 8.54 -7.82
N GLU A 49 -8.74 9.25 -8.29
CA GLU A 49 -8.68 9.68 -9.68
C GLU A 49 -7.24 9.79 -10.15
N CYS A 50 -6.85 8.92 -11.07
CA CYS A 50 -5.50 8.91 -11.61
C CYS A 50 -5.51 8.64 -13.11
N SER A 51 -4.78 9.46 -13.86
CA SER A 51 -4.71 9.32 -15.31
C SER A 51 -3.35 8.76 -15.73
N ASN A 52 -2.84 7.81 -14.96
CA ASN A 52 -1.55 7.20 -15.25
C ASN A 52 -1.73 5.82 -15.87
N LYS A 53 -1.32 5.68 -17.13
CA LYS A 53 -1.44 4.41 -17.83
C LYS A 53 -0.47 3.38 -17.26
N GLU A 54 0.75 3.82 -16.98
CA GLU A 54 1.77 2.93 -16.41
C GLU A 54 2.08 3.30 -14.97
N CYS A 55 1.02 3.49 -14.17
CA CYS A 55 1.18 3.85 -12.78
C CYS A 55 1.65 2.64 -11.95
N PRO A 56 2.85 2.77 -11.37
CA PRO A 56 3.45 1.70 -10.56
C PRO A 56 2.72 1.52 -9.24
N PHE A 57 1.59 2.21 -9.08
CA PHE A 57 0.80 2.12 -7.85
C PHE A 57 -0.52 1.38 -8.12
N LEU A 58 -1.01 0.70 -7.09
CA LEU A 58 -2.25 -0.05 -7.20
C LEU A 58 -3.44 0.89 -7.39
N HIS A 59 -4.32 0.55 -8.33
CA HIS A 59 -5.50 1.37 -8.61
C HIS A 59 -6.78 0.62 -8.23
N ILE A 60 -7.28 0.91 -7.04
CA ILE A 60 -8.50 0.27 -6.57
C ILE A 60 -9.67 1.25 -6.54
N ASP A 61 -10.85 0.77 -6.92
CA ASP A 61 -12.05 1.61 -6.94
C ASP A 61 -12.40 2.08 -5.53
N PRO A 62 -12.86 3.34 -5.42
CA PRO A 62 -13.23 3.94 -4.15
C PRO A 62 -14.51 3.33 -3.58
N GLU A 63 -15.06 2.35 -4.29
CA GLU A 63 -16.28 1.69 -3.86
C GLU A 63 -15.98 0.39 -3.12
N SER A 64 -14.89 -0.27 -3.53
CA SER A 64 -14.49 -1.53 -2.91
C SER A 64 -13.59 -1.27 -1.70
N LYS A 65 -13.56 -0.02 -1.25
CA LYS A 65 -12.75 0.36 -0.10
C LYS A 65 -13.58 1.07 0.95
N ILE A 66 -14.83 0.65 1.10
CA ILE A 66 -15.73 1.26 2.07
C ILE A 66 -15.64 0.54 3.42
N LYS A 67 -15.65 1.32 4.49
CA LYS A 67 -15.58 0.77 5.84
C LYS A 67 -16.98 0.48 6.39
N ASP A 68 -17.88 1.44 6.23
CA ASP A 68 -19.25 1.29 6.70
C ASP A 68 -20.19 0.93 5.56
N CYS A 69 -19.88 -0.16 4.87
CA CYS A 69 -20.69 -0.61 3.74
C CYS A 69 -21.82 -1.51 4.22
N PRO A 70 -23.00 -1.36 3.59
CA PRO A 70 -24.19 -2.15 3.93
C PRO A 70 -24.05 -3.62 3.54
N TRP A 71 -22.88 -3.98 3.02
CA TRP A 71 -22.61 -5.35 2.61
C TRP A 71 -21.22 -5.80 3.06
N SER A 72 -21.17 -6.79 3.93
CA SER A 72 -19.91 -7.31 4.44
C SER A 72 -19.58 -8.66 3.81
N GLY A 73 -18.45 -8.72 3.11
CA GLY A 73 -18.05 -9.96 2.47
C GLY A 73 -18.32 -9.96 0.98
N PRO A 74 -18.48 -11.15 0.40
CA PRO A 74 -18.75 -11.32 -1.02
C PRO A 74 -20.15 -10.84 -1.41
N SER A 75 -21.15 -11.30 -0.66
CA SER A 75 -22.53 -10.92 -0.92
C SER A 75 -23.25 -10.55 0.38
N SER A 76 -24.25 -9.69 0.27
CA SER A 76 -25.02 -9.25 1.44
C SER A 76 -25.98 -10.34 1.88
N GLY A 77 -25.59 -11.09 2.92
CA GLY A 77 -26.43 -12.16 3.42
C GLY A 77 -27.65 -11.64 4.14
N GLY A 1 -8.75 -11.67 11.47
CA GLY A 1 -9.83 -10.86 12.01
C GLY A 1 -9.32 -9.77 12.94
N SER A 2 -8.25 -9.10 12.52
CA SER A 2 -7.67 -8.03 13.32
C SER A 2 -7.24 -8.55 14.69
N SER A 3 -6.64 -9.73 14.72
CA SER A 3 -6.19 -10.33 15.96
C SER A 3 -4.74 -9.97 16.25
N GLY A 4 -4.31 -8.82 15.73
CA GLY A 4 -2.95 -8.37 15.95
C GLY A 4 -2.67 -7.02 15.31
N SER A 5 -1.83 -6.23 15.95
CA SER A 5 -1.48 -4.90 15.44
C SER A 5 -1.08 -4.98 13.97
N SER A 6 -0.91 -3.82 13.35
CA SER A 6 -0.54 -3.74 11.95
C SER A 6 0.63 -2.78 11.74
N GLY A 7 1.85 -3.31 11.90
CA GLY A 7 3.03 -2.49 11.74
C GLY A 7 4.22 -3.29 11.25
N GLU A 8 3.99 -4.20 10.30
CA GLU A 8 5.05 -5.04 9.76
C GLU A 8 5.71 -4.34 8.56
N LYS A 9 6.68 -5.03 7.96
CA LYS A 9 7.40 -4.51 6.81
C LYS A 9 6.50 -4.48 5.57
N THR A 10 5.26 -4.90 5.74
CA THR A 10 4.31 -4.94 4.64
C THR A 10 4.60 -3.84 3.62
N VAL A 11 4.98 -2.67 4.13
CA VAL A 11 5.29 -1.54 3.27
C VAL A 11 6.74 -1.56 2.82
N VAL A 12 6.97 -1.25 1.54
CA VAL A 12 8.32 -1.24 0.99
C VAL A 12 9.03 0.07 1.29
N CYS A 13 10.19 -0.01 1.92
CA CYS A 13 10.97 1.17 2.27
C CYS A 13 10.95 2.19 1.12
N LYS A 14 10.88 3.46 1.48
CA LYS A 14 10.85 4.53 0.48
C LYS A 14 12.27 4.97 0.13
N HIS A 15 13.17 4.87 1.11
CA HIS A 15 14.56 5.26 0.89
C HIS A 15 15.28 4.27 -0.02
N TRP A 16 15.28 3.00 0.39
CA TRP A 16 15.93 1.95 -0.39
C TRP A 16 15.54 2.04 -1.86
N LEU A 17 14.28 2.37 -2.11
CA LEU A 17 13.77 2.49 -3.48
C LEU A 17 14.75 3.27 -4.35
N ARG A 18 15.11 4.47 -3.89
CA ARG A 18 16.05 5.31 -4.63
C ARG A 18 17.48 5.11 -4.14
N GLY A 19 17.68 4.06 -3.35
CA GLY A 19 19.00 3.77 -2.82
C GLY A 19 19.45 4.78 -1.78
N LEU A 20 18.60 5.01 -0.79
CA LEU A 20 18.90 5.97 0.27
C LEU A 20 18.79 5.31 1.65
N CYS A 21 19.09 4.01 1.70
CA CYS A 21 19.02 3.26 2.95
C CYS A 21 20.26 2.39 3.13
N LYS A 22 20.86 2.45 4.31
CA LYS A 22 22.04 1.67 4.61
C LYS A 22 21.75 0.59 5.66
N LYS A 23 20.48 0.18 5.73
CA LYS A 23 20.07 -0.83 6.69
C LYS A 23 19.93 -2.19 6.01
N GLY A 24 19.11 -2.25 4.97
CA GLY A 24 18.90 -3.49 4.25
C GLY A 24 18.07 -4.48 5.03
N ASP A 25 18.74 -5.42 5.70
CA ASP A 25 18.05 -6.43 6.49
C ASP A 25 17.69 -5.89 7.87
N GLN A 26 18.25 -4.73 8.21
CA GLN A 26 17.99 -4.11 9.50
C GLN A 26 16.80 -3.16 9.42
N CYS A 27 16.52 -2.67 8.22
CA CYS A 27 15.41 -1.74 8.01
C CYS A 27 14.13 -2.29 8.62
N GLU A 28 13.15 -1.41 8.80
CA GLU A 28 11.87 -1.79 9.39
C GLU A 28 10.81 -1.98 8.31
N PHE A 29 11.21 -1.79 7.05
CA PHE A 29 10.30 -1.94 5.93
C PHE A 29 10.83 -2.96 4.92
N LEU A 30 9.98 -3.35 3.98
CA LEU A 30 10.36 -4.32 2.96
C LEU A 30 11.25 -3.68 1.90
N HIS A 31 12.29 -4.41 1.49
CA HIS A 31 13.22 -3.92 0.48
C HIS A 31 13.00 -4.63 -0.86
N GLU A 32 11.78 -5.11 -1.07
CA GLU A 32 11.45 -5.81 -2.31
C GLU A 32 10.24 -5.17 -2.98
N TYR A 33 10.32 -5.05 -4.30
CA TYR A 33 9.24 -4.45 -5.08
C TYR A 33 8.12 -5.45 -5.31
N ASP A 34 7.03 -5.30 -4.57
CA ASP A 34 5.88 -6.19 -4.69
C ASP A 34 4.60 -5.40 -4.94
N MET A 35 3.90 -5.74 -6.02
CA MET A 35 2.66 -5.05 -6.37
C MET A 35 1.59 -5.32 -5.31
N THR A 36 1.88 -6.21 -4.38
CA THR A 36 0.94 -6.55 -3.31
C THR A 36 1.37 -5.94 -1.99
N LYS A 37 2.61 -6.22 -1.58
CA LYS A 37 3.14 -5.70 -0.33
C LYS A 37 3.25 -4.18 -0.37
N MET A 38 3.64 -3.65 -1.53
CA MET A 38 3.78 -2.21 -1.70
C MET A 38 2.45 -1.51 -1.47
N PRO A 39 2.51 -0.24 -1.02
CA PRO A 39 1.32 0.57 -0.75
C PRO A 39 0.57 0.94 -2.02
N GLU A 40 -0.73 1.22 -1.88
CA GLU A 40 -1.55 1.60 -3.01
C GLU A 40 -1.27 3.03 -3.45
N CYS A 41 -1.66 3.37 -4.67
CA CYS A 41 -1.46 4.70 -5.21
C CYS A 41 -2.01 5.76 -4.26
N TYR A 42 -1.12 6.56 -3.68
CA TYR A 42 -1.52 7.60 -2.74
C TYR A 42 -2.61 8.48 -3.35
N PHE A 43 -2.49 8.75 -4.65
CA PHE A 43 -3.47 9.58 -5.34
C PHE A 43 -4.80 8.86 -5.46
N TYR A 44 -4.82 7.77 -6.23
CA TYR A 44 -6.03 7.00 -6.43
C TYR A 44 -6.57 6.48 -5.10
N SER A 45 -5.75 6.55 -4.06
CA SER A 45 -6.13 6.08 -2.74
C SER A 45 -6.79 7.21 -1.95
N LYS A 46 -6.28 8.42 -2.12
CA LYS A 46 -6.82 9.59 -1.42
C LYS A 46 -7.85 10.31 -2.28
N PHE A 47 -7.40 10.86 -3.40
CA PHE A 47 -8.28 11.59 -4.31
C PHE A 47 -9.10 10.62 -5.15
N GLY A 48 -8.48 9.50 -5.53
CA GLY A 48 -9.17 8.51 -6.33
C GLY A 48 -9.19 8.88 -7.80
N GLU A 49 -8.15 9.55 -8.27
CA GLU A 49 -8.05 9.96 -9.67
C GLU A 49 -6.61 9.96 -10.14
N CYS A 50 -6.30 9.04 -11.05
CA CYS A 50 -4.94 8.92 -11.59
C CYS A 50 -4.98 8.65 -13.10
N SER A 51 -4.44 9.58 -13.87
CA SER A 51 -4.41 9.43 -15.32
C SER A 51 -3.13 8.74 -15.78
N ASN A 52 -2.75 7.70 -15.05
CA ASN A 52 -1.54 6.95 -15.38
C ASN A 52 -1.87 5.49 -15.67
N LYS A 53 -1.99 5.15 -16.95
CA LYS A 53 -2.30 3.79 -17.36
C LYS A 53 -1.21 2.82 -16.92
N GLU A 54 0.04 3.25 -17.05
CA GLU A 54 1.17 2.42 -16.66
C GLU A 54 1.68 2.80 -15.27
N CYS A 55 0.74 3.04 -14.35
CA CYS A 55 1.08 3.41 -12.99
C CYS A 55 1.56 2.19 -12.19
N PRO A 56 2.80 2.27 -11.68
CA PRO A 56 3.40 1.19 -10.90
C PRO A 56 2.74 1.02 -9.53
N PHE A 57 1.67 1.78 -9.31
CA PHE A 57 0.95 1.72 -8.05
C PHE A 57 -0.40 1.03 -8.21
N LEU A 58 -0.96 0.58 -7.10
CA LEU A 58 -2.25 -0.10 -7.13
C LEU A 58 -3.40 0.90 -7.30
N HIS A 59 -4.33 0.58 -8.20
CA HIS A 59 -5.46 1.44 -8.47
C HIS A 59 -6.76 0.78 -8.01
N ILE A 60 -7.20 1.08 -6.80
CA ILE A 60 -8.42 0.52 -6.25
C ILE A 60 -9.57 1.52 -6.34
N ASP A 61 -10.73 1.03 -6.78
CA ASP A 61 -11.91 1.88 -6.91
C ASP A 61 -12.37 2.38 -5.53
N PRO A 62 -12.77 3.65 -5.48
CA PRO A 62 -13.25 4.28 -4.24
C PRO A 62 -14.59 3.72 -3.77
N GLU A 63 -15.11 2.75 -4.53
CA GLU A 63 -16.39 2.13 -4.19
C GLU A 63 -16.19 0.87 -3.36
N SER A 64 -15.04 0.23 -3.54
CA SER A 64 -14.72 -0.99 -2.80
C SER A 64 -14.19 -0.66 -1.41
N LYS A 65 -13.47 0.44 -1.29
CA LYS A 65 -12.91 0.87 -0.02
C LYS A 65 -13.94 1.67 0.78
N ILE A 66 -14.81 0.96 1.48
CA ILE A 66 -15.84 1.60 2.30
C ILE A 66 -15.83 1.08 3.73
N LYS A 67 -16.07 1.97 4.68
CA LYS A 67 -16.08 1.60 6.09
C LYS A 67 -17.46 1.83 6.69
N ASP A 68 -18.08 2.94 6.33
CA ASP A 68 -19.41 3.28 6.83
C ASP A 68 -20.36 2.09 6.72
N CYS A 69 -20.66 1.70 5.49
CA CYS A 69 -21.55 0.57 5.25
C CYS A 69 -21.13 -0.64 6.07
N PRO A 70 -22.06 -1.60 6.21
CA PRO A 70 -21.81 -2.83 6.97
C PRO A 70 -20.81 -3.76 6.29
N TRP A 71 -20.27 -3.29 5.17
CA TRP A 71 -19.29 -4.07 4.42
C TRP A 71 -17.86 -3.70 4.82
N SER A 72 -17.23 -4.57 5.59
CA SER A 72 -15.86 -4.34 6.04
C SER A 72 -14.97 -5.54 5.77
N GLY A 73 -15.48 -6.72 6.10
CA GLY A 73 -14.72 -7.94 5.87
C GLY A 73 -15.28 -9.13 6.63
N PRO A 74 -14.71 -9.40 7.82
CA PRO A 74 -15.14 -10.52 8.66
C PRO A 74 -16.52 -10.27 9.27
N SER A 75 -17.10 -9.11 8.98
CA SER A 75 -18.41 -8.76 9.51
C SER A 75 -19.29 -8.18 8.41
N SER A 76 -19.25 -8.78 7.23
CA SER A 76 -20.03 -8.32 6.09
C SER A 76 -21.35 -9.08 6.00
N GLY A 77 -22.34 -8.63 6.76
CA GLY A 77 -23.65 -9.27 6.75
C GLY A 77 -24.61 -8.65 7.73
N GLY A 1 -7.40 1.97 20.26
CA GLY A 1 -6.26 2.86 20.33
C GLY A 1 -5.63 2.89 21.71
N SER A 2 -5.32 1.72 22.24
CA SER A 2 -4.72 1.62 23.57
C SER A 2 -3.40 0.85 23.51
N SER A 3 -3.41 -0.26 22.78
CA SER A 3 -2.22 -1.10 22.64
C SER A 3 -1.58 -0.92 21.27
N GLY A 4 -2.41 -0.62 20.28
CA GLY A 4 -1.90 -0.43 18.93
C GLY A 4 -1.67 -1.74 18.20
N SER A 5 -1.61 -1.66 16.87
CA SER A 5 -1.40 -2.86 16.05
C SER A 5 0.08 -3.04 15.72
N SER A 6 0.42 -4.18 15.14
CA SER A 6 1.80 -4.47 14.77
C SER A 6 2.20 -3.71 13.52
N GLY A 7 3.46 -3.29 13.45
CA GLY A 7 3.95 -2.55 12.30
C GLY A 7 4.95 -3.35 11.49
N GLU A 8 4.48 -4.46 10.91
CA GLU A 8 5.36 -5.31 10.10
C GLU A 8 5.94 -4.54 8.94
N LYS A 9 6.70 -5.23 8.09
CA LYS A 9 7.32 -4.60 6.93
C LYS A 9 6.35 -4.56 5.76
N THR A 10 5.07 -4.73 6.05
CA THR A 10 4.04 -4.71 5.02
C THR A 10 4.35 -3.66 3.95
N VAL A 11 4.92 -2.54 4.38
CA VAL A 11 5.25 -1.45 3.48
C VAL A 11 6.72 -1.54 3.05
N VAL A 12 6.97 -1.25 1.78
CA VAL A 12 8.34 -1.28 1.24
C VAL A 12 9.07 0.02 1.51
N CYS A 13 10.25 -0.07 2.12
CA CYS A 13 11.06 1.10 2.42
C CYS A 13 11.02 2.09 1.26
N LYS A 14 10.91 3.38 1.60
CA LYS A 14 10.88 4.43 0.59
C LYS A 14 12.29 4.91 0.25
N HIS A 15 13.20 4.74 1.19
CA HIS A 15 14.59 5.14 0.99
C HIS A 15 15.31 4.19 0.05
N TRP A 16 15.30 2.90 0.40
CA TRP A 16 15.96 1.88 -0.42
C TRP A 16 15.51 1.97 -1.87
N LEU A 17 14.23 2.27 -2.07
CA LEU A 17 13.67 2.38 -3.41
C LEU A 17 14.53 3.29 -4.28
N ARG A 18 14.94 4.42 -3.73
CA ARG A 18 15.78 5.38 -4.45
C ARG A 18 17.24 5.20 -4.09
N GLY A 19 17.55 4.13 -3.38
CA GLY A 19 18.91 3.86 -2.98
C GLY A 19 19.42 4.85 -1.95
N LEU A 20 18.61 5.09 -0.92
CA LEU A 20 18.99 6.02 0.14
C LEU A 20 18.94 5.34 1.51
N CYS A 21 19.18 4.03 1.53
CA CYS A 21 19.15 3.26 2.76
C CYS A 21 20.36 2.34 2.86
N LYS A 22 20.85 2.14 4.08
CA LYS A 22 22.00 1.27 4.29
C LYS A 22 21.73 0.29 5.43
N LYS A 23 20.50 -0.20 5.50
CA LYS A 23 20.12 -1.14 6.55
C LYS A 23 20.01 -2.56 5.98
N GLY A 24 19.47 -2.67 4.77
CA GLY A 24 19.32 -3.96 4.13
C GLY A 24 18.26 -4.81 4.80
N ASP A 25 18.70 -5.86 5.50
CA ASP A 25 17.78 -6.76 6.19
C ASP A 25 17.48 -6.24 7.59
N GLN A 26 18.15 -5.16 7.98
CA GLN A 26 17.95 -4.58 9.31
C GLN A 26 16.82 -3.55 9.27
N CYS A 27 16.56 -2.99 8.10
CA CYS A 27 15.51 -1.99 7.94
C CYS A 27 14.21 -2.46 8.58
N GLU A 28 13.27 -1.53 8.78
CA GLU A 28 11.99 -1.86 9.38
C GLU A 28 10.92 -2.05 8.31
N PHE A 29 11.31 -1.88 7.06
CA PHE A 29 10.38 -2.04 5.93
C PHE A 29 10.92 -3.05 4.92
N LEU A 30 10.08 -3.41 3.97
CA LEU A 30 10.47 -4.38 2.94
C LEU A 30 11.37 -3.73 1.89
N HIS A 31 12.47 -4.40 1.57
CA HIS A 31 13.42 -3.89 0.58
C HIS A 31 13.24 -4.60 -0.75
N GLU A 32 12.07 -5.18 -0.97
CA GLU A 32 11.78 -5.90 -2.21
C GLU A 32 10.50 -5.37 -2.86
N TYR A 33 10.60 -4.99 -4.12
CA TYR A 33 9.46 -4.47 -4.86
C TYR A 33 8.35 -5.51 -4.95
N ASP A 34 7.30 -5.34 -4.16
CA ASP A 34 6.18 -6.26 -4.15
C ASP A 34 4.87 -5.51 -4.37
N MET A 35 4.33 -5.60 -5.58
CA MET A 35 3.08 -4.94 -5.91
C MET A 35 2.02 -5.18 -4.84
N THR A 36 2.23 -6.23 -4.05
CA THR A 36 1.29 -6.57 -2.98
C THR A 36 1.71 -5.94 -1.66
N LYS A 37 3.00 -6.04 -1.35
CA LYS A 37 3.54 -5.47 -0.12
C LYS A 37 3.93 -4.01 -0.31
N MET A 38 3.28 -3.35 -1.26
CA MET A 38 3.56 -1.95 -1.54
C MET A 38 2.31 -1.09 -1.36
N PRO A 39 2.50 0.18 -0.99
CA PRO A 39 1.40 1.12 -0.77
C PRO A 39 0.70 1.50 -2.07
N GLU A 40 -0.63 1.48 -2.04
CA GLU A 40 -1.42 1.83 -3.22
C GLU A 40 -1.17 3.27 -3.64
N CYS A 41 -1.75 3.67 -4.77
CA CYS A 41 -1.59 5.02 -5.29
C CYS A 41 -2.23 6.04 -4.35
N TYR A 42 -1.40 6.90 -3.77
CA TYR A 42 -1.89 7.92 -2.85
C TYR A 42 -3.01 8.74 -3.49
N PHE A 43 -2.93 8.92 -4.81
CA PHE A 43 -3.93 9.69 -5.53
C PHE A 43 -5.23 8.90 -5.65
N TYR A 44 -5.18 7.77 -6.36
CA TYR A 44 -6.35 6.93 -6.56
C TYR A 44 -6.88 6.42 -5.21
N SER A 45 -6.03 6.49 -4.19
CA SER A 45 -6.41 6.04 -2.86
C SER A 45 -7.06 7.16 -2.05
N LYS A 46 -6.73 8.40 -2.42
CA LYS A 46 -7.27 9.57 -1.75
C LYS A 46 -8.34 10.24 -2.59
N PHE A 47 -7.94 10.76 -3.74
CA PHE A 47 -8.86 11.43 -4.65
C PHE A 47 -9.62 10.42 -5.51
N GLY A 48 -8.95 9.32 -5.84
CA GLY A 48 -9.58 8.29 -6.65
C GLY A 48 -9.57 8.64 -8.13
N GLU A 49 -8.54 9.34 -8.57
CA GLU A 49 -8.42 9.74 -9.96
C GLU A 49 -6.96 9.82 -10.39
N CYS A 50 -6.56 8.93 -11.30
CA CYS A 50 -5.19 8.91 -11.78
C CYS A 50 -5.15 8.64 -13.28
N SER A 51 -4.47 9.51 -14.02
CA SER A 51 -4.37 9.37 -15.47
C SER A 51 -3.04 8.73 -15.85
N ASN A 52 -2.65 7.70 -15.11
CA ASN A 52 -1.40 6.99 -15.38
C ASN A 52 -1.67 5.56 -15.87
N LYS A 53 -1.69 5.41 -17.20
CA LYS A 53 -1.93 4.10 -17.80
C LYS A 53 -0.94 3.06 -17.28
N GLU A 54 0.32 3.46 -17.16
CA GLU A 54 1.36 2.56 -16.67
C GLU A 54 1.81 2.96 -15.26
N CYS A 55 0.83 3.20 -14.39
CA CYS A 55 1.12 3.60 -13.01
C CYS A 55 1.66 2.41 -12.22
N PRO A 56 2.89 2.58 -11.69
CA PRO A 56 3.55 1.53 -10.90
C PRO A 56 2.88 1.32 -9.54
N PHE A 57 1.78 2.04 -9.31
CA PHE A 57 1.06 1.92 -8.05
C PHE A 57 -0.22 1.11 -8.24
N LEU A 58 -0.97 0.94 -7.15
CA LEU A 58 -2.21 0.18 -7.19
C LEU A 58 -3.41 1.11 -7.31
N HIS A 59 -4.35 0.74 -8.19
CA HIS A 59 -5.55 1.55 -8.40
C HIS A 59 -6.79 0.82 -7.90
N ILE A 60 -7.23 1.20 -6.71
CA ILE A 60 -8.41 0.58 -6.10
C ILE A 60 -9.62 1.51 -6.19
N ASP A 61 -10.76 0.95 -6.58
CA ASP A 61 -11.99 1.73 -6.69
C ASP A 61 -12.36 2.36 -5.36
N PRO A 62 -12.81 3.62 -5.41
CA PRO A 62 -13.21 4.39 -4.21
C PRO A 62 -14.50 3.85 -3.60
N GLU A 63 -15.09 2.85 -4.24
CA GLU A 63 -16.33 2.26 -3.76
C GLU A 63 -16.05 0.94 -3.03
N SER A 64 -14.90 0.33 -3.34
CA SER A 64 -14.52 -0.93 -2.71
C SER A 64 -13.64 -0.70 -1.49
N LYS A 65 -13.50 0.57 -1.11
CA LYS A 65 -12.69 0.94 0.05
C LYS A 65 -13.54 1.56 1.14
N ILE A 66 -14.79 1.88 0.80
CA ILE A 66 -15.71 2.48 1.75
C ILE A 66 -15.62 1.79 3.11
N LYS A 67 -15.56 2.60 4.17
CA LYS A 67 -15.48 2.07 5.52
C LYS A 67 -16.83 1.56 6.00
N ASP A 68 -17.88 2.32 5.70
CA ASP A 68 -19.23 1.93 6.08
C ASP A 68 -19.82 0.93 5.10
N CYS A 69 -19.09 -0.15 4.86
CA CYS A 69 -19.54 -1.19 3.93
C CYS A 69 -18.77 -2.49 4.17
N PRO A 70 -19.47 -3.62 3.98
CA PRO A 70 -18.88 -4.95 4.17
C PRO A 70 -17.85 -5.28 3.10
N TRP A 71 -17.71 -4.40 2.13
CA TRP A 71 -16.76 -4.60 1.03
C TRP A 71 -15.37 -4.10 1.43
N SER A 72 -14.49 -5.04 1.79
CA SER A 72 -13.13 -4.69 2.20
C SER A 72 -12.31 -5.95 2.44
N GLY A 73 -11.04 -5.75 2.79
CA GLY A 73 -10.16 -6.88 3.05
C GLY A 73 -10.47 -8.07 2.17
N PRO A 74 -10.84 -9.21 2.80
CA PRO A 74 -11.17 -10.44 2.09
C PRO A 74 -12.48 -10.32 1.31
N SER A 75 -13.46 -9.66 1.91
CA SER A 75 -14.77 -9.49 1.27
C SER A 75 -14.63 -8.68 -0.01
N SER A 76 -15.77 -8.37 -0.62
CA SER A 76 -15.80 -7.60 -1.86
C SER A 76 -15.14 -8.39 -3.00
N GLY A 77 -15.24 -9.71 -2.93
CA GLY A 77 -14.66 -10.55 -3.96
C GLY A 77 -15.65 -11.56 -4.51
N GLY A 1 -6.79 10.68 12.63
CA GLY A 1 -7.07 9.77 13.74
C GLY A 1 -5.86 9.53 14.60
N SER A 2 -5.18 8.41 14.37
CA SER A 2 -3.98 8.06 15.15
C SER A 2 -2.72 8.43 14.39
N SER A 3 -1.71 8.88 15.12
CA SER A 3 -0.44 9.28 14.52
C SER A 3 0.68 8.32 14.93
N GLY A 4 0.29 7.08 15.23
CA GLY A 4 1.26 6.07 15.62
C GLY A 4 0.86 4.68 15.19
N SER A 5 0.65 4.50 13.89
CA SER A 5 0.26 3.21 13.35
C SER A 5 1.48 2.35 13.03
N SER A 6 1.87 1.52 14.00
CA SER A 6 3.04 0.65 13.83
C SER A 6 2.66 -0.61 13.07
N GLY A 7 2.97 -0.63 11.77
CA GLY A 7 2.66 -1.78 10.94
C GLY A 7 3.89 -2.59 10.60
N GLU A 8 3.68 -3.76 10.00
CA GLU A 8 4.78 -4.64 9.62
C GLU A 8 5.53 -4.07 8.42
N LYS A 9 6.52 -4.82 7.93
CA LYS A 9 7.31 -4.41 6.79
C LYS A 9 6.47 -4.41 5.51
N THR A 10 5.20 -4.81 5.65
CA THR A 10 4.30 -4.85 4.51
C THR A 10 4.61 -3.75 3.51
N VAL A 11 4.98 -2.58 4.02
CA VAL A 11 5.31 -1.44 3.17
C VAL A 11 6.78 -1.44 2.78
N VAL A 12 7.06 -1.09 1.53
CA VAL A 12 8.43 -1.05 1.03
C VAL A 12 9.12 0.26 1.42
N CYS A 13 10.34 0.14 1.93
CA CYS A 13 11.11 1.31 2.33
C CYS A 13 11.17 2.34 1.22
N LYS A 14 11.09 3.61 1.58
CA LYS A 14 11.13 4.70 0.60
C LYS A 14 12.57 5.13 0.34
N HIS A 15 13.47 4.81 1.27
CA HIS A 15 14.88 5.16 1.12
C HIS A 15 15.58 4.18 0.19
N TRP A 16 15.54 2.90 0.53
CA TRP A 16 16.17 1.86 -0.27
C TRP A 16 15.78 2.00 -1.73
N LEU A 17 14.53 2.36 -1.99
CA LEU A 17 14.03 2.53 -3.34
C LEU A 17 15.02 3.32 -4.19
N ARG A 18 15.51 4.43 -3.64
CA ARG A 18 16.45 5.27 -4.36
C ARG A 18 17.87 5.10 -3.79
N GLY A 19 18.06 4.03 -3.04
CA GLY A 19 19.36 3.75 -2.46
C GLY A 19 19.74 4.78 -1.40
N LEU A 20 18.85 5.01 -0.45
CA LEU A 20 19.09 5.97 0.62
C LEU A 20 19.00 5.30 1.99
N CYS A 21 19.21 3.99 2.02
CA CYS A 21 19.15 3.23 3.26
C CYS A 21 20.41 2.39 3.45
N LYS A 22 20.74 2.10 4.69
CA LYS A 22 21.91 1.29 5.01
C LYS A 22 21.59 0.22 6.05
N LYS A 23 20.33 -0.18 6.10
CA LYS A 23 19.88 -1.19 7.04
C LYS A 23 19.78 -2.56 6.37
N GLY A 24 19.25 -2.58 5.16
CA GLY A 24 19.12 -3.83 4.42
C GLY A 24 17.99 -4.69 4.95
N ASP A 25 18.34 -5.81 5.55
CA ASP A 25 17.35 -6.73 6.10
C ASP A 25 16.98 -6.34 7.53
N GLN A 26 17.63 -5.29 8.03
CA GLN A 26 17.36 -4.82 9.39
C GLN A 26 16.30 -3.72 9.37
N CYS A 27 16.14 -3.07 8.23
CA CYS A 27 15.16 -1.99 8.09
C CYS A 27 13.79 -2.43 8.62
N GLU A 28 12.94 -1.47 8.91
CA GLU A 28 11.61 -1.75 9.44
C GLU A 28 10.60 -1.89 8.29
N PHE A 29 11.08 -1.74 7.06
CA PHE A 29 10.22 -1.86 5.88
C PHE A 29 10.78 -2.88 4.90
N LEU A 30 9.97 -3.26 3.92
CA LEU A 30 10.37 -4.23 2.91
C LEU A 30 11.32 -3.59 1.90
N HIS A 31 12.38 -4.31 1.55
CA HIS A 31 13.36 -3.82 0.58
C HIS A 31 13.22 -4.55 -0.75
N GLU A 32 12.02 -5.07 -1.01
CA GLU A 32 11.76 -5.80 -2.25
C GLU A 32 10.50 -5.27 -2.94
N TYR A 33 10.65 -4.80 -4.17
CA TYR A 33 9.53 -4.28 -4.93
C TYR A 33 8.46 -5.34 -5.15
N ASP A 34 7.37 -5.25 -4.39
CA ASP A 34 6.28 -6.20 -4.50
C ASP A 34 4.95 -5.49 -4.75
N MET A 35 4.45 -5.60 -5.96
CA MET A 35 3.18 -4.96 -6.33
C MET A 35 2.14 -5.18 -5.25
N THR A 36 2.33 -6.22 -4.45
CA THR A 36 1.40 -6.55 -3.37
C THR A 36 1.83 -5.91 -2.06
N LYS A 37 3.09 -6.10 -1.70
CA LYS A 37 3.63 -5.53 -0.47
C LYS A 37 4.05 -4.08 -0.67
N MET A 38 3.38 -3.40 -1.59
CA MET A 38 3.68 -2.00 -1.88
C MET A 38 2.48 -1.10 -1.61
N PRO A 39 2.75 0.17 -1.28
CA PRO A 39 1.70 1.15 -1.00
C PRO A 39 0.89 1.52 -2.24
N GLU A 40 -0.43 1.43 -2.14
CA GLU A 40 -1.30 1.76 -3.25
C GLU A 40 -1.05 3.18 -3.75
N CYS A 41 -1.63 3.52 -4.90
CA CYS A 41 -1.45 4.85 -5.48
C CYS A 41 -1.99 5.92 -4.55
N TYR A 42 -1.09 6.75 -4.01
CA TYR A 42 -1.47 7.81 -3.11
C TYR A 42 -2.59 8.66 -3.70
N PHE A 43 -2.58 8.80 -5.03
CA PHE A 43 -3.59 9.58 -5.72
C PHE A 43 -4.93 8.85 -5.75
N TYR A 44 -4.96 7.70 -6.40
CA TYR A 44 -6.18 6.90 -6.49
C TYR A 44 -6.63 6.43 -5.12
N SER A 45 -5.73 6.52 -4.14
CA SER A 45 -6.03 6.10 -2.77
C SER A 45 -6.57 7.26 -1.95
N LYS A 46 -6.19 8.48 -2.33
CA LYS A 46 -6.64 9.67 -1.63
C LYS A 46 -7.74 10.38 -2.42
N PHE A 47 -7.39 10.87 -3.61
CA PHE A 47 -8.35 11.57 -4.46
C PHE A 47 -9.22 10.58 -5.22
N GLY A 48 -8.66 9.41 -5.51
CA GLY A 48 -9.41 8.39 -6.23
C GLY A 48 -9.53 8.70 -7.71
N GLU A 49 -8.54 9.41 -8.25
CA GLU A 49 -8.55 9.78 -9.66
C GLU A 49 -7.14 9.78 -10.22
N CYS A 50 -6.86 8.85 -11.13
CA CYS A 50 -5.55 8.74 -11.75
C CYS A 50 -5.68 8.43 -13.24
N SER A 51 -5.22 9.36 -14.08
CA SER A 51 -5.28 9.18 -15.52
C SER A 51 -4.00 8.54 -16.05
N ASN A 52 -3.49 7.57 -15.31
CA ASN A 52 -2.27 6.87 -15.70
C ASN A 52 -2.58 5.49 -16.26
N LYS A 53 -2.15 5.23 -17.48
CA LYS A 53 -2.38 3.94 -18.12
C LYS A 53 -1.37 2.90 -17.64
N GLU A 54 -0.12 3.33 -17.49
CA GLU A 54 0.94 2.44 -17.04
C GLU A 54 1.42 2.81 -15.64
N CYS A 55 0.47 3.05 -14.74
CA CYS A 55 0.78 3.42 -13.37
C CYS A 55 1.33 2.23 -12.59
N PRO A 56 2.58 2.34 -12.14
CA PRO A 56 3.24 1.28 -11.37
C PRO A 56 2.66 1.11 -9.98
N PHE A 57 1.60 1.88 -9.69
CA PHE A 57 0.95 1.82 -8.40
C PHE A 57 -0.37 1.06 -8.49
N LEU A 58 -0.93 0.71 -7.34
CA LEU A 58 -2.19 -0.02 -7.29
C LEU A 58 -3.38 0.94 -7.39
N HIS A 59 -4.37 0.55 -8.19
CA HIS A 59 -5.56 1.37 -8.38
C HIS A 59 -6.80 0.68 -7.80
N ILE A 60 -7.18 1.09 -6.59
CA ILE A 60 -8.34 0.51 -5.93
C ILE A 60 -9.45 1.53 -5.77
N ASP A 61 -10.68 1.12 -6.05
CA ASP A 61 -11.84 2.00 -5.93
C ASP A 61 -12.17 2.28 -4.47
N PRO A 62 -12.56 3.52 -4.17
CA PRO A 62 -12.90 3.95 -2.81
C PRO A 62 -14.21 3.33 -2.33
N GLU A 63 -14.79 2.46 -3.16
CA GLU A 63 -16.05 1.81 -2.83
C GLU A 63 -15.80 0.40 -2.29
N SER A 64 -14.86 -0.31 -2.91
CA SER A 64 -14.53 -1.67 -2.50
C SER A 64 -14.06 -1.70 -1.05
N LYS A 65 -13.56 -0.56 -0.58
CA LYS A 65 -13.08 -0.45 0.79
C LYS A 65 -14.19 0.04 1.72
N ILE A 66 -15.36 -0.59 1.63
CA ILE A 66 -16.49 -0.23 2.46
C ILE A 66 -17.31 -1.46 2.86
N LYS A 67 -17.75 -1.50 4.11
CA LYS A 67 -18.53 -2.62 4.61
C LYS A 67 -20.02 -2.35 4.45
N ASP A 68 -20.53 -1.36 5.18
CA ASP A 68 -21.93 -0.99 5.12
C ASP A 68 -22.31 -0.52 3.71
N CYS A 69 -22.46 -1.48 2.80
CA CYS A 69 -22.82 -1.16 1.42
C CYS A 69 -23.84 -2.16 0.89
N PRO A 70 -24.69 -1.71 -0.04
CA PRO A 70 -25.73 -2.54 -0.66
C PRO A 70 -25.14 -3.60 -1.58
N TRP A 71 -23.82 -3.64 -1.67
CA TRP A 71 -23.14 -4.62 -2.52
C TRP A 71 -21.99 -5.29 -1.76
N SER A 72 -22.18 -6.55 -1.41
CA SER A 72 -21.16 -7.30 -0.68
C SER A 72 -19.84 -7.27 -1.42
N GLY A 73 -18.81 -7.89 -0.83
CA GLY A 73 -17.50 -7.92 -1.45
C GLY A 73 -17.50 -8.67 -2.77
N PRO A 74 -17.89 -9.95 -2.72
CA PRO A 74 -17.95 -10.80 -3.92
C PRO A 74 -19.06 -10.38 -4.88
N SER A 75 -20.24 -10.16 -4.33
CA SER A 75 -21.39 -9.76 -5.14
C SER A 75 -22.59 -9.42 -4.25
N SER A 76 -23.35 -8.41 -4.67
CA SER A 76 -24.52 -7.98 -3.91
C SER A 76 -25.21 -9.17 -3.24
N GLY A 77 -25.54 -10.18 -4.04
CA GLY A 77 -26.19 -11.37 -3.51
C GLY A 77 -25.36 -12.61 -3.68
N GLY A 1 -6.88 -14.54 14.57
CA GLY A 1 -6.49 -13.29 15.21
C GLY A 1 -5.20 -12.73 14.65
N SER A 2 -4.47 -11.98 15.46
CA SER A 2 -3.22 -11.39 15.04
C SER A 2 -2.23 -12.45 14.57
N SER A 3 -1.95 -12.48 13.28
CA SER A 3 -1.03 -13.46 12.71
C SER A 3 0.37 -12.87 12.59
N GLY A 4 0.67 -11.90 13.45
CA GLY A 4 1.99 -11.27 13.42
C GLY A 4 2.01 -9.98 14.20
N SER A 5 3.22 -9.46 14.43
CA SER A 5 3.39 -8.22 15.18
C SER A 5 3.04 -7.01 14.31
N SER A 6 2.24 -6.10 14.86
CA SER A 6 1.84 -4.90 14.14
C SER A 6 3.05 -4.07 13.74
N GLY A 7 2.97 -3.44 12.58
CA GLY A 7 4.08 -2.61 12.10
C GLY A 7 5.11 -3.42 11.35
N GLU A 8 4.67 -4.50 10.71
CA GLU A 8 5.57 -5.36 9.95
C GLU A 8 6.10 -4.62 8.71
N LYS A 9 6.91 -5.33 7.92
CA LYS A 9 7.48 -4.74 6.71
C LYS A 9 6.46 -4.74 5.57
N THR A 10 5.19 -4.99 5.92
CA THR A 10 4.13 -5.01 4.92
C THR A 10 4.35 -3.94 3.86
N VAL A 11 5.00 -2.85 4.24
CA VAL A 11 5.28 -1.77 3.31
C VAL A 11 6.74 -1.76 2.88
N VAL A 12 6.99 -1.34 1.65
CA VAL A 12 8.35 -1.28 1.12
C VAL A 12 9.03 0.03 1.48
N CYS A 13 10.25 -0.06 2.00
CA CYS A 13 11.01 1.12 2.38
C CYS A 13 11.00 2.17 1.27
N LYS A 14 10.79 3.42 1.64
CA LYS A 14 10.75 4.51 0.67
C LYS A 14 12.16 5.05 0.42
N HIS A 15 13.07 4.79 1.35
CA HIS A 15 14.45 5.25 1.22
C HIS A 15 15.24 4.34 0.28
N TRP A 16 15.16 3.04 0.51
CA TRP A 16 15.87 2.07 -0.31
C TRP A 16 15.49 2.23 -1.79
N LEU A 17 14.22 2.53 -2.04
CA LEU A 17 13.73 2.71 -3.40
C LEU A 17 14.67 3.62 -4.19
N ARG A 18 14.98 4.79 -3.63
CA ARG A 18 15.86 5.75 -4.28
C ARG A 18 17.31 5.54 -3.83
N GLY A 19 17.58 4.40 -3.23
CA GLY A 19 18.92 4.11 -2.75
C GLY A 19 19.40 5.09 -1.70
N LEU A 20 18.59 5.28 -0.67
CA LEU A 20 18.93 6.21 0.40
C LEU A 20 18.87 5.52 1.76
N CYS A 21 19.01 4.19 1.75
CA CYS A 21 18.98 3.41 2.98
C CYS A 21 20.23 2.55 3.10
N LYS A 22 20.67 2.32 4.34
CA LYS A 22 21.85 1.52 4.60
C LYS A 22 21.58 0.48 5.69
N LYS A 23 20.36 -0.05 5.70
CA LYS A 23 19.96 -1.04 6.69
C LYS A 23 19.85 -2.43 6.05
N GLY A 24 19.32 -2.46 4.82
CA GLY A 24 19.16 -3.72 4.13
C GLY A 24 18.33 -4.72 4.90
N ASP A 25 18.98 -5.56 5.69
CA ASP A 25 18.28 -6.56 6.49
C ASP A 25 17.97 -6.03 7.88
N GLN A 26 18.40 -4.81 8.15
CA GLN A 26 18.18 -4.18 9.45
C GLN A 26 16.97 -3.24 9.39
N CYS A 27 16.55 -2.89 8.18
CA CYS A 27 15.43 -1.99 8.00
C CYS A 27 14.15 -2.60 8.58
N GLU A 28 13.12 -1.77 8.74
CA GLU A 28 11.85 -2.22 9.28
C GLU A 28 10.81 -2.40 8.18
N PHE A 29 11.18 -2.03 6.96
CA PHE A 29 10.28 -2.15 5.82
C PHE A 29 10.86 -3.10 4.78
N LEU A 30 10.00 -3.56 3.87
CA LEU A 30 10.42 -4.47 2.81
C LEU A 30 11.31 -3.75 1.80
N HIS A 31 12.38 -4.43 1.38
CA HIS A 31 13.31 -3.87 0.41
C HIS A 31 13.14 -4.54 -0.96
N GLU A 32 12.01 -5.21 -1.15
CA GLU A 32 11.73 -5.89 -2.41
C GLU A 32 10.49 -5.32 -3.08
N TYR A 33 10.63 -4.92 -4.33
CA TYR A 33 9.52 -4.35 -5.09
C TYR A 33 8.37 -5.35 -5.22
N ASP A 34 7.31 -5.13 -4.45
CA ASP A 34 6.15 -6.02 -4.47
C ASP A 34 4.89 -5.25 -4.87
N MET A 35 4.01 -5.91 -5.60
CA MET A 35 2.76 -5.28 -6.03
C MET A 35 1.70 -5.39 -4.95
N THR A 36 1.89 -6.33 -4.02
CA THR A 36 0.94 -6.53 -2.94
C THR A 36 1.47 -5.96 -1.63
N LYS A 37 2.77 -6.14 -1.39
CA LYS A 37 3.40 -5.65 -0.18
C LYS A 37 3.72 -4.16 -0.30
N MET A 38 3.07 -3.50 -1.24
CA MET A 38 3.30 -2.07 -1.47
C MET A 38 1.99 -1.29 -1.30
N PRO A 39 2.10 -0.03 -0.87
CA PRO A 39 0.95 0.85 -0.67
C PRO A 39 0.29 1.26 -1.98
N GLU A 40 -1.03 1.27 -2.00
CA GLU A 40 -1.79 1.64 -3.19
C GLU A 40 -1.40 3.03 -3.67
N CYS A 41 -1.83 3.39 -4.87
CA CYS A 41 -1.53 4.69 -5.44
C CYS A 41 -1.99 5.81 -4.52
N TYR A 42 -1.03 6.56 -3.98
CA TYR A 42 -1.34 7.67 -3.08
C TYR A 42 -2.42 8.57 -3.66
N PHE A 43 -2.41 8.72 -4.99
CA PHE A 43 -3.39 9.56 -5.67
C PHE A 43 -4.76 8.87 -5.68
N TYR A 44 -4.86 7.76 -6.39
CA TYR A 44 -6.11 7.02 -6.49
C TYR A 44 -6.60 6.60 -5.11
N SER A 45 -5.71 6.63 -4.13
CA SER A 45 -6.04 6.24 -2.77
C SER A 45 -6.48 7.46 -1.96
N LYS A 46 -6.05 8.64 -2.40
CA LYS A 46 -6.39 9.89 -1.72
C LYS A 46 -7.45 10.65 -2.50
N PHE A 47 -7.09 11.11 -3.69
CA PHE A 47 -8.01 11.86 -4.53
C PHE A 47 -8.93 10.92 -5.31
N GLY A 48 -8.44 9.72 -5.58
CA GLY A 48 -9.22 8.74 -6.31
C GLY A 48 -9.32 9.06 -7.80
N GLU A 49 -8.26 9.68 -8.33
CA GLU A 49 -8.23 10.03 -9.74
C GLU A 49 -6.79 9.98 -10.28
N CYS A 50 -6.54 9.05 -11.19
CA CYS A 50 -5.23 8.89 -11.78
C CYS A 50 -5.33 8.60 -13.28
N SER A 51 -4.65 9.41 -14.08
CA SER A 51 -4.68 9.24 -15.54
C SER A 51 -3.40 8.57 -16.02
N ASN A 52 -2.98 7.53 -15.32
CA ASN A 52 -1.77 6.79 -15.68
C ASN A 52 -2.11 5.42 -16.25
N LYS A 53 -1.63 5.15 -17.45
CA LYS A 53 -1.87 3.87 -18.12
C LYS A 53 -0.90 2.81 -17.63
N GLU A 54 0.28 3.24 -17.21
CA GLU A 54 1.31 2.33 -16.72
C GLU A 54 1.72 2.69 -15.30
N CYS A 55 0.74 2.97 -14.45
CA CYS A 55 1.01 3.34 -13.07
C CYS A 55 1.53 2.14 -12.28
N PRO A 56 2.76 2.27 -11.74
CA PRO A 56 3.39 1.21 -10.96
C PRO A 56 2.72 1.00 -9.61
N PHE A 57 1.64 1.73 -9.38
CA PHE A 57 0.90 1.62 -8.12
C PHE A 57 -0.41 0.87 -8.32
N LEU A 58 -1.16 0.70 -7.24
CA LEU A 58 -2.43 0.00 -7.29
C LEU A 58 -3.60 0.99 -7.43
N HIS A 59 -4.55 0.64 -8.29
CA HIS A 59 -5.72 1.49 -8.50
C HIS A 59 -6.99 0.82 -7.99
N ILE A 60 -7.38 1.17 -6.77
CA ILE A 60 -8.57 0.59 -6.16
C ILE A 60 -9.71 1.61 -6.13
N ASP A 61 -10.89 1.18 -6.56
CA ASP A 61 -12.06 2.05 -6.58
C ASP A 61 -12.54 2.35 -5.15
N PRO A 62 -12.95 3.60 -4.92
CA PRO A 62 -13.44 4.05 -3.61
C PRO A 62 -14.78 3.44 -3.26
N GLU A 63 -15.29 2.57 -4.13
CA GLU A 63 -16.57 1.91 -3.90
C GLU A 63 -16.37 0.46 -3.49
N SER A 64 -15.18 -0.07 -3.76
CA SER A 64 -14.86 -1.45 -3.42
C SER A 64 -14.41 -1.56 -1.97
N LYS A 65 -13.78 -0.50 -1.47
CA LYS A 65 -13.30 -0.48 -0.09
C LYS A 65 -14.40 -0.04 0.87
N ILE A 66 -15.62 -0.50 0.60
CA ILE A 66 -16.76 -0.16 1.44
C ILE A 66 -17.17 -1.33 2.33
N LYS A 67 -17.41 -1.05 3.60
CA LYS A 67 -17.81 -2.09 4.55
C LYS A 67 -19.28 -2.44 4.39
N ASP A 68 -20.13 -1.42 4.42
CA ASP A 68 -21.57 -1.63 4.26
C ASP A 68 -21.87 -2.53 3.07
N CYS A 69 -21.37 -2.14 1.90
CA CYS A 69 -21.58 -2.92 0.68
C CYS A 69 -21.35 -4.40 0.93
N PRO A 70 -21.97 -5.25 0.09
CA PRO A 70 -21.85 -6.70 0.21
C PRO A 70 -20.44 -7.20 -0.17
N TRP A 71 -19.70 -6.35 -0.87
CA TRP A 71 -18.34 -6.70 -1.29
C TRP A 71 -17.44 -6.90 -0.08
N SER A 72 -16.91 -8.12 0.06
CA SER A 72 -16.03 -8.44 1.17
C SER A 72 -14.57 -8.28 0.77
N GLY A 73 -14.19 -7.05 0.43
CA GLY A 73 -12.82 -6.78 0.03
C GLY A 73 -12.67 -6.64 -1.46
N PRO A 74 -11.42 -6.78 -1.96
CA PRO A 74 -11.12 -6.67 -3.38
C PRO A 74 -11.67 -7.85 -4.19
N SER A 75 -12.22 -8.83 -3.48
CA SER A 75 -12.77 -10.01 -4.12
C SER A 75 -14.11 -10.41 -3.50
N SER A 76 -15.19 -10.14 -4.22
CA SER A 76 -16.53 -10.46 -3.73
C SER A 76 -16.93 -11.88 -4.12
N GLY A 77 -15.99 -12.81 -3.97
CA GLY A 77 -16.26 -14.20 -4.30
C GLY A 77 -16.10 -14.47 -5.79
N GLY A 1 -7.32 2.93 18.24
CA GLY A 1 -8.33 2.35 19.12
C GLY A 1 -8.32 0.84 19.09
N SER A 2 -8.15 0.28 17.88
CA SER A 2 -8.14 -1.17 17.72
C SER A 2 -7.19 -1.82 18.70
N SER A 3 -7.26 -3.15 18.80
CA SER A 3 -6.40 -3.89 19.71
C SER A 3 -5.15 -4.39 19.00
N GLY A 4 -4.75 -3.67 17.96
CA GLY A 4 -3.57 -4.06 17.19
C GLY A 4 -2.92 -2.88 16.50
N SER A 5 -1.95 -2.26 17.18
CA SER A 5 -1.25 -1.12 16.63
C SER A 5 0.18 -1.48 16.24
N SER A 6 0.33 -2.09 15.07
CA SER A 6 1.65 -2.50 14.58
C SER A 6 1.79 -2.21 13.09
N GLY A 7 3.03 -1.98 12.66
CA GLY A 7 3.28 -1.68 11.26
C GLY A 7 4.35 -2.58 10.67
N GLU A 8 3.95 -3.80 10.31
CA GLU A 8 4.89 -4.76 9.72
C GLU A 8 5.62 -4.14 8.53
N LYS A 9 6.54 -4.91 7.96
CA LYS A 9 7.31 -4.45 6.81
C LYS A 9 6.44 -4.37 5.56
N THR A 10 5.17 -4.71 5.71
CA THR A 10 4.23 -4.67 4.60
C THR A 10 4.60 -3.57 3.61
N VAL A 11 4.96 -2.41 4.13
CA VAL A 11 5.34 -1.27 3.30
C VAL A 11 6.80 -1.36 2.88
N VAL A 12 7.06 -1.11 1.59
CA VAL A 12 8.43 -1.17 1.07
C VAL A 12 9.17 0.13 1.38
N CYS A 13 10.32 0.00 2.03
CA CYS A 13 11.13 1.16 2.38
C CYS A 13 11.17 2.17 1.23
N LYS A 14 11.19 3.45 1.58
CA LYS A 14 11.22 4.50 0.58
C LYS A 14 12.66 4.87 0.22
N HIS A 15 13.56 4.73 1.19
CA HIS A 15 14.98 5.04 0.97
C HIS A 15 15.62 4.01 0.05
N TRP A 16 15.60 2.75 0.48
CA TRP A 16 16.18 1.67 -0.31
C TRP A 16 15.81 1.80 -1.78
N LEU A 17 14.58 2.22 -2.04
CA LEU A 17 14.09 2.39 -3.40
C LEU A 17 15.11 3.16 -4.25
N ARG A 18 15.62 4.26 -3.72
CA ARG A 18 16.60 5.07 -4.42
C ARG A 18 18.01 4.79 -3.89
N GLY A 19 18.15 3.69 -3.15
CA GLY A 19 19.45 3.34 -2.60
C GLY A 19 19.94 4.33 -1.57
N LEU A 20 19.06 4.70 -0.63
CA LEU A 20 19.40 5.64 0.41
C LEU A 20 19.28 5.01 1.80
N CYS A 21 19.42 3.69 1.84
CA CYS A 21 19.32 2.95 3.10
C CYS A 21 20.52 2.01 3.27
N LYS A 22 20.99 1.90 4.51
CA LYS A 22 22.12 1.03 4.81
C LYS A 22 21.77 0.04 5.92
N LYS A 23 20.50 -0.33 5.99
CA LYS A 23 20.04 -1.27 7.01
C LYS A 23 19.88 -2.67 6.42
N GLY A 24 19.32 -2.74 5.21
CA GLY A 24 19.13 -4.02 4.55
C GLY A 24 18.10 -4.88 5.25
N ASP A 25 18.57 -5.95 5.91
CA ASP A 25 17.68 -6.85 6.62
C ASP A 25 17.36 -6.32 8.01
N GLN A 26 17.92 -5.16 8.34
CA GLN A 26 17.70 -4.54 9.65
C GLN A 26 16.61 -3.48 9.57
N CYS A 27 16.33 -3.01 8.35
CA CYS A 27 15.31 -1.99 8.15
C CYS A 27 13.96 -2.45 8.71
N GLU A 28 13.04 -1.50 8.87
CA GLU A 28 11.72 -1.82 9.40
C GLU A 28 10.72 -2.00 8.27
N PHE A 29 11.14 -1.68 7.05
CA PHE A 29 10.28 -1.81 5.89
C PHE A 29 10.82 -2.86 4.92
N LEU A 30 9.99 -3.26 3.97
CA LEU A 30 10.39 -4.26 2.96
C LEU A 30 11.37 -3.65 1.96
N HIS A 31 12.43 -4.39 1.68
CA HIS A 31 13.45 -3.93 0.73
C HIS A 31 13.32 -4.65 -0.60
N GLU A 32 12.09 -5.04 -0.94
CA GLU A 32 11.82 -5.74 -2.18
C GLU A 32 10.56 -5.21 -2.86
N TYR A 33 10.69 -4.81 -4.12
CA TYR A 33 9.56 -4.28 -4.87
C TYR A 33 8.46 -5.32 -5.02
N ASP A 34 7.40 -5.16 -4.24
CA ASP A 34 6.27 -6.09 -4.28
C ASP A 34 4.97 -5.35 -4.54
N MET A 35 4.49 -5.41 -5.79
CA MET A 35 3.25 -4.74 -6.16
C MET A 35 2.19 -4.92 -5.09
N THR A 36 2.31 -6.00 -4.32
CA THR A 36 1.36 -6.29 -3.25
C THR A 36 1.77 -5.61 -1.96
N LYS A 37 3.04 -5.73 -1.60
CA LYS A 37 3.57 -5.13 -0.38
C LYS A 37 4.06 -3.71 -0.65
N MET A 38 3.41 -3.02 -1.58
CA MET A 38 3.77 -1.66 -1.92
C MET A 38 2.61 -0.71 -1.69
N PRO A 39 2.92 0.58 -1.45
CA PRO A 39 1.91 1.62 -1.21
C PRO A 39 1.10 1.94 -2.46
N GLU A 40 -0.18 1.61 -2.43
CA GLU A 40 -1.07 1.87 -3.56
C GLU A 40 -0.94 3.32 -4.03
N CYS A 41 -1.63 3.64 -5.12
CA CYS A 41 -1.59 4.98 -5.67
C CYS A 41 -2.22 5.99 -4.71
N TYR A 42 -1.37 6.80 -4.08
CA TYR A 42 -1.83 7.80 -3.12
C TYR A 42 -3.02 8.58 -3.69
N PHE A 43 -2.97 8.85 -4.99
CA PHE A 43 -4.02 9.59 -5.66
C PHE A 43 -5.30 8.77 -5.73
N TYR A 44 -5.23 7.65 -6.45
CA TYR A 44 -6.38 6.78 -6.62
C TYR A 44 -6.82 6.19 -5.28
N SER A 45 -5.95 6.30 -4.28
CA SER A 45 -6.23 5.79 -2.96
C SER A 45 -6.89 6.86 -2.08
N LYS A 46 -6.60 8.12 -2.38
CA LYS A 46 -7.16 9.23 -1.64
C LYS A 46 -8.28 9.91 -2.42
N PHE A 47 -7.95 10.48 -3.57
CA PHE A 47 -8.92 11.16 -4.41
C PHE A 47 -9.70 10.15 -5.25
N GLY A 48 -9.05 9.05 -5.59
CA GLY A 48 -9.70 8.02 -6.39
C GLY A 48 -9.81 8.41 -7.85
N GLU A 49 -8.82 9.15 -8.35
CA GLU A 49 -8.82 9.58 -9.74
C GLU A 49 -7.39 9.69 -10.27
N CYS A 50 -7.04 8.81 -11.21
CA CYS A 50 -5.71 8.82 -11.80
C CYS A 50 -5.78 8.55 -13.30
N SER A 51 -5.13 9.42 -14.07
CA SER A 51 -5.12 9.28 -15.53
C SER A 51 -3.80 8.70 -16.01
N ASN A 52 -3.32 7.67 -15.31
CA ASN A 52 -2.07 7.02 -15.67
C ASN A 52 -2.32 5.61 -16.20
N LYS A 53 -2.02 5.41 -17.48
CA LYS A 53 -2.22 4.12 -18.12
C LYS A 53 -1.22 3.09 -17.57
N GLU A 54 0.04 3.50 -17.44
CA GLU A 54 1.09 2.62 -16.94
C GLU A 54 1.51 3.04 -15.53
N CYS A 55 0.53 3.28 -14.66
CA CYS A 55 0.80 3.70 -13.29
C CYS A 55 1.34 2.53 -12.48
N PRO A 56 2.58 2.65 -11.99
CA PRO A 56 3.23 1.62 -11.18
C PRO A 56 2.60 1.48 -9.80
N PHE A 57 1.53 2.23 -9.56
CA PHE A 57 0.84 2.19 -8.29
C PHE A 57 -0.48 1.42 -8.39
N LEU A 58 -0.99 0.97 -7.26
CA LEU A 58 -2.24 0.22 -7.22
C LEU A 58 -3.44 1.14 -7.33
N HIS A 59 -4.42 0.74 -8.13
CA HIS A 59 -5.63 1.54 -8.33
C HIS A 59 -6.85 0.84 -7.73
N ILE A 60 -7.21 1.23 -6.51
CA ILE A 60 -8.36 0.65 -5.84
C ILE A 60 -9.54 1.61 -5.81
N ASP A 61 -10.71 1.10 -6.15
CA ASP A 61 -11.92 1.91 -6.17
C ASP A 61 -12.34 2.28 -4.74
N PRO A 62 -12.79 3.54 -4.58
CA PRO A 62 -13.24 4.04 -3.27
C PRO A 62 -14.54 3.40 -2.81
N GLU A 63 -15.04 2.46 -3.60
CA GLU A 63 -16.28 1.76 -3.27
C GLU A 63 -16.00 0.37 -2.72
N SER A 64 -14.91 -0.24 -3.18
CA SER A 64 -14.52 -1.57 -2.74
C SER A 64 -13.99 -1.54 -1.31
N LYS A 65 -13.24 -0.48 -0.99
CA LYS A 65 -12.68 -0.33 0.34
C LYS A 65 -13.77 -0.10 1.38
N ILE A 66 -14.93 0.34 0.92
CA ILE A 66 -16.07 0.58 1.81
C ILE A 66 -16.22 -0.54 2.82
N LYS A 67 -16.67 -0.19 4.03
CA LYS A 67 -16.86 -1.18 5.09
C LYS A 67 -18.27 -1.76 5.04
N ASP A 68 -19.27 -0.88 5.10
CA ASP A 68 -20.66 -1.30 5.06
C ASP A 68 -20.84 -2.50 4.14
N CYS A 69 -20.19 -2.46 2.98
CA CYS A 69 -20.27 -3.54 2.01
C CYS A 69 -19.89 -4.87 2.66
N PRO A 70 -20.34 -5.97 2.03
CA PRO A 70 -20.06 -7.33 2.52
C PRO A 70 -18.59 -7.72 2.36
N TRP A 71 -17.79 -6.79 1.84
CA TRP A 71 -16.38 -7.03 1.64
C TRP A 71 -15.58 -6.64 2.88
N SER A 72 -14.64 -7.50 3.28
CA SER A 72 -13.81 -7.24 4.45
C SER A 72 -12.72 -6.21 4.13
N GLY A 73 -11.97 -6.48 3.07
CA GLY A 73 -10.91 -5.57 2.67
C GLY A 73 -9.87 -6.24 1.79
N PRO A 74 -8.87 -6.87 2.42
CA PRO A 74 -7.80 -7.57 1.71
C PRO A 74 -8.29 -8.83 1.01
N SER A 75 -9.13 -9.60 1.69
CA SER A 75 -9.66 -10.83 1.14
C SER A 75 -11.09 -10.63 0.65
N SER A 76 -11.23 -10.04 -0.53
CA SER A 76 -12.55 -9.79 -1.11
C SER A 76 -12.44 -9.56 -2.61
N GLY A 77 -13.59 -9.56 -3.29
CA GLY A 77 -13.60 -9.34 -4.72
C GLY A 77 -12.92 -10.46 -5.49
N GLY A 1 4.05 -13.38 18.44
CA GLY A 1 3.53 -12.80 19.67
C GLY A 1 3.27 -11.32 19.55
N SER A 2 2.08 -10.89 19.95
CA SER A 2 1.71 -9.47 19.88
C SER A 2 2.13 -8.74 21.15
N SER A 3 3.38 -8.32 21.20
CA SER A 3 3.92 -7.61 22.36
C SER A 3 3.51 -6.14 22.33
N GLY A 4 3.40 -5.59 21.12
CA GLY A 4 3.02 -4.19 20.98
C GLY A 4 3.78 -3.50 19.87
N SER A 5 3.81 -4.11 18.69
CA SER A 5 4.51 -3.54 17.54
C SER A 5 3.53 -3.12 16.45
N SER A 6 3.55 -1.84 16.11
CA SER A 6 2.67 -1.31 15.07
C SER A 6 3.47 -0.75 13.90
N GLY A 7 3.41 -1.44 12.77
CA GLY A 7 4.14 -1.00 11.59
C GLY A 7 5.05 -2.07 11.02
N GLU A 8 4.45 -3.14 10.52
CA GLU A 8 5.21 -4.24 9.95
C GLU A 8 5.89 -3.82 8.65
N LYS A 9 6.71 -4.70 8.10
CA LYS A 9 7.41 -4.43 6.86
C LYS A 9 6.44 -4.34 5.68
N THR A 10 5.16 -4.57 5.96
CA THR A 10 4.13 -4.53 4.93
C THR A 10 4.46 -3.47 3.88
N VAL A 11 4.92 -2.31 4.34
CA VAL A 11 5.27 -1.22 3.44
C VAL A 11 6.72 -1.35 2.95
N VAL A 12 6.95 -1.02 1.69
CA VAL A 12 8.28 -1.09 1.11
C VAL A 12 9.08 0.17 1.40
N CYS A 13 10.27 0.00 1.98
CA CYS A 13 11.13 1.12 2.30
C CYS A 13 11.15 2.15 1.17
N LYS A 14 11.11 3.43 1.53
CA LYS A 14 11.14 4.50 0.54
C LYS A 14 12.56 4.90 0.21
N HIS A 15 13.48 4.63 1.12
CA HIS A 15 14.89 4.97 0.93
C HIS A 15 15.55 3.95 0.00
N TRP A 16 15.46 2.68 0.36
CA TRP A 16 16.06 1.62 -0.44
C TRP A 16 15.67 1.75 -1.90
N LEU A 17 14.43 2.18 -2.15
CA LEU A 17 13.94 2.35 -3.50
C LEU A 17 14.95 3.10 -4.37
N ARG A 18 15.47 4.20 -3.84
CA ARG A 18 16.45 5.00 -4.56
C ARG A 18 17.86 4.71 -4.07
N GLY A 19 18.02 3.59 -3.37
CA GLY A 19 19.32 3.22 -2.85
C GLY A 19 19.88 4.24 -1.88
N LEU A 20 19.08 4.60 -0.88
CA LEU A 20 19.49 5.57 0.12
C LEU A 20 19.32 5.01 1.53
N CYS A 21 19.38 3.70 1.65
CA CYS A 21 19.23 3.03 2.94
C CYS A 21 20.49 2.27 3.31
N LYS A 22 20.83 2.27 4.60
CA LYS A 22 22.02 1.58 5.07
C LYS A 22 21.65 0.57 6.16
N LYS A 23 20.48 -0.04 6.02
CA LYS A 23 20.01 -1.04 6.98
C LYS A 23 19.93 -2.42 6.34
N GLY A 24 19.32 -2.48 5.16
CA GLY A 24 19.20 -3.75 4.47
C GLY A 24 18.24 -4.70 5.16
N ASP A 25 18.77 -5.77 5.72
CA ASP A 25 17.96 -6.76 6.42
C ASP A 25 17.53 -6.25 7.79
N GLN A 26 18.15 -5.16 8.22
CA GLN A 26 17.84 -4.56 9.52
C GLN A 26 16.67 -3.58 9.41
N CYS A 27 16.47 -3.04 8.21
CA CYS A 27 15.39 -2.10 7.97
C CYS A 27 14.07 -2.61 8.53
N GLU A 28 13.16 -1.69 8.83
CA GLU A 28 11.87 -2.05 9.39
C GLU A 28 10.82 -2.19 8.28
N PHE A 29 11.22 -1.86 7.06
CA PHE A 29 10.32 -1.94 5.91
C PHE A 29 10.84 -2.95 4.89
N LEU A 30 9.96 -3.38 4.00
CA LEU A 30 10.32 -4.35 2.97
C LEU A 30 11.27 -3.74 1.95
N HIS A 31 12.30 -4.50 1.56
CA HIS A 31 13.28 -4.03 0.59
C HIS A 31 13.06 -4.69 -0.77
N GLU A 32 11.89 -5.27 -0.95
CA GLU A 32 11.55 -5.94 -2.21
C GLU A 32 10.31 -5.32 -2.84
N TYR A 33 10.39 -5.07 -4.14
CA TYR A 33 9.27 -4.48 -4.87
C TYR A 33 8.11 -5.45 -4.99
N ASP A 34 7.08 -5.22 -4.20
CA ASP A 34 5.90 -6.08 -4.22
C ASP A 34 4.65 -5.29 -4.58
N MET A 35 4.06 -5.61 -5.72
CA MET A 35 2.85 -4.92 -6.18
C MET A 35 1.75 -4.99 -5.13
N THR A 36 1.96 -5.82 -4.11
CA THR A 36 0.99 -5.97 -3.04
C THR A 36 1.44 -5.25 -1.78
N LYS A 37 2.65 -5.55 -1.33
CA LYS A 37 3.21 -4.92 -0.13
C LYS A 37 3.39 -3.42 -0.34
N MET A 38 3.75 -3.03 -1.56
CA MET A 38 3.95 -1.63 -1.89
C MET A 38 2.68 -0.82 -1.66
N PRO A 39 2.84 0.45 -1.30
CA PRO A 39 1.72 1.36 -1.03
C PRO A 39 0.95 1.70 -2.31
N GLU A 40 -0.34 1.43 -2.31
CA GLU A 40 -1.19 1.72 -3.47
C GLU A 40 -1.08 3.19 -3.86
N CYS A 41 -1.57 3.51 -5.05
CA CYS A 41 -1.53 4.87 -5.56
C CYS A 41 -2.19 5.84 -4.57
N TYR A 42 -1.36 6.62 -3.88
CA TYR A 42 -1.86 7.58 -2.90
C TYR A 42 -2.99 8.42 -3.49
N PHE A 43 -2.90 8.70 -4.79
CA PHE A 43 -3.91 9.49 -5.47
C PHE A 43 -5.21 8.71 -5.62
N TYR A 44 -5.14 7.57 -6.30
CA TYR A 44 -6.31 6.72 -6.51
C TYR A 44 -6.78 6.12 -5.20
N SER A 45 -5.93 6.17 -4.18
CA SER A 45 -6.26 5.62 -2.88
C SER A 45 -6.95 6.67 -2.00
N LYS A 46 -6.64 7.93 -2.27
CA LYS A 46 -7.23 9.03 -1.50
C LYS A 46 -8.33 9.72 -2.30
N PHE A 47 -7.95 10.33 -3.42
CA PHE A 47 -8.91 11.02 -4.28
C PHE A 47 -9.65 10.04 -5.18
N GLY A 48 -8.96 8.96 -5.55
CA GLY A 48 -9.57 7.95 -6.41
C GLY A 48 -9.64 8.40 -7.85
N GLU A 49 -8.62 9.12 -8.31
CA GLU A 49 -8.57 9.61 -9.68
C GLU A 49 -7.13 9.73 -10.17
N CYS A 50 -6.77 8.88 -11.13
CA CYS A 50 -5.43 8.89 -11.69
C CYS A 50 -5.47 8.69 -13.20
N SER A 51 -4.98 9.69 -13.93
CA SER A 51 -4.96 9.63 -15.38
C SER A 51 -3.65 9.02 -15.88
N ASN A 52 -3.22 7.94 -15.23
CA ASN A 52 -1.98 7.27 -15.61
C ASN A 52 -2.26 5.85 -16.08
N LYS A 53 -1.78 5.52 -17.27
CA LYS A 53 -1.98 4.19 -17.84
C LYS A 53 -0.90 3.23 -17.36
N GLU A 54 0.34 3.69 -17.34
CA GLU A 54 1.46 2.87 -16.89
C GLU A 54 1.85 3.21 -15.46
N CYS A 55 0.84 3.43 -14.62
CA CYS A 55 1.09 3.77 -13.21
C CYS A 55 1.60 2.56 -12.44
N PRO A 56 2.84 2.66 -11.93
CA PRO A 56 3.47 1.59 -11.16
C PRO A 56 2.82 1.39 -9.80
N PHE A 57 1.74 2.13 -9.55
CA PHE A 57 1.02 2.04 -8.28
C PHE A 57 -0.24 1.21 -8.43
N LEU A 58 -0.93 0.99 -7.31
CA LEU A 58 -2.16 0.20 -7.31
C LEU A 58 -3.39 1.10 -7.48
N HIS A 59 -4.31 0.71 -8.33
CA HIS A 59 -5.52 1.47 -8.58
C HIS A 59 -6.75 0.72 -8.06
N ILE A 60 -7.27 1.16 -6.93
CA ILE A 60 -8.46 0.53 -6.33
C ILE A 60 -9.60 1.53 -6.20
N ASP A 61 -10.77 1.15 -6.71
CA ASP A 61 -11.94 2.01 -6.63
C ASP A 61 -12.39 2.20 -5.19
N PRO A 62 -12.81 3.43 -4.86
CA PRO A 62 -13.27 3.77 -3.51
C PRO A 62 -14.60 3.12 -3.17
N GLU A 63 -15.13 2.34 -4.10
CA GLU A 63 -16.41 1.66 -3.91
C GLU A 63 -16.19 0.19 -3.60
N SER A 64 -15.05 -0.34 -4.01
CA SER A 64 -14.72 -1.75 -3.78
C SER A 64 -13.87 -1.90 -2.51
N LYS A 65 -13.96 -0.92 -1.62
CA LYS A 65 -13.20 -0.95 -0.37
C LYS A 65 -14.12 -0.76 0.82
N ILE A 66 -15.36 -1.22 0.68
CA ILE A 66 -16.34 -1.10 1.76
C ILE A 66 -16.76 -2.47 2.27
N LYS A 67 -16.94 -2.58 3.58
CA LYS A 67 -17.33 -3.84 4.20
C LYS A 67 -18.74 -3.75 4.77
N ASP A 68 -19.04 -2.63 5.43
CA ASP A 68 -20.36 -2.41 6.02
C ASP A 68 -21.46 -2.82 5.05
N CYS A 69 -21.26 -2.54 3.77
CA CYS A 69 -22.24 -2.87 2.74
C CYS A 69 -22.88 -4.23 3.04
N PRO A 70 -24.18 -4.34 2.70
CA PRO A 70 -24.95 -5.58 2.93
C PRO A 70 -24.50 -6.71 2.01
N TRP A 71 -24.09 -6.36 0.80
CA TRP A 71 -23.63 -7.34 -0.18
C TRP A 71 -22.82 -8.44 0.51
N SER A 72 -23.44 -9.60 0.71
CA SER A 72 -22.78 -10.72 1.36
C SER A 72 -23.49 -12.03 1.04
N GLY A 73 -22.92 -13.13 1.51
CA GLY A 73 -23.51 -14.43 1.25
C GLY A 73 -23.57 -14.77 -0.23
N PRO A 74 -24.41 -15.76 -0.58
CA PRO A 74 -24.58 -16.19 -1.97
C PRO A 74 -25.30 -15.15 -2.82
N SER A 75 -26.44 -14.67 -2.32
CA SER A 75 -27.22 -13.67 -3.03
C SER A 75 -26.94 -12.27 -2.49
N SER A 76 -25.86 -11.67 -2.97
CA SER A 76 -25.48 -10.33 -2.52
C SER A 76 -25.96 -9.27 -3.51
N GLY A 77 -27.22 -8.87 -3.37
CA GLY A 77 -27.79 -7.87 -4.26
C GLY A 77 -27.59 -8.21 -5.72
#